data_9PHI
# 
_entry.id   9PHI 
# 
_audit_conform.dict_name       mmcif_pdbx.dic 
_audit_conform.dict_version    5.406 
_audit_conform.dict_location   http://mmcif.pdb.org/dictionaries/ascii/mmcif_pdbx.dic 
# 
loop_
_database_2.database_id 
_database_2.database_code 
_database_2.pdbx_database_accession 
_database_2.pdbx_DOI 
PDB   9PHI         pdb_00009phi 10.2210/pdb9phi/pdb 
WWPDB D_1000297850 ?            ?                   
# 
loop_
_pdbx_audit_revision_history.ordinal 
_pdbx_audit_revision_history.data_content_type 
_pdbx_audit_revision_history.major_revision 
_pdbx_audit_revision_history.minor_revision 
_pdbx_audit_revision_history.revision_date 
_pdbx_audit_revision_history.part_number 
1 'Structure model' 1 0 2025-08-27 ? 
2 'Structure model' 1 1 2025-11-05 ? 
# 
_pdbx_audit_revision_details.ordinal             1 
_pdbx_audit_revision_details.revision_ordinal    1 
_pdbx_audit_revision_details.data_content_type   'Structure model' 
_pdbx_audit_revision_details.provider            repository 
_pdbx_audit_revision_details.type                'Initial release' 
_pdbx_audit_revision_details.description         ? 
_pdbx_audit_revision_details.details             ? 
# 
_pdbx_audit_revision_group.ordinal             1 
_pdbx_audit_revision_group.revision_ordinal    2 
_pdbx_audit_revision_group.data_content_type   'Structure model' 
_pdbx_audit_revision_group.group               'Structure summary' 
# 
_pdbx_audit_revision_category.ordinal             1 
_pdbx_audit_revision_category.revision_ordinal    2 
_pdbx_audit_revision_category.data_content_type   'Structure model' 
_pdbx_audit_revision_category.category            struct 
# 
_pdbx_audit_revision_item.ordinal             1 
_pdbx_audit_revision_item.revision_ordinal    2 
_pdbx_audit_revision_item.data_content_type   'Structure model' 
_pdbx_audit_revision_item.item                '_struct.title' 
# 
_pdbx_database_status.status_code                     REL 
_pdbx_database_status.status_code_sf                  REL 
_pdbx_database_status.status_code_mr                  ? 
_pdbx_database_status.entry_id                        9PHI 
_pdbx_database_status.recvd_initial_deposition_date   2025-07-09 
_pdbx_database_status.SG_entry                        N 
_pdbx_database_status.deposit_site                    RCSB 
_pdbx_database_status.process_site                    RCSB 
_pdbx_database_status.status_code_cs                  ? 
_pdbx_database_status.status_code_nmr_data            ? 
_pdbx_database_status.methods_development_category    ? 
_pdbx_database_status.pdb_format_compatible           Y 
# 
_pdbx_contact_author.id                 4 
_pdbx_contact_author.email              rs17@nyu.edu 
_pdbx_contact_author.name_first         Ruojie 
_pdbx_contact_author.name_last          Sha 
_pdbx_contact_author.name_mi            ? 
_pdbx_contact_author.role               'principal investigator/group leader' 
_pdbx_contact_author.identifier_ORCID   0000-0002-0807-734X 
# 
loop_
_audit_author.name 
_audit_author.pdbx_ordinal 
_audit_author.identifier_ORCID 
'Horvath, A.'   1 0009-0008-5770-8014 
'Woloszyn, K.'  2 0000-0003-1200-583X 
'Vecchioni, S.' 3 0000-0001-8243-650X 
'Ohayon, Y.P.'  4 0000-0001-7500-4282 
'Sha, R.'       5 0000-0002-0807-734X 
# 
_citation.abstract                  ? 
_citation.abstract_id_CAS           ? 
_citation.book_id_ISBN              ? 
_citation.book_publisher            ? 
_citation.book_publisher_city       ? 
_citation.book_title                ? 
_citation.coordinate_linkage        ? 
_citation.country                   ? 
_citation.database_id_Medline       ? 
_citation.details                   ? 
_citation.id                        primary 
_citation.journal_abbrev            'To Be Published' 
_citation.journal_id_ASTM           ? 
_citation.journal_id_CSD            0353 
_citation.journal_id_ISSN           ? 
_citation.journal_full              ? 
_citation.journal_issue             ? 
_citation.journal_volume            ? 
_citation.language                  ? 
_citation.page_first                ? 
_citation.page_last                 ? 
_citation.title                     'Shifted tensegrity triangles' 
_citation.year                      ? 
_citation.database_id_CSD           ? 
_citation.pdbx_database_id_DOI      ? 
_citation.pdbx_database_id_PubMed   ? 
_citation.pdbx_database_id_patent   ? 
_citation.unpublished_flag          ? 
# 
loop_
_citation_author.citation_id 
_citation_author.name 
_citation_author.ordinal 
_citation_author.identifier_ORCID 
primary 'Horvath, A.'   1 0009-0008-5770-8014 
primary 'Vecchioni, S.' 2 0000-0001-8243-650X 
primary 'Woloszyn, K.'  3 0000-0003-1200-583X 
primary 'Ohayon, Y.P.'  4 0000-0001-7500-4282 
primary 'Sha, R.'       5 0000-0002-0807-734X 
# 
loop_
_entity.id 
_entity.type 
_entity.src_method 
_entity.pdbx_description 
_entity.formula_weight 
_entity.pdbx_number_of_molecules 
_entity.pdbx_ec 
_entity.pdbx_mutation 
_entity.pdbx_fragment 
_entity.details 
1 polymer syn 
;DNA (5'-D(P*CP*GP*AP*CP*CP*TP*GP*TP*AP*CP*GP*GP*AP*CP*AP*TP*CP*A)-3')
;
5485.569 1 ? ? ? ? 
2 polymer syn 
;DNA (5'-D(P*CP*CP*GP*TP*AP*CP*A)-3')
;
2082.400 1 ? ? ? ? 
3 polymer syn 
;DNA (5'-D(P*GP*GP*TP*CP*G)-3')
;
1536.035 1 ? ? ? ? 
4 polymer syn 
;DNA (5'-D(*TP*GP*AP*TP*GP*T)-3')
;
1839.239 1 ? ? ? ? 
# 
loop_
_entity_poly.entity_id 
_entity_poly.type 
_entity_poly.nstd_linkage 
_entity_poly.nstd_monomer 
_entity_poly.pdbx_seq_one_letter_code 
_entity_poly.pdbx_seq_one_letter_code_can 
_entity_poly.pdbx_strand_id 
_entity_poly.pdbx_target_identifier 
1 polydeoxyribonucleotide no no '(DC)(DG)(DA)(DC)(DC)(DT)(DG)(DT)(DA)(DC)(DG)(DG)(DA)(DC)(DA)(DT)(DC)(DA)' CGACCTGTACGGACATCA E ? 
2 polydeoxyribonucleotide no no '(DC)(DC)(DG)(DT)(DA)(DC)(DA)'                                             CCGTACA            F ? 
3 polydeoxyribonucleotide no no '(DG)(DG)(DT)(DC)(DG)'                                                     GGTCG              G ? 
4 polydeoxyribonucleotide no no '(DT)(DG)(DA)(DT)(DG)(DT)'                                                 TGATGT             H ? 
# 
loop_
_entity_poly_seq.entity_id 
_entity_poly_seq.num 
_entity_poly_seq.mon_id 
_entity_poly_seq.hetero 
1 1  DC n 
1 2  DG n 
1 3  DA n 
1 4  DC n 
1 5  DC n 
1 6  DT n 
1 7  DG n 
1 8  DT n 
1 9  DA n 
1 10 DC n 
1 11 DG n 
1 12 DG n 
1 13 DA n 
1 14 DC n 
1 15 DA n 
1 16 DT n 
1 17 DC n 
1 18 DA n 
2 1  DC n 
2 2  DC n 
2 3  DG n 
2 4  DT n 
2 5  DA n 
2 6  DC n 
2 7  DA n 
3 1  DG n 
3 2  DG n 
3 3  DT n 
3 4  DC n 
3 5  DG n 
4 1  DT n 
4 2  DG n 
4 3  DA n 
4 4  DT n 
4 5  DG n 
4 6  DT n 
# 
loop_
_pdbx_entity_src_syn.entity_id 
_pdbx_entity_src_syn.pdbx_src_id 
_pdbx_entity_src_syn.pdbx_alt_source_flag 
_pdbx_entity_src_syn.pdbx_beg_seq_num 
_pdbx_entity_src_syn.pdbx_end_seq_num 
_pdbx_entity_src_syn.organism_scientific 
_pdbx_entity_src_syn.organism_common_name 
_pdbx_entity_src_syn.ncbi_taxonomy_id 
_pdbx_entity_src_syn.details 
1 1 sample 1 18 'synthetic construct' ? 32630 ? 
2 1 sample 1 7  'synthetic construct' ? 32630 ? 
3 1 sample 1 5  'synthetic construct' ? 32630 ? 
4 1 sample 1 6  'synthetic construct' ? 32630 ? 
# 
loop_
_chem_comp.id 
_chem_comp.type 
_chem_comp.mon_nstd_flag 
_chem_comp.name 
_chem_comp.pdbx_synonyms 
_chem_comp.formula 
_chem_comp.formula_weight 
DA 'DNA linking' y "2'-DEOXYADENOSINE-5'-MONOPHOSPHATE" ? 'C10 H14 N5 O6 P' 331.222 
DC 'DNA linking' y "2'-DEOXYCYTIDINE-5'-MONOPHOSPHATE"  ? 'C9 H14 N3 O7 P'  307.197 
DG 'DNA linking' y "2'-DEOXYGUANOSINE-5'-MONOPHOSPHATE" ? 'C10 H14 N5 O7 P' 347.221 
DT 'DNA linking' y "THYMIDINE-5'-MONOPHOSPHATE"         ? 'C10 H15 N2 O8 P' 322.208 
# 
loop_
_pdbx_poly_seq_scheme.asym_id 
_pdbx_poly_seq_scheme.entity_id 
_pdbx_poly_seq_scheme.seq_id 
_pdbx_poly_seq_scheme.mon_id 
_pdbx_poly_seq_scheme.ndb_seq_num 
_pdbx_poly_seq_scheme.pdb_seq_num 
_pdbx_poly_seq_scheme.auth_seq_num 
_pdbx_poly_seq_scheme.pdb_mon_id 
_pdbx_poly_seq_scheme.auth_mon_id 
_pdbx_poly_seq_scheme.pdb_strand_id 
_pdbx_poly_seq_scheme.pdb_ins_code 
_pdbx_poly_seq_scheme.hetero 
A 1 1  DC 1  106 106 DC DC E . n 
A 1 2  DG 2  107 107 DG DG E . n 
A 1 3  DA 3  108 108 DA DA E . n 
A 1 4  DC 4  109 109 DC DC E . n 
A 1 5  DC 5  110 110 DC DC E . n 
A 1 6  DT 6  111 111 DT DT E . n 
A 1 7  DG 7  112 112 DG DG E . n 
A 1 8  DT 8  113 113 DT DT E . n 
A 1 9  DA 9  114 114 DA DA E . n 
A 1 10 DC 10 115 115 DC DC E . n 
A 1 11 DG 11 116 116 DG DG E . n 
A 1 12 DG 12 117 117 DG DG E . n 
A 1 13 DA 13 118 118 DA DA E . n 
A 1 14 DC 14 119 119 DC DC E . n 
A 1 15 DA 15 120 120 DA DA E . n 
A 1 16 DT 16 121 121 DT DT E . n 
A 1 17 DC 17 122 122 DC DC E . n 
A 1 18 DA 18 123 123 DA DA E . n 
B 2 1  DC 1  119 119 DC DC F . n 
B 2 2  DC 2  120 120 DC DC F . n 
B 2 3  DG 3  121 121 DG DG F . n 
B 2 4  DT 4  122 122 DT DT F . n 
B 2 5  DA 5  123 123 DA DA F . n 
B 2 6  DC 6  124 124 DC DC F . n 
B 2 7  DA 7  125 125 DA DA F . n 
C 3 1  DG 1  209 209 DG DG G . n 
C 3 2  DG 2  210 210 DG DG G . n 
C 3 3  DT 3  211 211 DT DT G . n 
C 3 4  DC 4  212 212 DC DC G . n 
C 3 5  DG 5  213 213 DG DG G . n 
D 4 1  DT 1  104 104 DT DT H . n 
D 4 2  DG 2  105 105 DG DG H . n 
D 4 3  DA 3  106 106 DA DA H . n 
D 4 4  DT 4  107 107 DT DT H . n 
D 4 5  DG 5  108 108 DG DG H . n 
D 4 6  DT 6  109 109 DT DT H . n 
# 
loop_
_software.citation_id 
_software.classification 
_software.compiler_name 
_software.compiler_version 
_software.contact_author 
_software.contact_author_email 
_software.date 
_software.description 
_software.dependencies 
_software.hardware 
_software.language 
_software.location 
_software.mods 
_software.name 
_software.os 
_software.os_version 
_software.type 
_software.version 
_software.pdbx_reference_DOI 
_software.pdbx_ordinal 
? refinement       ? ? ? ? ? ? ? ? ? ? ? PHENIX    ? ? ? 1.21.2_5419 ? 1 
? 'data reduction' ? ? ? ? ? ? ? ? ? ? ? autoPROC  ? ? ? .           ? 2 
? 'data scaling'   ? ? ? ? ? ? ? ? ? ? ? STARANISO ? ? ? .           ? 3 
? phasing          ? ? ? ? ? ? ? ? ? ? ? PHASER    ? ? ? .           ? 4 
# 
_cell.angle_alpha                  90.000 
_cell.angle_alpha_esd              ? 
_cell.angle_beta                   90.000 
_cell.angle_beta_esd               ? 
_cell.angle_gamma                  90.000 
_cell.angle_gamma_esd              ? 
_cell.entry_id                     9PHI 
_cell.details                      ? 
_cell.formula_units_Z              ? 
_cell.length_a                     150.006 
_cell.length_a_esd                 ? 
_cell.length_b                     150.006 
_cell.length_b_esd                 ? 
_cell.length_c                     150.006 
_cell.length_c_esd                 ? 
_cell.volume                       3375405.016 
_cell.volume_esd                   ? 
_cell.Z_PDB                        48 
_cell.reciprocal_angle_alpha       ? 
_cell.reciprocal_angle_beta        ? 
_cell.reciprocal_angle_gamma       ? 
_cell.reciprocal_angle_alpha_esd   ? 
_cell.reciprocal_angle_beta_esd    ? 
_cell.reciprocal_angle_gamma_esd   ? 
_cell.reciprocal_length_a          ? 
_cell.reciprocal_length_b          ? 
_cell.reciprocal_length_c          ? 
_cell.reciprocal_length_a_esd      ? 
_cell.reciprocal_length_b_esd      ? 
_cell.reciprocal_length_c_esd      ? 
_cell.pdbx_unique_axis             ? 
_cell.pdbx_esd_method              ? 
# 
_symmetry.entry_id                         9PHI 
_symmetry.cell_setting                     ? 
_symmetry.Int_Tables_number                214 
_symmetry.space_group_name_Hall            'I 4bd 2c 3' 
_symmetry.space_group_name_H-M             'I 41 3 2' 
_symmetry.pdbx_full_space_group_name_H-M   ? 
# 
_exptl.absorpt_coefficient_mu     ? 
_exptl.absorpt_correction_T_max   ? 
_exptl.absorpt_correction_T_min   ? 
_exptl.absorpt_correction_type    ? 
_exptl.absorpt_process_details    ? 
_exptl.entry_id                   9PHI 
_exptl.crystals_number            1 
_exptl.details                    ? 
_exptl.method                     'X-RAY DIFFRACTION' 
_exptl.method_details             ? 
# 
_exptl_crystal.colour                       ? 
_exptl_crystal.density_diffrn               ? 
_exptl_crystal.density_Matthews             6.43 
_exptl_crystal.density_method               ? 
_exptl_crystal.density_percent_sol          80.86 
_exptl_crystal.description                  ? 
_exptl_crystal.F_000                        ? 
_exptl_crystal.id                           1 
_exptl_crystal.preparation                  ? 
_exptl_crystal.size_max                     ? 
_exptl_crystal.size_mid                     ? 
_exptl_crystal.size_min                     ? 
_exptl_crystal.size_rad                     ? 
_exptl_crystal.colour_lustre                ? 
_exptl_crystal.colour_modifier              ? 
_exptl_crystal.colour_primary               ? 
_exptl_crystal.density_meas                 ? 
_exptl_crystal.density_meas_esd             ? 
_exptl_crystal.density_meas_gt              ? 
_exptl_crystal.density_meas_lt              ? 
_exptl_crystal.density_meas_temp            ? 
_exptl_crystal.density_meas_temp_esd        ? 
_exptl_crystal.density_meas_temp_gt         ? 
_exptl_crystal.density_meas_temp_lt         ? 
_exptl_crystal.pdbx_crystal_image_url       ? 
_exptl_crystal.pdbx_crystal_image_format    ? 
_exptl_crystal.pdbx_mosaicity               ? 
_exptl_crystal.pdbx_mosaicity_esd           ? 
_exptl_crystal.pdbx_mosaic_method           ? 
_exptl_crystal.pdbx_mosaic_block_size       ? 
_exptl_crystal.pdbx_mosaic_block_size_esd   ? 
# 
_exptl_crystal_grow.apparatus       ? 
_exptl_crystal_grow.atmosphere      ? 
_exptl_crystal_grow.crystal_id      1 
_exptl_crystal_grow.details         ? 
_exptl_crystal_grow.method          'VAPOR DIFFUSION, HANGING DROP' 
_exptl_crystal_grow.method_ref      ? 
_exptl_crystal_grow.pH              ? 
_exptl_crystal_grow.pressure        ? 
_exptl_crystal_grow.pressure_esd    ? 
_exptl_crystal_grow.seeding         ? 
_exptl_crystal_grow.seeding_ref     ? 
_exptl_crystal_grow.temp_details    '338-293 at 0.4/hr' 
_exptl_crystal_grow.temp_esd        ? 
_exptl_crystal_grow.time            ? 
_exptl_crystal_grow.pdbx_details    '100 mM MOPS, 1.25 M magnesium sulfate' 
_exptl_crystal_grow.pdbx_pH_range   ? 
_exptl_crystal_grow.temp            293 
# 
_diffrn.ambient_environment              ? 
_diffrn.ambient_temp                     100 
_diffrn.ambient_temp_details             ? 
_diffrn.ambient_temp_esd                 ? 
_diffrn.crystal_id                       1 
_diffrn.crystal_support                  ? 
_diffrn.crystal_treatment                ? 
_diffrn.details                          ? 
_diffrn.id                               1 
_diffrn.ambient_pressure                 ? 
_diffrn.ambient_pressure_esd             ? 
_diffrn.ambient_pressure_gt              ? 
_diffrn.ambient_pressure_lt              ? 
_diffrn.ambient_temp_gt                  ? 
_diffrn.ambient_temp_lt                  ? 
_diffrn.pdbx_serial_crystal_experiment   N 
# 
_diffrn_detector.details                      ? 
_diffrn_detector.detector                     PIXEL 
_diffrn_detector.diffrn_id                    1 
_diffrn_detector.type                         'DECTRIS EIGER X 9M' 
_diffrn_detector.area_resol_mean              ? 
_diffrn_detector.dtime                        ? 
_diffrn_detector.pdbx_frames_total            ? 
_diffrn_detector.pdbx_collection_time_total   ? 
_diffrn_detector.pdbx_collection_date         2022-12-11 
_diffrn_detector.pdbx_frequency               ? 
_diffrn_detector.id                           ? 
_diffrn_detector.number_of_axes               ? 
# 
_diffrn_radiation.collimation                      ? 
_diffrn_radiation.diffrn_id                        1 
_diffrn_radiation.filter_edge                      ? 
_diffrn_radiation.inhomogeneity                    ? 
_diffrn_radiation.monochromator                    ? 
_diffrn_radiation.polarisn_norm                    ? 
_diffrn_radiation.polarisn_ratio                   ? 
_diffrn_radiation.probe                            ? 
_diffrn_radiation.type                             ? 
_diffrn_radiation.xray_symbol                      ? 
_diffrn_radiation.wavelength_id                    1 
_diffrn_radiation.pdbx_monochromatic_or_laue_m_l   M 
_diffrn_radiation.pdbx_wavelength_list             ? 
_diffrn_radiation.pdbx_wavelength                  ? 
_diffrn_radiation.pdbx_diffrn_protocol             'SINGLE WAVELENGTH' 
_diffrn_radiation.pdbx_analyzer                    ? 
_diffrn_radiation.pdbx_scattering_type             x-ray 
# 
_diffrn_radiation_wavelength.id           1 
_diffrn_radiation_wavelength.wavelength   1.007430 
_diffrn_radiation_wavelength.wt           1.0 
# 
_diffrn_source.current                     ? 
_diffrn_source.details                     ? 
_diffrn_source.diffrn_id                   1 
_diffrn_source.power                       ? 
_diffrn_source.size                        ? 
_diffrn_source.source                      SYNCHROTRON 
_diffrn_source.target                      ? 
_diffrn_source.type                        'APS BEAMLINE 17-ID' 
_diffrn_source.voltage                     ? 
_diffrn_source.take-off_angle              ? 
_diffrn_source.pdbx_wavelength_list        1.007430 
_diffrn_source.pdbx_wavelength             ? 
_diffrn_source.pdbx_synchrotron_beamline   17-ID 
_diffrn_source.pdbx_synchrotron_site       APS 
# 
_reflns.B_iso_Wilson_estimate                          356.90 
_reflns.entry_id                                       9PHI 
_reflns.data_reduction_details                         ? 
_reflns.data_reduction_method                          ? 
_reflns.d_resolution_high                              6.02 
_reflns.d_resolution_low                               61.240 
_reflns.details                                        ? 
_reflns.limit_h_max                                    ? 
_reflns.limit_h_min                                    ? 
_reflns.limit_k_max                                    ? 
_reflns.limit_k_min                                    ? 
_reflns.limit_l_max                                    ? 
_reflns.limit_l_min                                    ? 
_reflns.number_all                                     ? 
_reflns.number_obs                                     827 
_reflns.observed_criterion                             ? 
_reflns.observed_criterion_F_max                       ? 
_reflns.observed_criterion_F_min                       ? 
_reflns.observed_criterion_I_max                       ? 
_reflns.observed_criterion_I_min                       ? 
_reflns.observed_criterion_sigma_F                     ? 
_reflns.observed_criterion_sigma_I                     ? 
_reflns.percent_possible_obs                           100 
_reflns.R_free_details                                 ? 
_reflns.Rmerge_F_all                                   ? 
_reflns.Rmerge_F_obs                                   ? 
_reflns.Friedel_coverage                               ? 
_reflns.number_gt                                      ? 
_reflns.threshold_expression                           ? 
_reflns.pdbx_redundancy                                64.5 
_reflns.pdbx_netI_over_av_sigmaI                       ? 
_reflns.pdbx_netI_over_sigmaI                          26.4 
_reflns.pdbx_res_netI_over_av_sigmaI_2                 ? 
_reflns.pdbx_res_netI_over_sigmaI_2                    ? 
_reflns.pdbx_chi_squared                               ? 
_reflns.pdbx_scaling_rejects                           ? 
_reflns.pdbx_d_res_high_opt                            ? 
_reflns.pdbx_d_res_low_opt                             ? 
_reflns.pdbx_d_res_opt_method                          ? 
_reflns.phase_calculation_details                      ? 
_reflns.pdbx_Rrim_I_all                                ? 
_reflns.pdbx_Rpim_I_all                                ? 
_reflns.pdbx_d_opt                                     ? 
_reflns.pdbx_number_measured_all                       ? 
_reflns.pdbx_diffrn_id                                 1 
_reflns.pdbx_ordinal                                   1 
_reflns.pdbx_CC_half                                   0.999 
_reflns.pdbx_CC_star                                   ? 
_reflns.pdbx_R_split                                   ? 
_reflns.pdbx_Rmerge_I_obs                              ? 
_reflns.pdbx_Rmerge_I_all                              ? 
_reflns.pdbx_Rsym_value                                ? 
_reflns.pdbx_CC_split_method                           ? 
_reflns.pdbx_aniso_diffraction_limit_axis_1_ortho[1]   ? 
_reflns.pdbx_aniso_diffraction_limit_axis_1_ortho[2]   ? 
_reflns.pdbx_aniso_diffraction_limit_axis_1_ortho[3]   ? 
_reflns.pdbx_aniso_diffraction_limit_axis_2_ortho[1]   ? 
_reflns.pdbx_aniso_diffraction_limit_axis_2_ortho[2]   ? 
_reflns.pdbx_aniso_diffraction_limit_axis_2_ortho[3]   ? 
_reflns.pdbx_aniso_diffraction_limit_axis_3_ortho[1]   ? 
_reflns.pdbx_aniso_diffraction_limit_axis_3_ortho[2]   ? 
_reflns.pdbx_aniso_diffraction_limit_axis_3_ortho[3]   ? 
_reflns.pdbx_aniso_diffraction_limit_1                 ? 
_reflns.pdbx_aniso_diffraction_limit_2                 ? 
_reflns.pdbx_aniso_diffraction_limit_3                 ? 
_reflns.pdbx_aniso_B_tensor_eigenvector_1_ortho[1]     ? 
_reflns.pdbx_aniso_B_tensor_eigenvector_1_ortho[2]     ? 
_reflns.pdbx_aniso_B_tensor_eigenvector_1_ortho[3]     ? 
_reflns.pdbx_aniso_B_tensor_eigenvector_2_ortho[1]     ? 
_reflns.pdbx_aniso_B_tensor_eigenvector_2_ortho[2]     ? 
_reflns.pdbx_aniso_B_tensor_eigenvector_2_ortho[3]     ? 
_reflns.pdbx_aniso_B_tensor_eigenvector_3_ortho[1]     ? 
_reflns.pdbx_aniso_B_tensor_eigenvector_3_ortho[2]     ? 
_reflns.pdbx_aniso_B_tensor_eigenvector_3_ortho[3]     ? 
_reflns.pdbx_aniso_B_tensor_eigenvalue_1               ? 
_reflns.pdbx_aniso_B_tensor_eigenvalue_2               ? 
_reflns.pdbx_aniso_B_tensor_eigenvalue_3               ? 
_reflns.pdbx_orthogonalization_convention              ? 
_reflns.pdbx_percent_possible_ellipsoidal              ? 
_reflns.pdbx_percent_possible_spherical                ? 
_reflns.pdbx_percent_possible_ellipsoidal_anomalous    ? 
_reflns.pdbx_percent_possible_spherical_anomalous      ? 
_reflns.pdbx_redundancy_anomalous                      ? 
_reflns.pdbx_CC_half_anomalous                         ? 
_reflns.pdbx_absDiff_over_sigma_anomalous              ? 
_reflns.pdbx_percent_possible_anomalous                ? 
_reflns.pdbx_observed_signal_threshold                 ? 
_reflns.pdbx_signal_type                               ? 
_reflns.pdbx_signal_details                            ? 
_reflns.pdbx_signal_software_id                        ? 
# 
loop_
_reflns_shell.d_res_high 
_reflns_shell.d_res_low 
_reflns_shell.meanI_over_sigI_all 
_reflns_shell.meanI_over_sigI_obs 
_reflns_shell.number_measured_all 
_reflns_shell.number_measured_obs 
_reflns_shell.number_possible 
_reflns_shell.number_unique_all 
_reflns_shell.number_unique_obs 
_reflns_shell.percent_possible_obs 
_reflns_shell.Rmerge_F_all 
_reflns_shell.Rmerge_F_obs 
_reflns_shell.meanI_over_sigI_gt 
_reflns_shell.meanI_over_uI_all 
_reflns_shell.meanI_over_uI_gt 
_reflns_shell.number_measured_gt 
_reflns_shell.number_unique_gt 
_reflns_shell.percent_possible_gt 
_reflns_shell.Rmerge_F_gt 
_reflns_shell.Rmerge_I_gt 
_reflns_shell.pdbx_redundancy 
_reflns_shell.pdbx_chi_squared 
_reflns_shell.pdbx_netI_over_sigmaI_all 
_reflns_shell.pdbx_netI_over_sigmaI_obs 
_reflns_shell.pdbx_Rrim_I_all 
_reflns_shell.pdbx_Rpim_I_all 
_reflns_shell.pdbx_rejects 
_reflns_shell.pdbx_ordinal 
_reflns_shell.pdbx_diffrn_id 
_reflns_shell.pdbx_CC_half 
_reflns_shell.pdbx_CC_star 
_reflns_shell.pdbx_R_split 
_reflns_shell.percent_possible_all 
_reflns_shell.Rmerge_I_all 
_reflns_shell.Rmerge_I_obs 
_reflns_shell.pdbx_Rsym_value 
_reflns_shell.pdbx_percent_possible_ellipsoidal 
_reflns_shell.pdbx_percent_possible_spherical 
_reflns_shell.pdbx_percent_possible_ellipsoidal_anomalous 
_reflns_shell.pdbx_percent_possible_spherical_anomalous 
_reflns_shell.pdbx_redundancy_anomalous 
_reflns_shell.pdbx_CC_half_anomalous 
_reflns_shell.pdbx_absDiff_over_sigma_anomalous 
_reflns_shell.pdbx_percent_possible_anomalous 
6.024 6.669  ? ? ? ? ? ? 209 ? ? ? ? ? ? ? ? ? ? ? ? ? ? ? ? ? ? 1 1 0.962 ? ? ? ? ? ? ? ? ? ? ? ? ? ? 
9.891 61.240 ? ? ? ? ? ? 210 ? ? ? ? ? ? ? ? ? ? ? ? ? ? ? ? ? ? 2 1 0.998 ? ? ? ? ? ? ? ? ? ? ? ? ? ? 
# 
_refine.aniso_B[1][1]                            ? 
_refine.aniso_B[1][2]                            ? 
_refine.aniso_B[1][3]                            ? 
_refine.aniso_B[2][2]                            ? 
_refine.aniso_B[2][3]                            ? 
_refine.aniso_B[3][3]                            ? 
_refine.B_iso_max                                ? 
_refine.B_iso_mean                               289.05 
_refine.B_iso_min                                ? 
_refine.correlation_coeff_Fo_to_Fc               ? 
_refine.correlation_coeff_Fo_to_Fc_free          ? 
_refine.details                                  ? 
_refine.diff_density_max                         ? 
_refine.diff_density_max_esd                     ? 
_refine.diff_density_min                         ? 
_refine.diff_density_min_esd                     ? 
_refine.diff_density_rms                         ? 
_refine.diff_density_rms_esd                     ? 
_refine.entry_id                                 9PHI 
_refine.pdbx_refine_id                           'X-RAY DIFFRACTION' 
_refine.ls_abs_structure_details                 ? 
_refine.ls_abs_structure_Flack                   ? 
_refine.ls_abs_structure_Flack_esd               ? 
_refine.ls_abs_structure_Rogers                  ? 
_refine.ls_abs_structure_Rogers_esd              ? 
_refine.ls_d_res_high                            6.02 
_refine.ls_d_res_low                             33.54 
_refine.ls_extinction_coef                       ? 
_refine.ls_extinction_coef_esd                   ? 
_refine.ls_extinction_expression                 ? 
_refine.ls_extinction_method                     ? 
_refine.ls_goodness_of_fit_all                   ? 
_refine.ls_goodness_of_fit_all_esd               ? 
_refine.ls_goodness_of_fit_obs                   ? 
_refine.ls_goodness_of_fit_obs_esd               ? 
_refine.ls_hydrogen_treatment                    ? 
_refine.ls_matrix_type                           ? 
_refine.ls_number_constraints                    ? 
_refine.ls_number_parameters                     ? 
_refine.ls_number_reflns_all                     ? 
_refine.ls_number_reflns_obs                     815 
_refine.ls_number_reflns_R_free                  35 
_refine.ls_number_reflns_R_work                  780 
_refine.ls_number_restraints                     ? 
_refine.ls_percent_reflns_obs                    99.63 
_refine.ls_percent_reflns_R_free                 4.29 
_refine.ls_R_factor_all                          ? 
_refine.ls_R_factor_obs                          0.1539 
_refine.ls_R_factor_R_free                       0.1564 
_refine.ls_R_factor_R_free_error                 ? 
_refine.ls_R_factor_R_free_error_details         ? 
_refine.ls_R_factor_R_work                       0.1531 
_refine.ls_R_Fsqd_factor_obs                     ? 
_refine.ls_R_I_factor_obs                        ? 
_refine.ls_redundancy_reflns_all                 ? 
_refine.ls_redundancy_reflns_obs                 ? 
_refine.ls_restrained_S_all                      ? 
_refine.ls_restrained_S_obs                      ? 
_refine.ls_shift_over_esd_max                    ? 
_refine.ls_shift_over_esd_mean                   ? 
_refine.ls_structure_factor_coef                 ? 
_refine.ls_weighting_details                     ? 
_refine.ls_weighting_scheme                      ? 
_refine.ls_wR_factor_all                         ? 
_refine.ls_wR_factor_obs                         ? 
_refine.ls_wR_factor_R_free                      ? 
_refine.ls_wR_factor_R_work                      ? 
_refine.occupancy_max                            ? 
_refine.occupancy_min                            ? 
_refine.solvent_model_details                    'FLAT BULK SOLVENT MODEL' 
_refine.solvent_model_param_bsol                 ? 
_refine.solvent_model_param_ksol                 ? 
_refine.correlation_coeff_I_to_Fcsqd_work        ? 
_refine.correlation_coeff_I_to_Fcsqd_free        ? 
_refine.pdbx_R_complete                          ? 
_refine.ls_R_factor_gt                           ? 
_refine.ls_goodness_of_fit_gt                    ? 
_refine.ls_goodness_of_fit_ref                   ? 
_refine.ls_shift_over_su_max                     ? 
_refine.ls_shift_over_su_max_lt                  ? 
_refine.ls_shift_over_su_mean                    ? 
_refine.ls_shift_over_su_mean_lt                 ? 
_refine.pdbx_ls_sigma_I                          ? 
_refine.pdbx_ls_sigma_F                          1.35 
_refine.pdbx_ls_sigma_Fsqd                       ? 
_refine.pdbx_data_cutoff_high_absF               ? 
_refine.pdbx_data_cutoff_high_rms_absF           ? 
_refine.pdbx_data_cutoff_low_absF                ? 
_refine.pdbx_isotropic_thermal_model             ? 
_refine.pdbx_ls_cross_valid_method               'FREE R-VALUE' 
_refine.pdbx_method_to_determine_struct          'MOLECULAR REPLACEMENT' 
_refine.pdbx_starting_model                      ? 
_refine.pdbx_stereochemistry_target_values       'GeoStd + Monomer Library + CDL v1.2' 
_refine.pdbx_R_Free_selection_details            ? 
_refine.pdbx_stereochem_target_val_spec_case     ? 
_refine.pdbx_overall_ESU_R                       ? 
_refine.pdbx_overall_ESU_R_Free                  ? 
_refine.pdbx_solvent_vdw_probe_radii             1.1000 
_refine.pdbx_solvent_ion_probe_radii             ? 
_refine.pdbx_solvent_shrinkage_radii             0.9000 
_refine.pdbx_real_space_R                        ? 
_refine.pdbx_density_correlation                 ? 
_refine.pdbx_pd_number_of_powder_patterns        ? 
_refine.pdbx_pd_number_of_points                 ? 
_refine.pdbx_pd_meas_number_of_points            ? 
_refine.pdbx_pd_proc_ls_prof_R_factor            ? 
_refine.pdbx_pd_proc_ls_prof_wR_factor           ? 
_refine.pdbx_pd_Marquardt_correlation_coeff      ? 
_refine.pdbx_pd_Fsqrd_R_factor                   ? 
_refine.pdbx_pd_ls_matrix_band_width             ? 
_refine.pdbx_overall_phase_error                 22.2093 
_refine.pdbx_overall_SU_R_free_Cruickshank_DPI   ? 
_refine.pdbx_overall_SU_R_free_Blow_DPI          ? 
_refine.pdbx_overall_SU_R_Blow_DPI               ? 
_refine.pdbx_TLS_residual_ADP_flag               ? 
_refine.pdbx_diffrn_id                           1 
_refine.overall_SU_B                             ? 
_refine.overall_SU_ML                            0.3338 
_refine.overall_SU_R_Cruickshank_DPI             ? 
_refine.overall_SU_R_free                        ? 
_refine.overall_FOM_free_R_set                   ? 
_refine.overall_FOM_work_R_set                   ? 
_refine.pdbx_average_fsc_overall                 ? 
_refine.pdbx_average_fsc_work                    ? 
_refine.pdbx_average_fsc_free                    ? 
# 
_refine_hist.pdbx_refine_id                   'X-RAY DIFFRACTION' 
_refine_hist.cycle_id                         LAST 
_refine_hist.details                          ? 
_refine_hist.d_res_high                       6.02 
_refine_hist.d_res_low                        33.54 
_refine_hist.number_atoms_solvent             0 
_refine_hist.number_atoms_total               735 
_refine_hist.number_reflns_all                ? 
_refine_hist.number_reflns_obs                ? 
_refine_hist.number_reflns_R_free             ? 
_refine_hist.number_reflns_R_work             ? 
_refine_hist.R_factor_all                     ? 
_refine_hist.R_factor_obs                     ? 
_refine_hist.R_factor_R_free                  ? 
_refine_hist.R_factor_R_work                  ? 
_refine_hist.pdbx_number_residues_total       ? 
_refine_hist.pdbx_B_iso_mean_ligand           ? 
_refine_hist.pdbx_B_iso_mean_solvent          ? 
_refine_hist.pdbx_number_atoms_protein        0 
_refine_hist.pdbx_number_atoms_nucleic_acid   735 
_refine_hist.pdbx_number_atoms_ligand         0 
_refine_hist.pdbx_number_atoms_lipid          ? 
_refine_hist.pdbx_number_atoms_carb           ? 
_refine_hist.pdbx_pseudo_atom_details         ? 
# 
loop_
_refine_ls_restr.pdbx_refine_id 
_refine_ls_restr.criterion 
_refine_ls_restr.dev_ideal 
_refine_ls_restr.dev_ideal_target 
_refine_ls_restr.number 
_refine_ls_restr.rejects 
_refine_ls_restr.type 
_refine_ls_restr.weight 
_refine_ls_restr.pdbx_Zscore 
_refine_ls_restr.pdbx_restraint_function 
'X-RAY DIFFRACTION' ? 0.0056  ? 821  ? f_bond_d           ? ? ? 
'X-RAY DIFFRACTION' ? 0.7858  ? 1258 ? f_angle_d          ? ? ? 
'X-RAY DIFFRACTION' ? 0.0413  ? 143  ? f_chiral_restr     ? ? ? 
'X-RAY DIFFRACTION' ? 0.0049  ? 36   ? f_plane_restr      ? ? ? 
'X-RAY DIFFRACTION' ? 34.4167 ? 379  ? f_dihedral_angle_d ? ? ? 
# 
_refine_ls_shell.pdbx_refine_id                      'X-RAY DIFFRACTION' 
_refine_ls_shell.d_res_high                          6.02 
_refine_ls_shell.d_res_low                           33.54 
_refine_ls_shell.number_reflns_all                   ? 
_refine_ls_shell.number_reflns_obs                   ? 
_refine_ls_shell.number_reflns_R_free                35 
_refine_ls_shell.number_reflns_R_work                780 
_refine_ls_shell.percent_reflns_obs                  99.63 
_refine_ls_shell.percent_reflns_R_free               ? 
_refine_ls_shell.R_factor_all                        ? 
_refine_ls_shell.R_factor_obs                        ? 
_refine_ls_shell.R_factor_R_free_error               ? 
_refine_ls_shell.R_factor_R_work                     0.1531 
_refine_ls_shell.redundancy_reflns_all               ? 
_refine_ls_shell.redundancy_reflns_obs               ? 
_refine_ls_shell.wR_factor_all                       ? 
_refine_ls_shell.wR_factor_obs                       ? 
_refine_ls_shell.wR_factor_R_free                    ? 
_refine_ls_shell.wR_factor_R_work                    ? 
_refine_ls_shell.pdbx_R_complete                     ? 
_refine_ls_shell.correlation_coeff_Fo_to_Fc          ? 
_refine_ls_shell.correlation_coeff_Fo_to_Fc_free     ? 
_refine_ls_shell.correlation_coeff_I_to_Fcsqd_work   ? 
_refine_ls_shell.correlation_coeff_I_to_Fcsqd_free   ? 
_refine_ls_shell.pdbx_total_number_of_bins_used      ? 
_refine_ls_shell.pdbx_phase_error                    ? 
_refine_ls_shell.pdbx_fsc_work                       ? 
_refine_ls_shell.pdbx_fsc_free                       ? 
_refine_ls_shell.R_factor_R_free                     0.1564 
# 
_struct.entry_id                     9PHI 
_struct.title                        
'[18-7B C|A] 18 bp tensegrity triangle that propagates via blunt-end stacking with C stacking on A at the interface' 
_struct.pdbx_model_details           ? 
_struct.pdbx_formula_weight          ? 
_struct.pdbx_formula_weight_method   ? 
_struct.pdbx_model_type_details      ? 
_struct.pdbx_CASP_flag               N 
# 
_struct_keywords.entry_id        9PHI 
_struct_keywords.text            'tensegrity triangle, DNA' 
_struct_keywords.pdbx_keywords   DNA 
# 
loop_
_struct_asym.id 
_struct_asym.pdbx_blank_PDB_chainid_flag 
_struct_asym.pdbx_modified 
_struct_asym.entity_id 
_struct_asym.details 
A N N 1 ? 
B N N 2 ? 
C N N 3 ? 
D N N 4 ? 
# 
loop_
_struct_ref.id 
_struct_ref.db_name 
_struct_ref.db_code 
_struct_ref.pdbx_db_accession 
_struct_ref.pdbx_db_isoform 
_struct_ref.entity_id 
_struct_ref.pdbx_seq_one_letter_code 
_struct_ref.pdbx_align_begin 
1 PDB 9PHI 9PHI ? 1 ? 1 
2 PDB 9PHI 9PHI ? 2 ? 1 
3 PDB 9PHI 9PHI ? 3 ? 1 
4 PDB 9PHI 9PHI ? 4 ? 1 
# 
loop_
_struct_ref_seq.align_id 
_struct_ref_seq.ref_id 
_struct_ref_seq.pdbx_PDB_id_code 
_struct_ref_seq.pdbx_strand_id 
_struct_ref_seq.seq_align_beg 
_struct_ref_seq.pdbx_seq_align_beg_ins_code 
_struct_ref_seq.seq_align_end 
_struct_ref_seq.pdbx_seq_align_end_ins_code 
_struct_ref_seq.pdbx_db_accession 
_struct_ref_seq.db_align_beg 
_struct_ref_seq.pdbx_db_align_beg_ins_code 
_struct_ref_seq.db_align_end 
_struct_ref_seq.pdbx_db_align_end_ins_code 
_struct_ref_seq.pdbx_auth_seq_align_beg 
_struct_ref_seq.pdbx_auth_seq_align_end 
1 1 9PHI E 1 ? 18 ? 9PHI 106 ? 123 ? 106 123 
2 2 9PHI F 1 ? 7  ? 9PHI 119 ? 125 ? 119 125 
3 3 9PHI G 1 ? 5  ? 9PHI 209 ? 213 ? 209 213 
4 4 9PHI H 1 ? 6  ? 9PHI 104 ? 109 ? 104 109 
# 
_pdbx_struct_assembly.id                   1 
_pdbx_struct_assembly.details              author_defined_assembly 
_pdbx_struct_assembly.method_details       ? 
_pdbx_struct_assembly.oligomeric_details   dodecameric 
_pdbx_struct_assembly.oligomeric_count     12 
# 
loop_
_pdbx_struct_assembly_gen.assembly_id 
_pdbx_struct_assembly_gen.oper_expression 
_pdbx_struct_assembly_gen.asym_id_list 
1 1 A,B,C,D 
1 2 A,B,C,D 
1 3 A,B,C,D 
# 
_pdbx_struct_assembly_auth_evidence.id                     1 
_pdbx_struct_assembly_auth_evidence.assembly_id            1 
_pdbx_struct_assembly_auth_evidence.experimental_support   'native gel electrophoresis' 
_pdbx_struct_assembly_auth_evidence.details                ? 
# 
loop_
_pdbx_struct_oper_list.id 
_pdbx_struct_oper_list.type 
_pdbx_struct_oper_list.name 
_pdbx_struct_oper_list.symmetry_operation 
_pdbx_struct_oper_list.matrix[1][1] 
_pdbx_struct_oper_list.matrix[1][2] 
_pdbx_struct_oper_list.matrix[1][3] 
_pdbx_struct_oper_list.vector[1] 
_pdbx_struct_oper_list.matrix[2][1] 
_pdbx_struct_oper_list.matrix[2][2] 
_pdbx_struct_oper_list.matrix[2][3] 
_pdbx_struct_oper_list.vector[2] 
_pdbx_struct_oper_list.matrix[3][1] 
_pdbx_struct_oper_list.matrix[3][2] 
_pdbx_struct_oper_list.matrix[3][3] 
_pdbx_struct_oper_list.vector[3] 
1 'identity operation'         1_555 x,y,z 1.0000000000  0.0000000000  0.0000000000  0.0000000000  0.0000000000  1.0000000000 0.0000000000 0.0000000000  0.0000000000  0.0000000000 1.0000000000 0.0000000000   
2 'crystal symmetry operation' 5_555 z,x,y -0.1407911242 0.0772026264  -0.9870246268 -9.7723268982 -0.9863339162 0.0752361354 0.1465773844 12.1160986216 0.0855760775  0.9941726603 0.0655549888 -20.0075062536 
3 'crystal symmetry operation' 9_555 y,z,x -0.1407911242 -0.9863339162 0.0855760775  12.2868260193 0.0772026264  0.0752361354 0.9941726603 19.7337965832 -0.9870246268 0.1465773844 0.0655549888 -10.1098815069 
# 
loop_
_struct_conn.id 
_struct_conn.conn_type_id 
_struct_conn.pdbx_leaving_atom_flag 
_struct_conn.pdbx_PDB_id 
_struct_conn.ptnr1_label_asym_id 
_struct_conn.ptnr1_label_comp_id 
_struct_conn.ptnr1_label_seq_id 
_struct_conn.ptnr1_label_atom_id 
_struct_conn.pdbx_ptnr1_label_alt_id 
_struct_conn.pdbx_ptnr1_PDB_ins_code 
_struct_conn.pdbx_ptnr1_standard_comp_id 
_struct_conn.ptnr1_symmetry 
_struct_conn.ptnr2_label_asym_id 
_struct_conn.ptnr2_label_comp_id 
_struct_conn.ptnr2_label_seq_id 
_struct_conn.ptnr2_label_atom_id 
_struct_conn.pdbx_ptnr2_label_alt_id 
_struct_conn.pdbx_ptnr2_PDB_ins_code 
_struct_conn.ptnr1_auth_asym_id 
_struct_conn.ptnr1_auth_comp_id 
_struct_conn.ptnr1_auth_seq_id 
_struct_conn.ptnr2_auth_asym_id 
_struct_conn.ptnr2_auth_comp_id 
_struct_conn.ptnr2_auth_seq_id 
_struct_conn.ptnr2_symmetry 
_struct_conn.pdbx_ptnr3_label_atom_id 
_struct_conn.pdbx_ptnr3_label_seq_id 
_struct_conn.pdbx_ptnr3_label_comp_id 
_struct_conn.pdbx_ptnr3_label_asym_id 
_struct_conn.pdbx_ptnr3_label_alt_id 
_struct_conn.pdbx_ptnr3_PDB_ins_code 
_struct_conn.details 
_struct_conn.pdbx_dist_value 
_struct_conn.pdbx_value_order 
_struct_conn.pdbx_role 
hydrog1  hydrog ? ? A DC 1  N3 ? ? ? 1_555 C DG 5 N1 ? ? E DC 106 G DG 213 1_555 ? ? ? ? ? ? WATSON-CRICK ? ? ? 
hydrog2  hydrog ? ? A DC 1  N4 ? ? ? 1_555 C DG 5 O6 ? ? E DC 106 G DG 213 1_555 ? ? ? ? ? ? WATSON-CRICK ? ? ? 
hydrog3  hydrog ? ? A DC 1  O2 ? ? ? 1_555 C DG 5 N2 ? ? E DC 106 G DG 213 1_555 ? ? ? ? ? ? WATSON-CRICK ? ? ? 
hydrog4  hydrog ? ? A DG 2  N1 ? ? ? 1_555 C DC 4 N3 ? ? E DG 107 G DC 212 1_555 ? ? ? ? ? ? WATSON-CRICK ? ? ? 
hydrog5  hydrog ? ? A DG 2  N2 ? ? ? 1_555 C DC 4 O2 ? ? E DG 107 G DC 212 1_555 ? ? ? ? ? ? WATSON-CRICK ? ? ? 
hydrog6  hydrog ? ? A DG 2  O6 ? ? ? 1_555 C DC 4 N4 ? ? E DG 107 G DC 212 1_555 ? ? ? ? ? ? WATSON-CRICK ? ? ? 
hydrog7  hydrog ? ? A DA 3  N1 ? ? ? 1_555 C DT 3 N3 ? ? E DA 108 G DT 211 1_555 ? ? ? ? ? ? WATSON-CRICK ? ? ? 
hydrog8  hydrog ? ? A DA 3  N6 ? ? ? 1_555 C DT 3 O4 ? ? E DA 108 G DT 211 1_555 ? ? ? ? ? ? WATSON-CRICK ? ? ? 
hydrog9  hydrog ? ? A DC 4  N3 ? ? ? 1_555 C DG 2 N1 ? ? E DC 109 G DG 210 1_555 ? ? ? ? ? ? WATSON-CRICK ? ? ? 
hydrog10 hydrog ? ? A DC 4  N4 ? ? ? 1_555 C DG 2 O6 ? ? E DC 109 G DG 210 1_555 ? ? ? ? ? ? WATSON-CRICK ? ? ? 
hydrog11 hydrog ? ? A DC 4  O2 ? ? ? 1_555 C DG 2 N2 ? ? E DC 109 G DG 210 1_555 ? ? ? ? ? ? WATSON-CRICK ? ? ? 
hydrog12 hydrog ? ? A DC 5  N3 ? ? ? 1_555 C DG 1 N1 ? ? E DC 110 G DG 209 1_555 ? ? ? ? ? ? WATSON-CRICK ? ? ? 
hydrog13 hydrog ? ? A DC 5  N4 ? ? ? 1_555 C DG 1 O6 ? ? E DC 110 G DG 209 1_555 ? ? ? ? ? ? WATSON-CRICK ? ? ? 
hydrog14 hydrog ? ? A DC 5  O2 ? ? ? 1_555 C DG 1 N2 ? ? E DC 110 G DG 209 1_555 ? ? ? ? ? ? WATSON-CRICK ? ? ? 
hydrog15 hydrog ? ? A DT 6  N3 ? ? ? 1_555 B DA 7 N1 ? ? E DT 111 F DA 125 1_555 ? ? ? ? ? ? WATSON-CRICK ? ? ? 
hydrog16 hydrog ? ? A DT 6  O4 ? ? ? 1_555 B DA 7 N6 ? ? E DT 111 F DA 125 1_555 ? ? ? ? ? ? WATSON-CRICK ? ? ? 
hydrog17 hydrog ? ? A DG 7  N1 ? ? ? 1_555 B DC 6 N3 ? ? E DG 112 F DC 124 1_555 ? ? ? ? ? ? WATSON-CRICK ? ? ? 
hydrog18 hydrog ? ? A DG 7  N2 ? ? ? 1_555 B DC 6 O2 ? ? E DG 112 F DC 124 1_555 ? ? ? ? ? ? WATSON-CRICK ? ? ? 
hydrog19 hydrog ? ? A DG 7  O6 ? ? ? 1_555 B DC 6 N4 ? ? E DG 112 F DC 124 1_555 ? ? ? ? ? ? WATSON-CRICK ? ? ? 
hydrog20 hydrog ? ? A DT 8  N3 ? ? ? 1_555 B DA 5 N1 ? ? E DT 113 F DA 123 1_555 ? ? ? ? ? ? WATSON-CRICK ? ? ? 
hydrog21 hydrog ? ? A DT 8  O4 ? ? ? 1_555 B DA 5 N6 ? ? E DT 113 F DA 123 1_555 ? ? ? ? ? ? WATSON-CRICK ? ? ? 
hydrog22 hydrog ? ? A DA 9  N1 ? ? ? 1_555 B DT 4 N3 ? ? E DA 114 F DT 122 1_555 ? ? ? ? ? ? WATSON-CRICK ? ? ? 
hydrog23 hydrog ? ? A DA 9  N6 ? ? ? 1_555 B DT 4 O4 ? ? E DA 114 F DT 122 1_555 ? ? ? ? ? ? WATSON-CRICK ? ? ? 
hydrog24 hydrog ? ? A DC 10 N3 ? ? ? 1_555 B DG 3 N1 ? ? E DC 115 F DG 121 1_555 ? ? ? ? ? ? WATSON-CRICK ? ? ? 
hydrog25 hydrog ? ? A DC 10 N4 ? ? ? 1_555 B DG 3 O6 ? ? E DC 115 F DG 121 1_555 ? ? ? ? ? ? WATSON-CRICK ? ? ? 
hydrog26 hydrog ? ? A DC 10 O2 ? ? ? 1_555 B DG 3 N2 ? ? E DC 115 F DG 121 1_555 ? ? ? ? ? ? WATSON-CRICK ? ? ? 
hydrog27 hydrog ? ? A DG 11 N1 ? ? ? 1_555 B DC 2 N3 ? ? E DG 116 F DC 120 1_555 ? ? ? ? ? ? WATSON-CRICK ? ? ? 
hydrog28 hydrog ? ? A DG 11 N2 ? ? ? 1_555 B DC 2 O2 ? ? E DG 116 F DC 120 1_555 ? ? ? ? ? ? WATSON-CRICK ? ? ? 
hydrog29 hydrog ? ? A DG 11 O6 ? ? ? 1_555 B DC 2 N4 ? ? E DG 116 F DC 120 1_555 ? ? ? ? ? ? WATSON-CRICK ? ? ? 
hydrog30 hydrog ? ? A DG 12 N1 ? ? ? 1_555 B DC 1 N3 ? ? E DG 117 F DC 119 1_555 ? ? ? ? ? ? WATSON-CRICK ? ? ? 
hydrog31 hydrog ? ? A DG 12 N2 ? ? ? 1_555 B DC 1 O2 ? ? E DG 117 F DC 119 1_555 ? ? ? ? ? ? WATSON-CRICK ? ? ? 
hydrog32 hydrog ? ? A DG 12 O6 ? ? ? 1_555 B DC 1 N4 ? ? E DG 117 F DC 119 1_555 ? ? ? ? ? ? WATSON-CRICK ? ? ? 
hydrog33 hydrog ? ? A DA 13 N1 ? ? ? 1_555 D DT 6 N3 ? ? E DA 118 H DT 109 1_555 ? ? ? ? ? ? WATSON-CRICK ? ? ? 
hydrog34 hydrog ? ? A DA 13 N6 ? ? ? 1_555 D DT 6 O4 ? ? E DA 118 H DT 109 1_555 ? ? ? ? ? ? WATSON-CRICK ? ? ? 
hydrog35 hydrog ? ? A DC 14 N3 ? ? ? 1_555 D DG 5 N1 ? ? E DC 119 H DG 108 1_555 ? ? ? ? ? ? WATSON-CRICK ? ? ? 
hydrog36 hydrog ? ? A DC 14 N4 ? ? ? 1_555 D DG 5 O6 ? ? E DC 119 H DG 108 1_555 ? ? ? ? ? ? WATSON-CRICK ? ? ? 
hydrog37 hydrog ? ? A DC 14 O2 ? ? ? 1_555 D DG 5 N2 ? ? E DC 119 H DG 108 1_555 ? ? ? ? ? ? WATSON-CRICK ? ? ? 
hydrog38 hydrog ? ? A DA 15 N1 ? ? ? 1_555 D DT 4 N3 ? ? E DA 120 H DT 107 1_555 ? ? ? ? ? ? WATSON-CRICK ? ? ? 
hydrog39 hydrog ? ? A DA 15 N6 ? ? ? 1_555 D DT 4 O4 ? ? E DA 120 H DT 107 1_555 ? ? ? ? ? ? WATSON-CRICK ? ? ? 
hydrog40 hydrog ? ? A DT 16 N3 ? ? ? 1_555 D DA 3 N1 ? ? E DT 121 H DA 106 1_555 ? ? ? ? ? ? WATSON-CRICK ? ? ? 
hydrog41 hydrog ? ? A DT 16 O4 ? ? ? 1_555 D DA 3 N6 ? ? E DT 121 H DA 106 1_555 ? ? ? ? ? ? WATSON-CRICK ? ? ? 
hydrog42 hydrog ? ? A DC 17 N3 ? ? ? 1_555 D DG 2 N1 ? ? E DC 122 H DG 105 1_555 ? ? ? ? ? ? WATSON-CRICK ? ? ? 
hydrog43 hydrog ? ? A DC 17 N4 ? ? ? 1_555 D DG 2 O6 ? ? E DC 122 H DG 105 1_555 ? ? ? ? ? ? WATSON-CRICK ? ? ? 
hydrog44 hydrog ? ? A DC 17 O2 ? ? ? 1_555 D DG 2 N2 ? ? E DC 122 H DG 105 1_555 ? ? ? ? ? ? WATSON-CRICK ? ? ? 
hydrog45 hydrog ? ? A DA 18 N1 ? ? ? 1_555 D DT 1 N3 ? ? E DA 123 H DT 104 1_555 ? ? ? ? ? ? WATSON-CRICK ? ? ? 
hydrog46 hydrog ? ? A DA 18 N6 ? ? ? 1_555 D DT 1 O4 ? ? E DA 123 H DT 104 1_555 ? ? ? ? ? ? WATSON-CRICK ? ? ? 
# 
_struct_conn_type.id          hydrog 
_struct_conn_type.criteria    ? 
_struct_conn_type.reference   ? 
# 
_pdbx_entry_details.entry_id                   9PHI 
_pdbx_entry_details.compound_details           ? 
_pdbx_entry_details.source_details             ? 
_pdbx_entry_details.nonpolymer_details         ? 
_pdbx_entry_details.sequence_details           ? 
_pdbx_entry_details.has_ligand_of_interest     ? 
_pdbx_entry_details.has_protein_modification   N 
# 
loop_
_pdbx_validate_rmsd_angle.id 
_pdbx_validate_rmsd_angle.PDB_model_num 
_pdbx_validate_rmsd_angle.auth_atom_id_1 
_pdbx_validate_rmsd_angle.auth_asym_id_1 
_pdbx_validate_rmsd_angle.auth_comp_id_1 
_pdbx_validate_rmsd_angle.auth_seq_id_1 
_pdbx_validate_rmsd_angle.PDB_ins_code_1 
_pdbx_validate_rmsd_angle.label_alt_id_1 
_pdbx_validate_rmsd_angle.auth_atom_id_2 
_pdbx_validate_rmsd_angle.auth_asym_id_2 
_pdbx_validate_rmsd_angle.auth_comp_id_2 
_pdbx_validate_rmsd_angle.auth_seq_id_2 
_pdbx_validate_rmsd_angle.PDB_ins_code_2 
_pdbx_validate_rmsd_angle.label_alt_id_2 
_pdbx_validate_rmsd_angle.auth_atom_id_3 
_pdbx_validate_rmsd_angle.auth_asym_id_3 
_pdbx_validate_rmsd_angle.auth_comp_id_3 
_pdbx_validate_rmsd_angle.auth_seq_id_3 
_pdbx_validate_rmsd_angle.PDB_ins_code_3 
_pdbx_validate_rmsd_angle.label_alt_id_3 
_pdbx_validate_rmsd_angle.angle_value 
_pdbx_validate_rmsd_angle.angle_target_value 
_pdbx_validate_rmsd_angle.angle_deviation 
_pdbx_validate_rmsd_angle.angle_standard_deviation 
_pdbx_validate_rmsd_angle.linker_flag 
1 1 "O4'" E DA 114 ? ? "C1'" E DA 114 ? ? N9 E DA 114 ? ? 110.64 108.30 2.34 0.30 N 
2 1 "O4'" H DT 109 ? ? "C1'" H DT 109 ? ? N1 H DT 109 ? ? 110.12 108.30 1.82 0.30 N 
# 
loop_
_space_group_symop.id 
_space_group_symop.operation_xyz 
1  x,y,z                
2  x+1/4,-z+1/4,y+3/4   
3  x+1/4,z+3/4,-y+3/4   
4  z+1/4,y+3/4,-x+3/4   
5  -z+1/4,y+3/4,x+1/4   
6  -y+1/4,x+3/4,z+1/4   
7  y+1/4,-x+1/4,z+3/4   
8  z,x,y                
9  y,z,x                
10 -y,-z+1/2,x          
11 z,-x,-y+1/2          
12 -y+1/2,z,-x          
13 -z,-x+1/2,y          
14 -z+1/2,x,-y          
15 y,-z,-x+1/2          
16 x,-y,-z+1/2          
17 -x+1/2,y,-z          
18 -x,-y+1/2,z          
19 y+1/4,x+3/4,-z+3/4   
20 -y+1/4,-x+1/4,-z+1/4 
21 z+1/4,-y+1/4,x+3/4   
22 -z+1/4,-y+1/4,-x+1/4 
23 -x+1/4,z+3/4,y+1/4   
24 -x+1/4,-z+1/4,-y+1/4 
25 x+1/2,y+1/2,z+1/2    
26 x+3/4,-z+3/4,y+5/4   
27 x+3/4,z+5/4,-y+5/4   
28 z+3/4,y+5/4,-x+5/4   
29 -z+3/4,y+5/4,x+3/4   
30 -y+3/4,x+5/4,z+3/4   
31 y+3/4,-x+3/4,z+5/4   
32 z+1/2,x+1/2,y+1/2    
33 y+1/2,z+1/2,x+1/2    
34 -y+1/2,-z+1,x+1/2    
35 z+1/2,-x+1/2,-y+1    
36 -y+1,z+1/2,-x+1/2    
37 -z+1/2,-x+1,y+1/2    
38 -z+1,x+1/2,-y+1/2    
39 y+1/2,-z+1/2,-x+1    
40 x+1/2,-y+1/2,-z+1    
41 -x+1,y+1/2,-z+1/2    
42 -x+1/2,-y+1,z+1/2    
43 y+3/4,x+5/4,-z+5/4   
44 -y+3/4,-x+3/4,-z+3/4 
45 z+3/4,-y+3/4,x+5/4   
46 -z+3/4,-y+3/4,-x+3/4 
47 -x+3/4,z+5/4,y+3/4   
48 -x+3/4,-z+3/4,-y+3/4 
# 
loop_
_pdbx_refine_tls.id 
_pdbx_refine_tls.pdbx_refine_id 
_pdbx_refine_tls.details 
_pdbx_refine_tls.method 
_pdbx_refine_tls.origin_x 
_pdbx_refine_tls.origin_y 
_pdbx_refine_tls.origin_z 
_pdbx_refine_tls.T[1][1] 
_pdbx_refine_tls.T[1][1]_esd 
_pdbx_refine_tls.T[1][2] 
_pdbx_refine_tls.T[1][2]_esd 
_pdbx_refine_tls.T[1][3] 
_pdbx_refine_tls.T[1][3]_esd 
_pdbx_refine_tls.T[2][2] 
_pdbx_refine_tls.T[2][2]_esd 
_pdbx_refine_tls.T[2][3] 
_pdbx_refine_tls.T[2][3]_esd 
_pdbx_refine_tls.T[3][3] 
_pdbx_refine_tls.T[3][3]_esd 
_pdbx_refine_tls.L[1][1] 
_pdbx_refine_tls.L[1][1]_esd 
_pdbx_refine_tls.L[1][2] 
_pdbx_refine_tls.L[1][2]_esd 
_pdbx_refine_tls.L[1][3] 
_pdbx_refine_tls.L[1][3]_esd 
_pdbx_refine_tls.L[2][2] 
_pdbx_refine_tls.L[2][2]_esd 
_pdbx_refine_tls.L[2][3] 
_pdbx_refine_tls.L[2][3]_esd 
_pdbx_refine_tls.L[3][3] 
_pdbx_refine_tls.L[3][3]_esd 
_pdbx_refine_tls.S[1][1] 
_pdbx_refine_tls.S[1][1]_esd 
_pdbx_refine_tls.S[1][2] 
_pdbx_refine_tls.S[1][2]_esd 
_pdbx_refine_tls.S[1][3] 
_pdbx_refine_tls.S[1][3]_esd 
_pdbx_refine_tls.S[2][1] 
_pdbx_refine_tls.S[2][1]_esd 
_pdbx_refine_tls.S[2][2] 
_pdbx_refine_tls.S[2][2]_esd 
_pdbx_refine_tls.S[2][3] 
_pdbx_refine_tls.S[2][3]_esd 
_pdbx_refine_tls.S[3][1] 
_pdbx_refine_tls.S[3][1]_esd 
_pdbx_refine_tls.S[3][2] 
_pdbx_refine_tls.S[3][2]_esd 
_pdbx_refine_tls.S[3][3] 
_pdbx_refine_tls.S[3][3]_esd 
1 'X-RAY DIFFRACTION' ? refined -13.9570552830 -14.45470949398  -7.79409146877  2.51050652306 ? -1.5800179441   ? 0.012858016728  ? 2.24365885560 ? -0.172321234372 ? 4.30397013623 ? 5.0705215002   ? 0.948378153688  ? 1.30786438552   ? 0.301718040714 ? 0.55358025293   ? 1.10884584835 ? 1.547284883359 ? -1.001736457463 ? -0.13629716011 ? 0.169867965269  ? -0.003294087301 ? 1.096415677136 ? 0.981774908599  ? -1.272501640447 ? -0.4153333786   ? 
2 'X-RAY DIFFRACTION' ? refined 5.42256215360  4.23938595746    3.4804721001    2.3484927341  ? -0.190888849085 ? -0.634953341849 ? 3.1835930251  ? 0.10995155250   ? 2.40814274871 ? 3.945155792279 ? -0.939013744358 ? -0.475161957933 ? 1.41374948794  ? -1.747838965936 ? 5.61814533350 ? -0.22332489482 ? 0.009334163703  ? -0.65185866085 ? -0.314584154156 ? 0.091676579783  ? -0.53665507028 ? -2.138484086879 ? 1.084070185993  ? 0.260362895194  ? 
3 'X-RAY DIFFRACTION' ? refined -1.1265661446  0.12827708624    -1.2533118752   3.11780056043 ? -0.827297505804 ? -0.774490544555 ? 2.57512240098 ? 1.04553867745   ? 2.75138523042 ? 1.11855982381  ? 0.59096853721   ? 2.62420073098   ? 0.5540199441   ? 1.79005336855   ? 6.83571779528 ? 0.30295650370  ? -0.22625320943  ? 0.62594591519  ? 2.41790587078   ? 0.933764910280  ? 1.324675307313 ? 1.02392561858   ? -1.882186159371 ? -0.270507079694 ? 
4 'X-RAY DIFFRACTION' ? refined -11.1533984202 -12.637586714561 -15.25153233957 3.06256212548 ? -1.236107164765 ? 0.085265053769  ? 3.36520601886 ? -0.656943974563 ? 2.91474946594 ? 1.14777283440  ? -3.211622782372 ? -0.77243149392  ? 10.22898165036 ? -0.53717455282  ? 6.96166216523 ? 1.30956645093  ? 0.75302746674   ? -1.04044957582 ? -2.52633441386  ? -0.338407133624 ? -3.46163324628 ? -1.37193469157  ? 2.030917114316  ? -0.86245182632  ? 
5 'X-RAY DIFFRACTION' ? refined 10.4544339734  13.3543429284    13.1366771791   4.53453043198 ? 0.81040619311   ? -2.111648165346 ? 4.09554129779 ? -0.36010361289  ? 3.41121741434 ? 2.96689247751  ? 0.98381942455   ? 1.80986948187   ? 10.08793290956 ? -3.4152953353   ? 7.07713635126 ? -1.1903995681  ? -0.60829486639  ? 1.666277396609 ? 1.29630511270   ? 0.840379868074  ? 0.73425173709  ? -2.39205297385  ? -1.28394659927  ? 0.43592190925   ? 
# 
loop_
_pdbx_refine_tls_group.id 
_pdbx_refine_tls_group.pdbx_refine_id 
_pdbx_refine_tls_group.refine_tls_id 
_pdbx_refine_tls_group.beg_label_asym_id 
_pdbx_refine_tls_group.beg_label_seq_id 
_pdbx_refine_tls_group.beg_auth_asym_id 
_pdbx_refine_tls_group.beg_auth_seq_id 
_pdbx_refine_tls_group.beg_PDB_ins_code 
_pdbx_refine_tls_group.end_label_asym_id 
_pdbx_refine_tls_group.end_label_seq_id 
_pdbx_refine_tls_group.end_auth_asym_id 
_pdbx_refine_tls_group.end_auth_seq_id 
_pdbx_refine_tls_group.end_PDB_ins_code 
_pdbx_refine_tls_group.selection 
_pdbx_refine_tls_group.selection_details 
1 'X-RAY DIFFRACTION' 1 A ? E 106 ? A ? E 110 ? ? 
;chain 'E' and (resid 106 through 110 )
;
2 'X-RAY DIFFRACTION' 2 A ? E 111 ? A ? E 123 ? ? 
;chain 'E' and (resid 111 through 123 )
;
3 'X-RAY DIFFRACTION' 3 B ? F 119 ? B ? F 125 ? ? 
;chain 'F' and (resid 119 through 125 )
;
4 'X-RAY DIFFRACTION' 4 C ? G 209 ? C ? G 213 ? ? 
;chain 'G' and (resid 209 through 213 )
;
5 'X-RAY DIFFRACTION' 5 D ? H 104 ? D ? H 109 ? ? 
;chain 'H' and (resid 104 through 109 )
;
# 
loop_
_chem_comp_atom.comp_id 
_chem_comp_atom.atom_id 
_chem_comp_atom.type_symbol 
_chem_comp_atom.pdbx_aromatic_flag 
_chem_comp_atom.pdbx_stereo_config 
_chem_comp_atom.pdbx_ordinal 
DA OP3    O N N 1   
DA P      P N N 2   
DA OP1    O N N 3   
DA OP2    O N N 4   
DA "O5'"  O N N 5   
DA "C5'"  C N N 6   
DA "C4'"  C N R 7   
DA "O4'"  O N N 8   
DA "C3'"  C N S 9   
DA "O3'"  O N N 10  
DA "C2'"  C N N 11  
DA "C1'"  C N R 12  
DA N9     N Y N 13  
DA C8     C Y N 14  
DA N7     N Y N 15  
DA C5     C Y N 16  
DA C6     C Y N 17  
DA N6     N N N 18  
DA N1     N Y N 19  
DA C2     C Y N 20  
DA N3     N Y N 21  
DA C4     C Y N 22  
DA HOP3   H N N 23  
DA HOP2   H N N 24  
DA "H5'"  H N N 25  
DA "H5''" H N N 26  
DA "H4'"  H N N 27  
DA "H3'"  H N N 28  
DA "HO3'" H N N 29  
DA "H2'"  H N N 30  
DA "H2''" H N N 31  
DA "H1'"  H N N 32  
DA H8     H N N 33  
DA H61    H N N 34  
DA H62    H N N 35  
DA H2     H N N 36  
DC OP3    O N N 37  
DC P      P N N 38  
DC OP1    O N N 39  
DC OP2    O N N 40  
DC "O5'"  O N N 41  
DC "C5'"  C N N 42  
DC "C4'"  C N R 43  
DC "O4'"  O N N 44  
DC "C3'"  C N S 45  
DC "O3'"  O N N 46  
DC "C2'"  C N N 47  
DC "C1'"  C N R 48  
DC N1     N N N 49  
DC C2     C N N 50  
DC O2     O N N 51  
DC N3     N N N 52  
DC C4     C N N 53  
DC N4     N N N 54  
DC C5     C N N 55  
DC C6     C N N 56  
DC HOP3   H N N 57  
DC HOP2   H N N 58  
DC "H5'"  H N N 59  
DC "H5''" H N N 60  
DC "H4'"  H N N 61  
DC "H3'"  H N N 62  
DC "HO3'" H N N 63  
DC "H2'"  H N N 64  
DC "H2''" H N N 65  
DC "H1'"  H N N 66  
DC H41    H N N 67  
DC H42    H N N 68  
DC H5     H N N 69  
DC H6     H N N 70  
DG OP3    O N N 71  
DG P      P N N 72  
DG OP1    O N N 73  
DG OP2    O N N 74  
DG "O5'"  O N N 75  
DG "C5'"  C N N 76  
DG "C4'"  C N R 77  
DG "O4'"  O N N 78  
DG "C3'"  C N S 79  
DG "O3'"  O N N 80  
DG "C2'"  C N N 81  
DG "C1'"  C N R 82  
DG N9     N Y N 83  
DG C8     C Y N 84  
DG N7     N Y N 85  
DG C5     C Y N 86  
DG C6     C N N 87  
DG O6     O N N 88  
DG N1     N N N 89  
DG C2     C N N 90  
DG N2     N N N 91  
DG N3     N N N 92  
DG C4     C Y N 93  
DG HOP3   H N N 94  
DG HOP2   H N N 95  
DG "H5'"  H N N 96  
DG "H5''" H N N 97  
DG "H4'"  H N N 98  
DG "H3'"  H N N 99  
DG "HO3'" H N N 100 
DG "H2'"  H N N 101 
DG "H2''" H N N 102 
DG "H1'"  H N N 103 
DG H8     H N N 104 
DG H1     H N N 105 
DG H21    H N N 106 
DG H22    H N N 107 
DT OP3    O N N 108 
DT P      P N N 109 
DT OP1    O N N 110 
DT OP2    O N N 111 
DT "O5'"  O N N 112 
DT "C5'"  C N N 113 
DT "C4'"  C N R 114 
DT "O4'"  O N N 115 
DT "C3'"  C N S 116 
DT "O3'"  O N N 117 
DT "C2'"  C N N 118 
DT "C1'"  C N R 119 
DT N1     N N N 120 
DT C2     C N N 121 
DT O2     O N N 122 
DT N3     N N N 123 
DT C4     C N N 124 
DT O4     O N N 125 
DT C5     C N N 126 
DT C7     C N N 127 
DT C6     C N N 128 
DT HOP3   H N N 129 
DT HOP2   H N N 130 
DT "H5'"  H N N 131 
DT "H5''" H N N 132 
DT "H4'"  H N N 133 
DT "H3'"  H N N 134 
DT "HO3'" H N N 135 
DT "H2'"  H N N 136 
DT "H2''" H N N 137 
DT "H1'"  H N N 138 
DT H3     H N N 139 
DT H71    H N N 140 
DT H72    H N N 141 
DT H73    H N N 142 
DT H6     H N N 143 
# 
loop_
_chem_comp_bond.comp_id 
_chem_comp_bond.atom_id_1 
_chem_comp_bond.atom_id_2 
_chem_comp_bond.value_order 
_chem_comp_bond.pdbx_aromatic_flag 
_chem_comp_bond.pdbx_stereo_config 
_chem_comp_bond.pdbx_ordinal 
DA OP3   P      sing N N 1   
DA OP3   HOP3   sing N N 2   
DA P     OP1    doub N N 3   
DA P     OP2    sing N N 4   
DA P     "O5'"  sing N N 5   
DA OP2   HOP2   sing N N 6   
DA "O5'" "C5'"  sing N N 7   
DA "C5'" "C4'"  sing N N 8   
DA "C5'" "H5'"  sing N N 9   
DA "C5'" "H5''" sing N N 10  
DA "C4'" "O4'"  sing N N 11  
DA "C4'" "C3'"  sing N N 12  
DA "C4'" "H4'"  sing N N 13  
DA "O4'" "C1'"  sing N N 14  
DA "C3'" "O3'"  sing N N 15  
DA "C3'" "C2'"  sing N N 16  
DA "C3'" "H3'"  sing N N 17  
DA "O3'" "HO3'" sing N N 18  
DA "C2'" "C1'"  sing N N 19  
DA "C2'" "H2'"  sing N N 20  
DA "C2'" "H2''" sing N N 21  
DA "C1'" N9     sing N N 22  
DA "C1'" "H1'"  sing N N 23  
DA N9    C8     sing Y N 24  
DA N9    C4     sing Y N 25  
DA C8    N7     doub Y N 26  
DA C8    H8     sing N N 27  
DA N7    C5     sing Y N 28  
DA C5    C6     sing Y N 29  
DA C5    C4     doub Y N 30  
DA C6    N6     sing N N 31  
DA C6    N1     doub Y N 32  
DA N6    H61    sing N N 33  
DA N6    H62    sing N N 34  
DA N1    C2     sing Y N 35  
DA C2    N3     doub Y N 36  
DA C2    H2     sing N N 37  
DA N3    C4     sing Y N 38  
DC OP3   P      sing N N 39  
DC OP3   HOP3   sing N N 40  
DC P     OP1    doub N N 41  
DC P     OP2    sing N N 42  
DC P     "O5'"  sing N N 43  
DC OP2   HOP2   sing N N 44  
DC "O5'" "C5'"  sing N N 45  
DC "C5'" "C4'"  sing N N 46  
DC "C5'" "H5'"  sing N N 47  
DC "C5'" "H5''" sing N N 48  
DC "C4'" "O4'"  sing N N 49  
DC "C4'" "C3'"  sing N N 50  
DC "C4'" "H4'"  sing N N 51  
DC "O4'" "C1'"  sing N N 52  
DC "C3'" "O3'"  sing N N 53  
DC "C3'" "C2'"  sing N N 54  
DC "C3'" "H3'"  sing N N 55  
DC "O3'" "HO3'" sing N N 56  
DC "C2'" "C1'"  sing N N 57  
DC "C2'" "H2'"  sing N N 58  
DC "C2'" "H2''" sing N N 59  
DC "C1'" N1     sing N N 60  
DC "C1'" "H1'"  sing N N 61  
DC N1    C2     sing N N 62  
DC N1    C6     sing N N 63  
DC C2    O2     doub N N 64  
DC C2    N3     sing N N 65  
DC N3    C4     doub N N 66  
DC C4    N4     sing N N 67  
DC C4    C5     sing N N 68  
DC N4    H41    sing N N 69  
DC N4    H42    sing N N 70  
DC C5    C6     doub N N 71  
DC C5    H5     sing N N 72  
DC C6    H6     sing N N 73  
DG OP3   P      sing N N 74  
DG OP3   HOP3   sing N N 75  
DG P     OP1    doub N N 76  
DG P     OP2    sing N N 77  
DG P     "O5'"  sing N N 78  
DG OP2   HOP2   sing N N 79  
DG "O5'" "C5'"  sing N N 80  
DG "C5'" "C4'"  sing N N 81  
DG "C5'" "H5'"  sing N N 82  
DG "C5'" "H5''" sing N N 83  
DG "C4'" "O4'"  sing N N 84  
DG "C4'" "C3'"  sing N N 85  
DG "C4'" "H4'"  sing N N 86  
DG "O4'" "C1'"  sing N N 87  
DG "C3'" "O3'"  sing N N 88  
DG "C3'" "C2'"  sing N N 89  
DG "C3'" "H3'"  sing N N 90  
DG "O3'" "HO3'" sing N N 91  
DG "C2'" "C1'"  sing N N 92  
DG "C2'" "H2'"  sing N N 93  
DG "C2'" "H2''" sing N N 94  
DG "C1'" N9     sing N N 95  
DG "C1'" "H1'"  sing N N 96  
DG N9    C8     sing Y N 97  
DG N9    C4     sing Y N 98  
DG C8    N7     doub Y N 99  
DG C8    H8     sing N N 100 
DG N7    C5     sing Y N 101 
DG C5    C6     sing N N 102 
DG C5    C4     doub Y N 103 
DG C6    O6     doub N N 104 
DG C6    N1     sing N N 105 
DG N1    C2     sing N N 106 
DG N1    H1     sing N N 107 
DG C2    N2     sing N N 108 
DG C2    N3     doub N N 109 
DG N2    H21    sing N N 110 
DG N2    H22    sing N N 111 
DG N3    C4     sing N N 112 
DT OP3   P      sing N N 113 
DT OP3   HOP3   sing N N 114 
DT P     OP1    doub N N 115 
DT P     OP2    sing N N 116 
DT P     "O5'"  sing N N 117 
DT OP2   HOP2   sing N N 118 
DT "O5'" "C5'"  sing N N 119 
DT "C5'" "C4'"  sing N N 120 
DT "C5'" "H5'"  sing N N 121 
DT "C5'" "H5''" sing N N 122 
DT "C4'" "O4'"  sing N N 123 
DT "C4'" "C3'"  sing N N 124 
DT "C4'" "H4'"  sing N N 125 
DT "O4'" "C1'"  sing N N 126 
DT "C3'" "O3'"  sing N N 127 
DT "C3'" "C2'"  sing N N 128 
DT "C3'" "H3'"  sing N N 129 
DT "O3'" "HO3'" sing N N 130 
DT "C2'" "C1'"  sing N N 131 
DT "C2'" "H2'"  sing N N 132 
DT "C2'" "H2''" sing N N 133 
DT "C1'" N1     sing N N 134 
DT "C1'" "H1'"  sing N N 135 
DT N1    C2     sing N N 136 
DT N1    C6     sing N N 137 
DT C2    O2     doub N N 138 
DT C2    N3     sing N N 139 
DT N3    C4     sing N N 140 
DT N3    H3     sing N N 141 
DT C4    O4     doub N N 142 
DT C4    C5     sing N N 143 
DT C5    C7     sing N N 144 
DT C5    C6     doub N N 145 
DT C7    H71    sing N N 146 
DT C7    H72    sing N N 147 
DT C7    H73    sing N N 148 
DT C6    H6     sing N N 149 
# 
loop_
_ndb_struct_conf_na.entry_id 
_ndb_struct_conf_na.feature 
9PHI 'double helix'        
9PHI 'b-form double helix' 
# 
loop_
_ndb_struct_na_base_pair.model_number 
_ndb_struct_na_base_pair.i_label_asym_id 
_ndb_struct_na_base_pair.i_label_comp_id 
_ndb_struct_na_base_pair.i_label_seq_id 
_ndb_struct_na_base_pair.i_symmetry 
_ndb_struct_na_base_pair.j_label_asym_id 
_ndb_struct_na_base_pair.j_label_comp_id 
_ndb_struct_na_base_pair.j_label_seq_id 
_ndb_struct_na_base_pair.j_symmetry 
_ndb_struct_na_base_pair.shear 
_ndb_struct_na_base_pair.stretch 
_ndb_struct_na_base_pair.stagger 
_ndb_struct_na_base_pair.buckle 
_ndb_struct_na_base_pair.propeller 
_ndb_struct_na_base_pair.opening 
_ndb_struct_na_base_pair.pair_number 
_ndb_struct_na_base_pair.pair_name 
_ndb_struct_na_base_pair.i_auth_asym_id 
_ndb_struct_na_base_pair.i_auth_seq_id 
_ndb_struct_na_base_pair.i_PDB_ins_code 
_ndb_struct_na_base_pair.j_auth_asym_id 
_ndb_struct_na_base_pair.j_auth_seq_id 
_ndb_struct_na_base_pair.j_PDB_ins_code 
_ndb_struct_na_base_pair.hbond_type_28 
_ndb_struct_na_base_pair.hbond_type_12 
1 A DC 1  1_555 C DG 5 1_555 0.158  -0.112 0.246  -3.133 -5.203 -4.019  1  E_DC106:DG213_G E 106 ? G 213 ? 19 1 
1 A DG 2  1_555 C DC 4 1_555 -0.161 -0.149 0.171  -1.800 -5.954 -1.597  2  E_DG107:DC212_G E 107 ? G 212 ? 19 1 
1 A DA 3  1_555 C DT 3 1_555 0.195  -0.058 -0.352 1.704  -2.078 -10.140 3  E_DA108:DT211_G E 108 ? G 211 ? 20 1 
1 A DC 4  1_555 C DG 2 1_555 0.259  -0.154 0.037  4.005  -5.794 1.727   4  E_DC109:DG210_G E 109 ? G 210 ? 19 1 
1 A DC 5  1_555 C DG 1 1_555 0.094  -0.123 0.193  -5.010 -6.371 -3.259  5  E_DC110:DG209_G E 110 ? G 209 ? 19 1 
1 A DT 6  1_555 B DA 7 1_555 -0.185 -0.047 -0.013 1.762  -0.239 -4.948  6  E_DT111:DA125_F E 111 ? F 125 ? 20 1 
1 A DG 7  1_555 B DC 6 1_555 -0.219 -0.096 0.411  5.413  -1.871 -0.065  7  E_DG112:DC124_F E 112 ? F 124 ? 19 1 
1 A DT 8  1_555 B DA 5 1_555 -0.286 -0.054 0.079  0.898  -5.682 -4.014  8  E_DT113:DA123_F E 113 ? F 123 ? 20 1 
1 A DA 9  1_555 B DT 4 1_555 0.033  -0.111 0.204  3.580  -3.785 -3.585  9  E_DA114:DT122_F E 114 ? F 122 ? 20 1 
1 A DC 10 1_555 B DG 3 1_555 0.210  -0.175 0.289  0.918  -9.212 -3.078  10 E_DC115:DG121_F E 115 ? F 121 ? 19 1 
1 A DG 11 1_555 B DC 2 1_555 -0.201 -0.099 -0.003 -2.876 -6.591 0.778   11 E_DG116:DC120_F E 116 ? F 120 ? 19 1 
1 A DG 12 1_555 B DC 1 1_555 -0.163 -0.211 0.411  2.510  -9.250 -3.102  12 E_DG117:DC119_F E 117 ? F 119 ? 19 1 
1 A DA 13 1_555 D DT 6 1_555 0.056  -0.087 -0.011 -0.272 -1.856 -0.149  13 E_DA118:DT109_H E 118 ? H 109 ? 20 1 
1 A DC 14 1_555 D DG 5 1_555 0.224  -0.120 0.103  -1.582 -1.989 -0.655  14 E_DC119:DG108_H E 119 ? H 108 ? 19 1 
1 A DA 15 1_555 D DT 4 1_555 0.149  -0.133 -0.251 -2.282 1.013  -3.286  15 E_DA120:DT107_H E 120 ? H 107 ? 20 1 
1 A DT 16 1_555 D DA 3 1_555 -0.136 -0.015 -0.089 0.606  -2.612 -4.079  16 E_DT121:DA106_H E 121 ? H 106 ? 20 1 
1 A DC 17 1_555 D DG 2 1_555 0.196  -0.186 0.027  -3.963 -2.441 -0.445  17 E_DC122:DG105_H E 122 ? H 105 ? 19 1 
1 A DA 18 1_555 D DT 1 1_555 0.191  -0.069 0.227  -1.410 -2.135 -7.095  18 E_DA123:DT104_H E 123 ? H 104 ? 20 1 
# 
loop_
_ndb_struct_na_base_pair_step.model_number 
_ndb_struct_na_base_pair_step.i_label_asym_id_1 
_ndb_struct_na_base_pair_step.i_label_comp_id_1 
_ndb_struct_na_base_pair_step.i_label_seq_id_1 
_ndb_struct_na_base_pair_step.i_symmetry_1 
_ndb_struct_na_base_pair_step.j_label_asym_id_1 
_ndb_struct_na_base_pair_step.j_label_comp_id_1 
_ndb_struct_na_base_pair_step.j_label_seq_id_1 
_ndb_struct_na_base_pair_step.j_symmetry_1 
_ndb_struct_na_base_pair_step.i_label_asym_id_2 
_ndb_struct_na_base_pair_step.i_label_comp_id_2 
_ndb_struct_na_base_pair_step.i_label_seq_id_2 
_ndb_struct_na_base_pair_step.i_symmetry_2 
_ndb_struct_na_base_pair_step.j_label_asym_id_2 
_ndb_struct_na_base_pair_step.j_label_comp_id_2 
_ndb_struct_na_base_pair_step.j_label_seq_id_2 
_ndb_struct_na_base_pair_step.j_symmetry_2 
_ndb_struct_na_base_pair_step.shift 
_ndb_struct_na_base_pair_step.slide 
_ndb_struct_na_base_pair_step.rise 
_ndb_struct_na_base_pair_step.tilt 
_ndb_struct_na_base_pair_step.roll 
_ndb_struct_na_base_pair_step.twist 
_ndb_struct_na_base_pair_step.x_displacement 
_ndb_struct_na_base_pair_step.y_displacement 
_ndb_struct_na_base_pair_step.helical_rise 
_ndb_struct_na_base_pair_step.inclination 
_ndb_struct_na_base_pair_step.tip 
_ndb_struct_na_base_pair_step.helical_twist 
_ndb_struct_na_base_pair_step.step_number 
_ndb_struct_na_base_pair_step.step_name 
_ndb_struct_na_base_pair_step.i_auth_asym_id_1 
_ndb_struct_na_base_pair_step.i_auth_seq_id_1 
_ndb_struct_na_base_pair_step.i_PDB_ins_code_1 
_ndb_struct_na_base_pair_step.j_auth_asym_id_1 
_ndb_struct_na_base_pair_step.j_auth_seq_id_1 
_ndb_struct_na_base_pair_step.j_PDB_ins_code_1 
_ndb_struct_na_base_pair_step.i_auth_asym_id_2 
_ndb_struct_na_base_pair_step.i_auth_seq_id_2 
_ndb_struct_na_base_pair_step.i_PDB_ins_code_2 
_ndb_struct_na_base_pair_step.j_auth_asym_id_2 
_ndb_struct_na_base_pair_step.j_auth_seq_id_2 
_ndb_struct_na_base_pair_step.j_PDB_ins_code_2 
1 A DC 1  1_555 C DG 5 1_555 A DG 2  1_555 C DC 4 1_555 1.091  -0.020 2.906 5.829  1.211  43.031 -0.134 -0.960 3.020 1.641   
-7.901 43.421 1  EE_DC106DG107:DC212DG213_GG E 106 ? G 213 ? E 107 ? G 212 ? 
1 A DG 2  1_555 C DC 4 1_555 A DA 3  1_555 C DT 3 1_555 -0.790 0.981  3.761 1.836  0.268  23.511 2.298  2.635  3.700 0.656   
-4.497 23.583 2  EE_DG107DA108:DT211DC212_GG E 107 ? G 212 ? E 108 ? G 211 ? 
1 A DA 3  1_555 C DT 3 1_555 A DC 4  1_555 C DG 2 1_555 1.404  -1.407 3.291 -8.478 0.893  35.496 -2.365 -3.362 2.856 1.440   
13.664 36.473 3  EE_DA108DC109:DG210DT211_GG E 108 ? G 211 ? E 109 ? G 210 ? 
1 A DC 4  1_555 C DG 2 1_555 A DC 5  1_555 C DG 1 1_555 -0.226 -1.446 3.116 -0.021 2.148  44.951 -2.072 0.293  3.047 2.808   0.028 
45.000 4  EE_DC109DC110:DG209DG210_GG E 109 ? G 210 ? E 110 ? G 209 ? 
1 A DC 5  1_555 C DG 1 1_555 A DT 6  1_555 B DA 7 1_555 -1.713 -0.895 3.101 1.427  1.956  20.747 -3.236 5.286  2.881 5.407   
-3.945 20.887 5  EE_DC110DT111:DA125DG209_FG E 110 ? G 209 ? E 111 ? F 125 ? 
1 A DT 6  1_555 B DA 7 1_555 A DG 7  1_555 B DC 6 1_555 0.089  -0.001 3.548 -2.537 8.315  26.945 -2.094 -0.821 3.375 17.283  5.274 
28.288 6  EE_DT111DG112:DC124DA125_FF E 111 ? F 125 ? E 112 ? F 124 ? 
1 A DG 7  1_555 B DC 6 1_555 A DT 8  1_555 B DA 5 1_555 -0.543 -0.775 3.286 2.486  -1.239 30.846 -1.211 1.498  3.261 -2.324  
-4.662 30.968 7  EE_DG112DT113:DA123DC124_FF E 112 ? F 124 ? E 113 ? F 123 ? 
1 A DT 8  1_555 B DA 5 1_555 A DA 9  1_555 B DT 4 1_555 0.567  0.530  3.393 2.621  1.082  38.537 0.661  -0.519 3.436 1.637   
-3.965 38.637 8  EE_DT113DA114:DT122DA123_FF E 113 ? F 123 ? E 114 ? F 122 ? 
1 A DA 9  1_555 B DT 4 1_555 A DC 10 1_555 B DG 3 1_555 -0.509 0.680  3.811 -1.808 1.481  37.365 0.832  0.515  3.854 2.309   2.819 
37.435 9  EE_DA114DC115:DG121DT122_FF E 114 ? F 122 ? E 115 ? F 121 ? 
1 A DC 10 1_555 B DG 3 1_555 A DG 11 1_555 B DC 2 1_555 0.244  2.040  3.577 6.207  -3.380 42.182 3.164  0.334  3.412 -4.656  
-8.552 42.743 10 EE_DC115DG116:DC120DG121_FF E 115 ? F 121 ? E 116 ? F 120 ? 
1 A DG 11 1_555 B DC 2 1_555 A DG 12 1_555 B DC 1 1_555 -0.049 2.176  3.265 -8.889 -1.232 42.674 3.049  -0.783 3.152 -1.671  
12.056 43.564 11 EE_DG116DG117:DC119DC120_FF E 116 ? F 120 ? E 117 ? F 119 ? 
1 A DG 12 1_555 B DC 1 1_555 A DA 13 1_555 D DT 6 1_555 -1.591 0.362  3.479 -3.549 -8.475 31.991 2.159  2.141  3.426 -14.995 6.279 
33.251 12 EE_DG117DA118:DT109DC119_HF E 117 ? F 119 ? E 118 ? H 109 ? 
1 A DA 13 1_555 D DT 6 1_555 A DC 14 1_555 D DG 5 1_555 -0.245 -1.197 3.334 -0.963 -0.945 29.082 -2.169 0.271  3.377 -1.881  1.917 
29.113 13 EE_DA118DC119:DG108DT109_HH E 118 ? H 109 ? E 119 ? H 108 ? 
1 A DC 14 1_555 D DG 5 1_555 A DA 15 1_555 D DT 4 1_555 -0.326 -0.398 3.397 1.870  -4.718 40.574 -0.029 0.681  3.403 -6.771  
-2.684 40.877 14 EE_DC119DA120:DT107DG108_HH E 119 ? H 108 ? E 120 ? H 107 ? 
1 A DA 15 1_555 D DT 4 1_555 A DT 16 1_555 D DA 3 1_555 1.042  -0.944 3.257 -2.652 0.282  30.242 -1.857 -2.512 3.147 0.539   5.071 
30.357 15 EE_DA120DT121:DA106DT107_HH E 120 ? H 107 ? E 121 ? H 106 ? 
1 A DT 16 1_555 D DA 3 1_555 A DC 17 1_555 D DG 2 1_555 -0.394 -0.946 3.298 0.774  -0.261 39.218 -1.378 0.680  3.296 -0.388  
-1.153 39.226 16 EE_DT121DC122:DG105DA106_HH E 121 ? H 106 ? E 122 ? H 105 ? 
1 A DC 17 1_555 D DG 2 1_555 A DA 18 1_555 D DT 1 1_555 0.468  -0.541 3.115 -1.158 5.207  34.870 -1.617 -0.933 2.989 8.627   1.918 
35.263 17 EE_DC122DA123:DT104DG105_HH E 122 ? H 105 ? E 123 ? H 104 ? 
# 
loop_
_pdbx_audit_support.funding_organization 
_pdbx_audit_support.country 
_pdbx_audit_support.grant_number 
_pdbx_audit_support.ordinal 
'Office of Naval Research (ONR)'                   'United States' N000141912596 1 
'Department of Energy (DOE, United States)'        'United States' DE-SC0007991  2 
'National Science Foundation (NSF, United States)' 'United States' CCF-2106790   3 
'National Science Foundation (NSF, United States)' 'United States' GCR-2317843   4 
# 
_pdbx_initial_refinement_model.id               1 
_pdbx_initial_refinement_model.entity_id_list   ? 
_pdbx_initial_refinement_model.type             'experimental model' 
_pdbx_initial_refinement_model.source_name      PDB 
_pdbx_initial_refinement_model.accession_code   8D93 
_pdbx_initial_refinement_model.details          ? 
# 
_space_group.name_H-M_alt     'I 41 3 2' 
_space_group.name_Hall        'I 4bd 2c 3' 
_space_group.IT_number        214 
_space_group.crystal_system   cubic 
_space_group.id               1 
# 
_atom_sites.entry_id                    9PHI 
_atom_sites.Cartn_transf_matrix[1][1]   ? 
_atom_sites.Cartn_transf_matrix[1][2]   ? 
_atom_sites.Cartn_transf_matrix[1][3]   ? 
_atom_sites.Cartn_transf_matrix[2][1]   ? 
_atom_sites.Cartn_transf_matrix[2][2]   ? 
_atom_sites.Cartn_transf_matrix[2][3]   ? 
_atom_sites.Cartn_transf_matrix[3][1]   ? 
_atom_sites.Cartn_transf_matrix[3][2]   ? 
_atom_sites.Cartn_transf_matrix[3][3]   ? 
_atom_sites.Cartn_transf_vector[1]      ? 
_atom_sites.Cartn_transf_vector[2]      ? 
_atom_sites.Cartn_transf_vector[3]      ? 
_atom_sites.Cartn_transform_axes        ? 
_atom_sites.fract_transf_matrix[1][1]   -0.00249232 
_atom_sites.fract_transf_matrix[1][2]   -0.00561190 
_atom_sites.fract_transf_matrix[1][3]   -0.00259432 
_atom_sites.fract_transf_matrix[2][1]   0.00247830 
_atom_sites.fract_transf_matrix[2][2]   0.00165577 
_atom_sites.fract_transf_matrix[2][3]   -0.00596255 
_atom_sites.fract_transf_matrix[3][1]   0.00566409 
_atom_sites.fract_transf_matrix[3][2]   -0.00319383 
_atom_sites.fract_transf_matrix[3][3]   0.00146733 
_atom_sites.fract_transf_vector[1]      0.067424 
_atom_sites.fract_transf_vector[2]      -0.047715 
_atom_sites.fract_transf_vector[3]      0.075691 
_atom_sites.solution_primary            ? 
_atom_sites.solution_secondary          ? 
_atom_sites.solution_hydrogens          ? 
_atom_sites.special_details             ? 
# 
loop_
_atom_type.symbol 
_atom_type.scat_dispersion_real 
_atom_type.scat_dispersion_imag 
_atom_type.scat_Cromer_Mann_a1 
_atom_type.scat_Cromer_Mann_a2 
_atom_type.scat_Cromer_Mann_a3 
_atom_type.scat_Cromer_Mann_a4 
_atom_type.scat_Cromer_Mann_b1 
_atom_type.scat_Cromer_Mann_b2 
_atom_type.scat_Cromer_Mann_b3 
_atom_type.scat_Cromer_Mann_b4 
_atom_type.scat_Cromer_Mann_c 
_atom_type.scat_source 
_atom_type.scat_dispersion_source 
C ? ? 5.96793  ? ? ? 14.89577 ? ? ? 0.0 
;1-Gaussian fit: Grosse-Kunstleve RW, Sauter NK, Adams PD: Newsletter of the IUCr Commission on Crystallographic Computing 2004, 3, 22-31.
;
? 
N ? ? 6.96715  ? ? ? 11.43723 ? ? ? 0.0 
;1-Gaussian fit: Grosse-Kunstleve RW, Sauter NK, Adams PD: Newsletter of the IUCr Commission on Crystallographic Computing 2004, 3, 22-31.
;
? 
O ? ? 7.96527  ? ? ? 9.05267  ? ? ? 0.0 
;1-Gaussian fit: Grosse-Kunstleve RW, Sauter NK, Adams PD: Newsletter of the IUCr Commission on Crystallographic Computing 2004, 3, 22-31.
;
? 
P ? ? 14.90797 ? ? ? 11.91318 ? ? ? 0.0 
;1-Gaussian fit: Grosse-Kunstleve RW, Sauter NK, Adams PD: Newsletter of the IUCr Commission on Crystallographic Computing 2004, 3, 22-31.
;
? 
# 
loop_
_atom_site.group_PDB 
_atom_site.id 
_atom_site.type_symbol 
_atom_site.label_atom_id 
_atom_site.label_alt_id 
_atom_site.label_comp_id 
_atom_site.label_asym_id 
_atom_site.label_entity_id 
_atom_site.label_seq_id 
_atom_site.pdbx_PDB_ins_code 
_atom_site.Cartn_x 
_atom_site.Cartn_y 
_atom_site.Cartn_z 
_atom_site.occupancy 
_atom_site.B_iso_or_equiv 
_atom_site.pdbx_formal_charge 
_atom_site.auth_seq_id 
_atom_site.auth_comp_id 
_atom_site.auth_asym_id 
_atom_site.auth_atom_id 
_atom_site.pdbx_PDB_model_num 
ATOM 1   P P     . DC A 1 1  ? -23.57600 -10.43318 -8.77064  1.000 433.70477 ? 106 DC E P     1 
ATOM 2   O OP1   . DC A 1 1  ? -22.97067 -10.79764 -7.47130  1.000 433.96436 ? 106 DC E OP1   1 
ATOM 3   O OP2   . DC A 1 1  ? -23.18207 -9.16677  -9.42541  1.000 427.24295 ? 106 DC E OP2   1 
ATOM 4   O "O5'" . DC A 1 1  ? -23.34205 -11.62472 -9.81769  1.000 446.48977 ? 106 DC E "O5'" 1 
ATOM 5   C "C5'" . DC A 1 1  ? -24.14135 -12.81497 -9.74870  1.000 454.32590 ? 106 DC E "C5'" 1 
ATOM 6   C "C4'" . DC A 1 1  ? -23.28146 -14.04018 -9.45923  1.000 462.80686 ? 106 DC E "C4'" 1 
ATOM 7   O "O4'" . DC A 1 1  ? -22.70430 -14.53452 -10.68651 1.000 458.29849 ? 106 DC E "O4'" 1 
ATOM 8   C "C3'" . DC A 1 1  ? -22.09491 -13.78777 -8.53402  1.000 465.26791 ? 106 DC E "C3'" 1 
ATOM 9   O "O3'" . DC A 1 1  ? -22.40113 -14.19661 -7.19278  1.000 478.72198 ? 106 DC E "O3'" 1 
ATOM 10  C "C2'" . DC A 1 1  ? -20.95552 -14.63108 -9.12917  1.000 457.17766 ? 106 DC E "C2'" 1 
ATOM 11  C "C1'" . DC A 1 1  ? -21.55182 -15.27681 -10.36990 1.000 459.26270 ? 106 DC E "C1'" 1 
ATOM 12  N N1    . DC A 1 1  ? -20.62312 -15.27605 -11.56577 1.000 309.01215 ? 106 DC E N1    1 
ATOM 13  C C2    . DC A 1 1  ? -19.64043 -16.27820 -11.70457 1.000 307.73998 ? 106 DC E C2    1 
ATOM 14  O O2    . DC A 1 1  ? -19.52951 -17.15414 -10.83172 1.000 309.29352 ? 106 DC E O2    1 
ATOM 15  N N3    . DC A 1 1  ? -18.82781 -16.25126 -12.80075 1.000 305.04904 ? 106 DC E N3    1 
ATOM 16  C C4    . DC A 1 1  ? -18.97525 -15.29257 -13.72141 1.000 303.71074 ? 106 DC E C4    1 
ATOM 17  N N4    . DC A 1 1  ? -18.15783 -15.30142 -14.78022 1.000 301.31743 ? 106 DC E N4    1 
ATOM 18  C C5    . DC A 1 1  ? -19.96546 -14.27540 -13.59527 1.000 305.01211 ? 106 DC E C5    1 
ATOM 19  C C6    . DC A 1 1  ? -20.75754 -14.30523 -12.51696 1.000 307.60431 ? 106 DC E C6    1 
ATOM 20  P P     . DG A 1 2  ? -21.42968 -13.79165 -5.97334  1.000 434.07051 ? 107 DG E P     1 
ATOM 21  O OP1   . DG A 1 2  ? -22.25507 -13.06211 -4.98578  1.000 448.83705 ? 107 DG E OP1   1 
ATOM 22  O OP2   . DG A 1 2  ? -20.23552 -13.11996 -6.52768  1.000 421.46056 ? 107 DG E OP2   1 
ATOM 23  O "O5'" . DG A 1 2  ? -20.96549 -15.19900 -5.34812  1.000 444.05377 ? 107 DG E "O5'" 1 
ATOM 24  C "C5'" . DG A 1 2  ? -20.68182 -16.32229 -6.20316  1.000 442.75155 ? 107 DG E "C5'" 1 
ATOM 25  C "C4'" . DG A 1 2  ? -19.18656 -16.60104 -6.26237  1.000 448.20007 ? 107 DG E "C4'" 1 
ATOM 26  O "O4'" . DG A 1 2  ? -18.75978 -16.73262 -7.63645  1.000 442.43621 ? 107 DG E "O4'" 1 
ATOM 27  C "C3'" . DG A 1 2  ? -18.32049 -15.49976 -5.69553  1.000 449.22027 ? 107 DG E "C3'" 1 
ATOM 28  O "O3'" . DG A 1 2  ? -18.15830 -15.69673 -4.30188  1.000 462.19541 ? 107 DG E "O3'" 1 
ATOM 29  C "C2'" . DG A 1 2  ? -16.99991 -15.67501 -6.44196  1.000 437.17338 ? 107 DG E "C2'" 1 
ATOM 30  C "C1'" . DG A 1 2  ? -17.39696 -16.34318 -7.75571  1.000 434.54743 ? 107 DG E "C1'" 1 
ATOM 31  N N9    . DG A 1 2  ? -17.25978 -15.49594 -8.95272  1.000 268.53091 ? 107 DG E N9    1 
ATOM 32  C C8    . DG A 1 2  ? -17.91443 -14.31255 -9.20839  1.000 268.53046 ? 107 DG E C8    1 
ATOM 33  N N7    . DG A 1 2  ? -17.63964 -13.79741 -10.37480 1.000 266.30483 ? 107 DG E N7    1 
ATOM 34  C C5    . DG A 1 2  ? -16.73328 -14.68544 -10.93550 1.000 264.64275 ? 107 DG E C5    1 
ATOM 35  C C6    . DG A 1 2  ? -16.07545 -14.64294 -12.18938 1.000 262.17608 ? 107 DG E C6    1 
ATOM 36  O O6    . DG A 1 2  ? -16.17433 -13.77964 -13.07556 1.000 260.96697 ? 107 DG E O6    1 
ATOM 37  N N1    . DG A 1 2  ? -15.23586 -15.74241 -12.36784 1.000 261.41390 ? 107 DG E N1    1 
ATOM 38  C C2    . DG A 1 2  ? -15.05371 -16.75450 -11.44809 1.000 262.89707 ? 107 DG E C2    1 
ATOM 39  N N2    . DG A 1 2  ? -14.20509 -17.73381 -11.79402 1.000 262.10298 ? 107 DG E N2    1 
ATOM 40  N N3    . DG A 1 2  ? -15.66870 -16.80709 -10.26842 1.000 265.27463 ? 107 DG E N3    1 
ATOM 41  C C4    . DG A 1 2  ? -16.49069 -15.74317 -10.07743 1.000 265.99257 ? 107 DG E C4    1 
ATOM 42  P P     . DA A 1 3  ? -17.34249 -14.62897 -3.42450  1.000 387.33380 ? 108 DA E P     1 
ATOM 43  O OP1   . DA A 1 3  ? -17.98270 -14.56536 -2.09111  1.000 404.50664 ? 108 DA E OP1   1 
ATOM 44  O OP2   . DA A 1 3  ? -17.20183 -13.40196 -4.24046  1.000 382.09109 ? 108 DA E OP2   1 
ATOM 45  O "O5'" . DA A 1 3  ? -15.88954 -15.28327 -3.29085  1.000 381.55797 ? 108 DA E "O5'" 1 
ATOM 46  C "C5'" . DA A 1 3  ? -15.75757 -16.68077 -3.06605  1.000 386.12974 ? 108 DA E "C5'" 1 
ATOM 47  C "C4'" . DA A 1 3  ? -14.49231 -17.22014 -3.71459  1.000 380.32827 ? 108 DA E "C4'" 1 
ATOM 48  O "O4'" . DA A 1 3  ? -14.49119 -16.88136 -5.12983  1.000 366.09069 ? 108 DA E "O4'" 1 
ATOM 49  C "C3'" . DA A 1 3  ? -13.18266 -16.66881 -3.14832  1.000 379.58533 ? 108 DA E "C3'" 1 
ATOM 50  O "O3'" . DA A 1 3  ? -12.17546 -17.69164 -3.14493  1.000 380.61455 ? 108 DA E "O3'" 1 
ATOM 51  C "C2'" . DA A 1 3  ? -12.84776 -15.55825 -4.13064  1.000 365.25266 ? 108 DA E "C2'" 1 
ATOM 52  C "C1'" . DA A 1 3  ? -13.32069 -16.16438 -5.44278  1.000 357.13863 ? 108 DA E "C1'" 1 
ATOM 53  N N9    . DA A 1 3  ? -13.63197 -15.15039 -6.44592  1.000 251.35244 ? 108 DA E N9    1 
ATOM 54  C C8    . DA A 1 3  ? -14.43582 -14.05559 -6.28278  1.000 252.16850 ? 108 DA E C8    1 
ATOM 55  N N7    . DA A 1 3  ? -14.52633 -13.29922 -7.34733  1.000 250.41029 ? 108 DA E N7    1 
ATOM 56  C C5    . DA A 1 3  ? -13.70014 -13.91890 -8.26769  1.000 248.19630 ? 108 DA E C5    1 
ATOM 57  C C6    . DA A 1 3  ? -13.35258 -13.58985 -9.59001  1.000 245.85998 ? 108 DA E C6    1 
ATOM 58  N N6    . DA A 1 3  ? -13.83399 -12.51784 -10.21982 1.000 245.40373 ? 108 DA E N6    1 
ATOM 59  N N1    . DA A 1 3  ? -12.49980 -14.40775 -10.24033 1.000 244.29208 ? 108 DA E N1    1 
ATOM 60  C C2    . DA A 1 3  ? -12.02190 -15.48413 -9.59498  1.000 245.01712 ? 108 DA E C2    1 
ATOM 61  N N3    . DA A 1 3  ? -12.27566 -15.89608 -8.34386  1.000 247.21485 ? 108 DA E N3    1 
ATOM 62  C C4    . DA A 1 3  ? -13.13750 -15.06313 -7.73253  1.000 248.72876 ? 108 DA E C4    1 
ATOM 63  P P     . DC A 1 4  ? -10.67082 -17.37281 -2.66352  1.000 335.08745 ? 109 DC E P     1 
ATOM 64  O OP1   . DC A 1 4  ? -9.95096  -18.66563 -2.63161  1.000 332.09049 ? 109 DC E OP1   1 
ATOM 65  O OP2   . DC A 1 4  ? -10.73844 -16.52950 -1.44908  1.000 345.68243 ? 109 DC E OP2   1 
ATOM 66  O "O5'" . DC A 1 4  ? -10.07041 -16.47332 -3.84477  1.000 325.16706 ? 109 DC E "O5'" 1 
ATOM 67  C "C5'" . DC A 1 4  ? -8.66813  -16.25412 -3.97166  1.000 313.08440 ? 109 DC E "C5'" 1 
ATOM 68  C "C4'" . DC A 1 4  ? -8.29017  -16.22827 -5.44120  1.000 295.72432 ? 109 DC E "C4'" 1 
ATOM 69  O "O4'" . DC A 1 4  ? -9.48309  -15.97863 -6.22592  1.000 292.03911 ? 109 DC E "O4'" 1 
ATOM 70  C "C3'" . DC A 1 4  ? -7.33516  -15.12407 -5.86590  1.000 279.07767 ? 109 DC E "C3'" 1 
ATOM 71  O "O3'" . DC A 1 4  ? -5.96042  -15.47641 -5.57837  1.000 278.28921 ? 109 DC E "O3'" 1 
ATOM 72  C "C2'" . DC A 1 4  ? -7.61714  -15.05022 -7.35653  1.000 264.29546 ? 109 DC E "C2'" 1 
ATOM 73  C "C1'" . DC A 1 4  ? -9.12852  -15.28015 -7.40752  1.000 272.93521 ? 109 DC E "C1'" 1 
ATOM 74  N N1    . DC A 1 4  ? -9.91796  -14.00778 -7.50169  1.000 268.77482 ? 109 DC E N1    1 
ATOM 75  C C2    . DC A 1 4  ? -9.78332  -13.21500 -8.64400  1.000 250.83722 ? 109 DC E C2    1 
ATOM 76  O O2    . DC A 1 4  ? -9.01646  -13.59180 -9.54136  1.000 242.90557 ? 109 DC E O2    1 
ATOM 77  N N3    . DC A 1 4  ? -10.48670 -12.06250 -8.73237  1.000 248.08654 ? 109 DC E N3    1 
ATOM 78  C C4    . DC A 1 4  ? -11.29969 -11.69993 -7.73688  1.000 262.26924 ? 109 DC E C4    1 
ATOM 79  N N4    . DC A 1 4  ? -11.97720 -10.55644 -7.86885  1.000 258.02558 ? 109 DC E N4    1 
ATOM 80  C C5    . DC A 1 4  ? -11.44921 -12.49186 -6.55955  1.000 279.84535 ? 109 DC E C5    1 
ATOM 81  C C6    . DC A 1 4  ? -10.74284 -13.62618 -6.48211  1.000 282.63489 ? 109 DC E C6    1 
ATOM 82  P P     . DC A 1 5  ? -4.99892  -16.18674 -6.66625  1.000 269.47082 ? 110 DC E P     1 
ATOM 83  O OP1   . DC A 1 5  ? -5.70010  -17.33838 -7.28219  1.000 280.23344 ? 110 DC E OP1   1 
ATOM 84  O OP2   . DC A 1 5  ? -3.73042  -16.42501 -5.94342  1.000 268.36032 ? 110 DC E OP2   1 
ATOM 85  O "O5'" . DC A 1 5  ? -4.68630  -15.06417 -7.78187  1.000 259.50751 ? 110 DC E "O5'" 1 
ATOM 86  C "C5'" . DC A 1 5  ? -3.81519  -15.38359 -8.89356  1.000 259.40686 ? 110 DC E "C5'" 1 
ATOM 87  C "C4'" . DC A 1 5  ? -3.83336  -14.30097 -9.97263  1.000 251.44484 ? 110 DC E "C4'" 1 
ATOM 88  O "O4'" . DC A 1 5  ? -5.14549  -13.72190 -10.05635 1.000 251.11876 ? 110 DC E "O4'" 1 
ATOM 89  C "C3'" . DC A 1 5  ? -2.88981  -13.13106 -9.73697  1.000 240.90225 ? 110 DC E "C3'" 1 
ATOM 90  O "O3'" . DC A 1 5  ? -1.64102  -13.38139 -10.38496 1.000 238.57710 ? 110 DC E "O3'" 1 
ATOM 91  C "C2'" . DC A 1 5  ? -3.60869  -11.93883 -10.38100 1.000 238.66220 ? 110 DC E "C2'" 1 
ATOM 92  C "C1'" . DC A 1 5  ? -5.05898  -12.38599 -10.51208 1.000 244.69155 ? 110 DC E "C1'" 1 
ATOM 93  N N1    . DC A 1 5  ? -6.02671  -11.58271 -9.71759  1.000 247.46045 ? 110 DC E N1    1 
ATOM 94  C C2    . DC A 1 5  ? -6.51657  -10.35298 -10.19839 1.000 248.47062 ? 110 DC E C2    1 
ATOM 95  O O2    . DC A 1 5  ? -6.11983  -9.91312  -11.28761 1.000 246.98230 ? 110 DC E O2    1 
ATOM 96  N N3    . DC A 1 5  ? -7.42845  -9.67813  -9.44110  1.000 251.39992 ? 110 DC E N3    1 
ATOM 97  C C4    . DC A 1 5  ? -7.83823  -10.18662 -8.27433  1.000 253.16657 ? 110 DC E C4    1 
ATOM 98  N N4    . DC A 1 5  ? -8.72929  -9.49502  -7.55490  1.000 256.16356 ? 110 DC E N4    1 
ATOM 99  C C5    . DC A 1 5  ? -7.34662  -11.42551 -7.78370  1.000 252.24991 ? 110 DC E C5    1 
ATOM 100 C C6    . DC A 1 5  ? -6.46275  -12.08225 -8.53110  1.000 249.44760 ? 110 DC E C6    1 
ATOM 101 P P     . DT A 1 6  ? -0.38972  -12.38906 -10.17346 1.000 264.15235 ? 111 DT E P     1 
ATOM 102 O OP1   . DT A 1 6  ? 0.69149   -13.18069 -9.54935  1.000 267.64554 ? 111 DT E OP1   1 
ATOM 103 O OP2   . DT A 1 6  ? -0.84368  -11.14730 -9.51001  1.000 258.28181 ? 111 DT E OP2   1 
ATOM 104 O "O5'" . DT A 1 6  ? 0.08299   -12.02007 -11.66159 1.000 263.64835 ? 111 DT E "O5'" 1 
ATOM 105 C "C5'" . DT A 1 6  ? -0.84861  -11.53004 -12.62318 1.000 266.48729 ? 111 DT E "C5'" 1 
ATOM 106 C "C4'" . DT A 1 6  ? -0.72754  -10.02158 -12.79154 1.000 261.38246 ? 111 DT E "C4'" 1 
ATOM 107 O "O4'" . DT A 1 6  ? -1.98697  -9.41841  -12.44822 1.000 259.05633 ? 111 DT E "O4'" 1 
ATOM 108 C "C3'" . DT A 1 6  ? 0.31651   -9.35156  -11.90052 1.000 253.62944 ? 111 DT E "C3'" 1 
ATOM 109 O "O3'" . DT A 1 6  ? 1.49243   -9.03939  -12.64987 1.000 252.82506 ? 111 DT E "O3'" 1 
ATOM 110 C "C2'" . DT A 1 6  ? -0.36227  -8.07754  -11.37867 1.000 247.74366 ? 111 DT E "C2'" 1 
ATOM 111 C "C1'" . DT A 1 6  ? -1.78030  -8.12546  -11.94316 1.000 251.00716 ? 111 DT E "C1'" 1 
ATOM 112 N N1    . DT A 1 6  ? -2.82074  -7.87264  -10.91362 1.000 247.05952 ? 111 DT E N1    1 
ATOM 113 C C2    . DT A 1 6  ? -3.63164  -6.76874  -11.02106 1.000 243.51449 ? 111 DT E C2    1 
ATOM 114 O O2    . DT A 1 6  ? -3.54654  -5.96538  -11.93170 1.000 244.05910 ? 111 DT E O2    1 
ATOM 115 N N3    . DT A 1 6  ? -4.55664  -6.64209  -10.01304 1.000 241.30793 ? 111 DT E N3    1 
ATOM 116 C C4    . DT A 1 6  ? -4.73941  -7.49068  -8.93804  1.000 240.03200 ? 111 DT E C4    1 
ATOM 117 O O4    . DT A 1 6  ? -5.59418  -7.29834  -8.08124  1.000 237.13232 ? 111 DT E O4    1 
ATOM 118 C C5    . DT A 1 6  ? -3.85491  -8.62248  -8.89195  1.000 243.22577 ? 111 DT E C5    1 
ATOM 119 C C7    . DT A 1 6  ? -3.95923  -9.60948  -7.77279  1.000 242.77737 ? 111 DT E C7    1 
ATOM 120 C C6    . DT A 1 6  ? -2.94767  -8.75281  -9.86506  1.000 246.74757 ? 111 DT E C6    1 
ATOM 121 P P     . DG A 1 7  ? 2.75144   -8.34980  -11.91976 1.000 273.55338 ? 112 DG E P     1 
ATOM 122 O OP1   . DG A 1 7  ? 3.95731   -8.63930  -12.72849 1.000 275.52797 ? 112 DG E OP1   1 
ATOM 123 O OP2   . DG A 1 7  ? 2.71197   -8.74374  -10.49102 1.000 270.47842 ? 112 DG E OP2   1 
ATOM 124 O "O5'" . DG A 1 7  ? 2.43982   -6.77579  -11.99245 1.000 265.99673 ? 112 DG E "O5'" 1 
ATOM 125 C "C5'" . DG A 1 7  ? 2.37234   -6.10741  -13.25581 1.000 266.29994 ? 112 DG E "C5'" 1 
ATOM 126 C "C4'" . DG A 1 7  ? 1.78866   -4.70679  -13.10937 1.000 256.16676 ? 112 DG E "C4'" 1 
ATOM 127 O "O4'" . DG A 1 7  ? 0.56268   -4.76932  -12.32836 1.000 257.22469 ? 112 DG E "O4'" 1 
ATOM 128 C "C3'" . DG A 1 7  ? 2.68644   -3.69266  -12.38957 1.000 249.19084 ? 112 DG E "C3'" 1 
ATOM 129 O "O3'" . DG A 1 7  ? 2.51017   -2.38565  -12.95616 1.000 244.70871 ? 112 DG E "O3'" 1 
ATOM 130 C "C2'" . DG A 1 7  ? 2.14220   -3.74321  -10.97210 1.000 248.22550 ? 112 DG E "C2'" 1 
ATOM 131 C "C1'" . DG A 1 7  ? 0.65707   -3.85663  -11.25932 1.000 250.13134 ? 112 DG E "C1'" 1 
ATOM 132 N N9    . DG A 1 7  ? -0.13618  -4.35327  -10.13779 1.000 253.87544 ? 112 DG E N9    1 
ATOM 133 C C8    . DG A 1 7  ? 0.02082   -5.54287  -9.47033  1.000 260.03300 ? 112 DG E C8    1 
ATOM 134 N N7    . DG A 1 7  ? -0.84413  -5.71939  -8.50988  1.000 260.91446 ? 112 DG E N7    1 
ATOM 135 C C5    . DG A 1 7  ? -1.62415  -4.57129  -8.53849  1.000 256.27246 ? 112 DG E C5    1 
ATOM 136 C C6    . DG A 1 7  ? -2.72368  -4.19195  -7.72838  1.000 254.56998 ? 112 DG E C6    1 
ATOM 137 O O6    . DG A 1 7  ? -3.23996  -4.81819  -6.79305  1.000 257.50219 ? 112 DG E O6    1 
ATOM 138 N N1    . DG A 1 7  ? -3.22848  -2.94831  -8.09456  1.000 248.01676 ? 112 DG E N1    1 
ATOM 139 C C2    . DG A 1 7  ? -2.73127  -2.16958  -9.11479  1.000 246.38301 ? 112 DG E C2    1 
ATOM 140 N N2    . DG A 1 7  ? -3.34635  -0.99647  -9.32470  1.000 244.37077 ? 112 DG E N2    1 
ATOM 141 N N3    . DG A 1 7  ? -1.70107  -2.51476  -9.87957  1.000 246.66802 ? 112 DG E N3    1 
ATOM 142 C C4    . DG A 1 7  ? -1.19998  -3.72374  -9.53694  1.000 250.73810 ? 112 DG E C4    1 
ATOM 143 P P     . DT A 1 8  ? 3.76972   -1.52716  -13.47660 1.000 244.69907 ? 113 DT E P     1 
ATOM 144 O OP1   . DT A 1 8  ? 3.24242   -0.49533  -14.39954 1.000 243.32971 ? 113 DT E OP1   1 
ATOM 145 O OP2   . DT A 1 8  ? 4.80254   -2.47931  -13.94633 1.000 251.78045 ? 113 DT E OP2   1 
ATOM 146 O "O5'" . DT A 1 8  ? 4.33756   -0.79789  -12.16617 1.000 238.62971 ? 113 DT E "O5'" 1 
ATOM 147 C "C5'" . DT A 1 8  ? 3.47924   -0.51336  -11.06966 1.000 236.49031 ? 113 DT E "C5'" 1 
ATOM 148 C "C4'" . DT A 1 8  ? 2.42464   0.51414   -11.44090 1.000 235.08956 ? 113 DT E "C4'" 1 
ATOM 149 O "O4'" . DT A 1 8  ? 1.12992   0.07277   -10.95401 1.000 237.67745 ? 113 DT E "O4'" 1 
ATOM 150 C "C3'" . DT A 1 8  ? 2.62873   1.88084   -10.81746 1.000 231.00562 ? 113 DT E "C3'" 1 
ATOM 151 O "O3'" . DT A 1 8  ? 1.98749   2.88155   -11.60676 1.000 227.58871 ? 113 DT E "O3'" 1 
ATOM 152 C "C2'" . DT A 1 8  ? 1.95779   1.70999   -9.45885  1.000 230.71682 ? 113 DT E "C2'" 1 
ATOM 153 C "C1'" . DT A 1 8  ? 0.78560   0.78601   -9.77417  1.000 235.79145 ? 113 DT E "C1'" 1 
ATOM 154 N N1    . DT A 1 8  ? 0.47719   -0.21918  -8.68610  1.000 238.56818 ? 113 DT E N1    1 
ATOM 155 C C2    . DT A 1 8  ? -0.59207  -0.00933  -7.83402  1.000 239.13935 ? 113 DT E C2    1 
ATOM 156 O O2    . DT A 1 8  ? -1.31143  0.96986   -7.89446  1.000 237.70406 ? 113 DT E O2    1 
ATOM 157 N N3    . DT A 1 8  ? -0.78236  -1.00337  -6.89808  1.000 245.78288 ? 113 DT E N3    1 
ATOM 158 C C4    . DT A 1 8  ? -0.03594  -2.15136  -6.73705  1.000 252.30688 ? 113 DT E C4    1 
ATOM 159 O O4    . DT A 1 8  ? -0.27925  -2.98624  -5.87008  1.000 258.42259 ? 113 DT E O4    1 
ATOM 160 C C5    . DT A 1 8  ? 1.05737   -2.30748  -7.65743  1.000 250.98254 ? 113 DT E C5    1 
ATOM 161 C C7    . DT A 1 8  ? 1.93505   -3.51507  -7.56554  1.000 257.07097 ? 113 DT E C7    1 
ATOM 162 C C6    . DT A 1 8  ? 1.25867   -1.34955  -8.57700  1.000 243.87318 ? 113 DT E C6    1 
ATOM 163 P P     . DA A 1 9  ? 1.90319   4.40399   -11.09554 1.000 223.59359 ? 114 DA E P     1 
ATOM 164 O OP1   . DA A 1 9  ? 1.71868   5.27230   -12.28014 1.000 226.17214 ? 114 DA E OP1   1 
ATOM 165 O OP2   . DA A 1 9  ? 3.04640   4.65612   -10.19443 1.000 223.66759 ? 114 DA E OP2   1 
ATOM 166 O "O5'" . DA A 1 9  ? 0.57130   4.42657   -10.21438 1.000 221.04372 ? 114 DA E "O5'" 1 
ATOM 167 C "C5'" . DA A 1 9  ? 0.02742   5.65308   -9.78776  1.000 221.23679 ? 114 DA E "C5'" 1 
ATOM 168 C "C4'" . DA A 1 9  ? 0.15427   5.81317   -8.28171  1.000 219.46057 ? 114 DA E "C4'" 1 
ATOM 169 O "O4'" . DA A 1 9  ? 0.16024   4.51165   -7.62396  1.000 217.17260 ? 114 DA E "O4'" 1 
ATOM 170 C "C3'" . DA A 1 9  ? 1.42255   6.53472   -7.79764  1.000 220.91408 ? 114 DA E "C3'" 1 
ATOM 171 O "O3'" . DA A 1 9  ? 1.07601   7.53126   -6.84843  1.000 220.87920 ? 114 DA E "O3'" 1 
ATOM 172 C "C2'" . DA A 1 9  ? 2.21397   5.41541   -7.12257  1.000 219.48166 ? 114 DA E "C2'" 1 
ATOM 173 C "C1'" . DA A 1 9  ? 1.07641   4.58677   -6.55846  1.000 216.73472 ? 114 DA E "C1'" 1 
ATOM 174 N N9    . DA A 1 9  ? 1.46982   3.24145   -6.11780  1.000 215.26815 ? 114 DA E N9    1 
ATOM 175 C C8    . DA A 1 9  ? 2.55422   2.52386   -6.53704  1.000 216.27084 ? 114 DA E C8    1 
ATOM 176 N N7    . DA A 1 9  ? 2.67383   1.34915   -5.96870  1.000 215.23641 ? 114 DA E N7    1 
ATOM 177 C C5    . DA A 1 9  ? 1.61465   1.29994   -5.08558  1.000 218.50017 ? 114 DA E C5    1 
ATOM 178 C C6    . DA A 1 9  ? 1.19634   0.31408   -4.17830  1.000 226.78757 ? 114 DA E C6    1 
ATOM 179 N N6    . DA A 1 9  ? 1.83221   -0.84885  -4.01616  1.000 232.89643 ? 114 DA E N6    1 
ATOM 180 N N1    . DA A 1 9  ? 0.09830   0.56998   -3.44254  1.000 228.53956 ? 114 DA E N1    1 
ATOM 181 C C2    . DA A 1 9  ? -0.53533  1.74039   -3.61006  1.000 222.07741 ? 114 DA E C2    1 
ATOM 182 N N3    . DA A 1 9  ? -0.23418  2.74775   -4.43558  1.000 215.36670 ? 114 DA E N3    1 
ATOM 183 C C4    . DA A 1 9  ? 0.86436   2.45925   -5.15358  1.000 214.03738 ? 114 DA E C4    1 
ATOM 184 P P     . DC A 1 10 ? 0.07481   8.73052   -7.22990  1.000 224.78940 ? 115 DC E P     1 
ATOM 185 O OP1   . DC A 1 10 ? -1.31913  8.24896   -7.12347  1.000 222.78264 ? 115 DC E OP1   1 
ATOM 186 O OP2   . DC A 1 10 ? 0.54070   9.33824   -8.49390  1.000 227.73212 ? 115 DC E OP2   1 
ATOM 187 O "O5'" . DC A 1 10 ? 0.30671   9.78276   -6.05083  1.000 225.60538 ? 115 DC E "O5'" 1 
ATOM 188 C "C5'" . DC A 1 10 ? 0.74844   9.32794   -4.76933  1.000 223.96245 ? 115 DC E "C5'" 1 
ATOM 189 C "C4'" . DC A 1 10 ? -0.42528  9.03722   -3.85211  1.000 221.56575 ? 115 DC E "C4'" 1 
ATOM 190 O "O4'" . DC A 1 10 ? -0.45515  7.62604   -3.52227  1.000 218.85777 ? 115 DC E "O4'" 1 
ATOM 191 C "C3'" . DC A 1 10 ? -0.36360  9.72176   -2.50944  1.000 222.29497 ? 115 DC E "C3'" 1 
ATOM 192 O "O3'" . DC A 1 10 ? -1.67412  9.74645   -1.96341  1.000 221.96657 ? 115 DC E "O3'" 1 
ATOM 193 C "C2'" . DC A 1 10 ? 0.57248   8.78463   -1.73765  1.000 220.93581 ? 115 DC E "C2'" 1 
ATOM 194 C "C1'" . DC A 1 10 ? 0.10137   7.41857   -2.22878  1.000 217.97471 ? 115 DC E "C1'" 1 
ATOM 195 N N1    . DC A 1 10 ? 1.16772   6.37291   -2.36714  1.000 217.47778 ? 115 DC E N1    1 
ATOM 196 C C2    . DC A 1 10 ? 1.09053   5.19321   -1.61128  1.000 216.15541 ? 115 DC E C2    1 
ATOM 197 O O2    . DC A 1 10 ? 0.17189   5.05874   -0.78934  1.000 216.49757 ? 115 DC E O2    1 
ATOM 198 N N3    . DC A 1 10 ? 2.04112   4.24096   -1.78800  1.000 216.78321 ? 115 DC E N3    1 
ATOM 199 C C4    . DC A 1 10 ? 3.01287   4.42740   -2.68373  1.000 217.15672 ? 115 DC E C4    1 
ATOM 200 N N4    . DC A 1 10 ? 3.92778   3.46755   -2.82388  1.000 217.31808 ? 115 DC E N4    1 
ATOM 201 C C5    . DC A 1 10 ? 3.09158   5.60737   -3.47477  1.000 219.42148 ? 115 DC E C5    1 
ATOM 202 C C6    . DC A 1 10 ? 2.15210   6.53655   -3.29517  1.000 219.50070 ? 115 DC E C6    1 
ATOM 203 P P     . DG A 1 11 ? -1.95766  10.34587  -0.50245  1.000 221.71426 ? 116 DG E P     1 
ATOM 204 O OP1   . DG A 1 11 ? -3.26690  11.03548  -0.55372  1.000 222.35370 ? 116 DG E OP1   1 
ATOM 205 O OP2   . DG A 1 11 ? -0.76536  11.10736  -0.06548  1.000 224.08469 ? 116 DG E OP2   1 
ATOM 206 O "O5'" . DG A 1 11 ? -2.08689  9.03556   0.40462   1.000 218.55690 ? 116 DG E "O5'" 1 
ATOM 207 C "C5'" . DG A 1 11 ? -3.18980  8.87421   1.28620   1.000 217.15582 ? 116 DG E "C5'" 1 
ATOM 208 C "C4'" . DG A 1 11 ? -2.70804  8.49225   2.67302   1.000 216.22013 ? 116 DG E "C4'" 1 
ATOM 209 O "O4'" . DG A 1 11 ? -1.45485  7.76766   2.55705   1.000 215.80559 ? 116 DG E "O4'" 1 
ATOM 210 C "C3'" . DG A 1 11 ? -2.39851  9.67005   3.58704   1.000 218.52339 ? 116 DG E "C3'" 1 
ATOM 211 O "O3'" . DG A 1 11 ? -2.52128  9.27051   4.94982   1.000 217.41640 ? 116 DG E "O3'" 1 
ATOM 212 C "C2'" . DG A 1 11 ? -0.95113  9.96156   3.22533   1.000 220.32957 ? 116 DG E "C2'" 1 
ATOM 213 C "C1'" . DG A 1 11 ? -0.41039  8.54562   3.10915   1.000 217.94890 ? 116 DG E "C1'" 1 
ATOM 214 N N9    . DG A 1 11 ? 0.76269   8.42236   2.25744   1.000 219.07794 ? 116 DG E N9    1 
ATOM 215 C C8    . DG A 1 11 ? 1.31597   9.38413   1.44660   1.000 221.83017 ? 116 DG E C8    1 
ATOM 216 N N7    . DG A 1 11 ? 2.37502   8.97154   0.80567   1.000 222.46232 ? 116 DG E N7    1 
ATOM 217 C C5    . DG A 1 11 ? 2.52477   7.65576   1.22036   1.000 219.99889 ? 116 DG E C5    1 
ATOM 218 C C6    . DG A 1 11 ? 3.49479   6.69433   0.86725   1.000 219.71534 ? 116 DG E C6    1 
ATOM 219 O O6    . DG A 1 11 ? 4.44427   6.81885   0.08811   1.000 221.57928 ? 116 DG E O6    1 
ATOM 220 N N1    . DG A 1 11 ? 3.28166   5.48253   1.52475   1.000 217.25989 ? 116 DG E N1    1 
ATOM 221 C C2    . DG A 1 11 ? 2.25790   5.24096   2.41036   1.000 215.31592 ? 116 DG E C2    1 
ATOM 222 N N2    . DG A 1 11 ? 2.20389   4.01721   2.95026   1.000 213.39170 ? 116 DG E N2    1 
ATOM 223 N N3    . DG A 1 11 ? 1.34730   6.13415   2.74636   1.000 215.54345 ? 116 DG E N3    1 
ATOM 224 C C4    . DG A 1 11 ? 1.54303   7.31082   2.11522   1.000 217.92284 ? 116 DG E C4    1 
ATOM 225 P P     . DG A 1 12 ? -2.80381  10.35920  6.09947   1.000 246.54083 ? 117 DG E P     1 
ATOM 226 O OP1   . DG A 1 12 ? -4.22018  10.76731  5.97988   1.000 245.65540 ? 117 DG E OP1   1 
ATOM 227 O OP2   . DG A 1 12 ? -1.74767  11.39874  6.03474   1.000 250.47753 ? 117 DG E OP2   1 
ATOM 228 O "O5'" . DG A 1 12 ? -2.61879  9.52483   7.45680   1.000 244.85984 ? 117 DG E "O5'" 1 
ATOM 229 C "C5'" . DG A 1 12 ? -3.47047  8.40144   7.73298   1.000 241.15404 ? 117 DG E "C5'" 1 
ATOM 230 C "C4'" . DG A 1 12 ? -2.66400  7.12705   7.98243   1.000 239.20702 ? 117 DG E "C4'" 1 
ATOM 231 O "O4'" . DG A 1 12 ? -1.63092  6.99288   6.97123   1.000 240.42283 ? 117 DG E "O4'" 1 
ATOM 232 C "C3'" . DG A 1 12 ? -1.92811  7.06505   9.31907   1.000 240.71334 ? 117 DG E "C3'" 1 
ATOM 233 O "O3'" . DG A 1 12 ? -1.77095  5.70413   9.73381   1.000 241.18960 ? 117 DG E "O3'" 1 
ATOM 234 C "C2'" . DG A 1 12 ? -0.58834  7.68522   8.96277   1.000 243.18540 ? 117 DG E "C2'" 1 
ATOM 235 C "C1'" . DG A 1 12 ? -0.35675  7.08807   7.57977   1.000 242.24903 ? 117 DG E "C1'" 1 
ATOM 236 N N9    . DG A 1 12 ? 0.48647   7.90326   6.72560   1.000 245.41895 ? 117 DG E N9    1 
ATOM 237 C C8    . DG A 1 12 ? 0.26837   9.20437   6.35833   1.000 248.14211 ? 117 DG E C8    1 
ATOM 238 N N7    . DG A 1 12 ? 1.19082   9.68341   5.57919   1.000 250.66790 ? 117 DG E N7    1 
ATOM 239 C C5    . DG A 1 12 ? 2.07300   8.62939   5.41178   1.000 249.61046 ? 117 DG E C5    1 
ATOM 240 C C6    . DG A 1 12 ? 3.26480   8.55699   4.66701   1.000 251.44751 ? 117 DG E C6    1 
ATOM 241 O O6    . DG A 1 12 ? 3.78823   9.44247   3.98178   1.000 254.32487 ? 117 DG E O6    1 
ATOM 242 N N1    . DG A 1 12 ? 3.85965   7.30639   4.77201   1.000 249.75941 ? 117 DG E N1    1 
ATOM 243 C C2    . DG A 1 12 ? 3.36125   6.25482   5.50361   1.000 246.52529 ? 117 DG E C2    1 
ATOM 244 N N2    . DG A 1 12 ? 4.07589   5.12494   5.48557   1.000 245.44260 ? 117 DG E N2    1 
ATOM 245 N N3    . DG A 1 12 ? 2.23960   6.31257   6.20709   1.000 244.62000 ? 117 DG E N3    1 
ATOM 246 C C4    . DG A 1 12 ? 1.65136   7.52619   6.11371   1.000 246.39155 ? 117 DG E C4    1 
ATOM 247 P P     . DA A 1 13 ? -1.89265  5.30670   11.28865  1.000 268.92113 ? 118 DA E P     1 
ATOM 248 O OP1   . DA A 1 13 ? -3.29899  4.93223   11.55905  1.000 269.72623 ? 118 DA E OP1   1 
ATOM 249 O OP2   . DA A 1 13 ? -1.26396  6.38843   12.07902  1.000 271.98031 ? 118 DA E OP2   1 
ATOM 250 O "O5'" . DA A 1 13 ? -0.96175  4.01310   11.43813  1.000 266.96411 ? 118 DA E "O5'" 1 
ATOM 251 C "C5'" . DA A 1 13 ? -0.76383  3.13568   10.33976  1.000 266.60044 ? 118 DA E "C5'" 1 
ATOM 252 C "C4'" . DA A 1 13 ? 0.55755   2.39722   10.47762  1.000 267.06544 ? 118 DA E "C4'" 1 
ATOM 253 O "O4'" . DA A 1 13 ? 1.55689   3.01853   9.62990   1.000 265.94732 ? 118 DA E "O4'" 1 
ATOM 254 C "C3'" . DA A 1 13 ? 1.15315   2.39188   11.87773  1.000 269.91638 ? 118 DA E "C3'" 1 
ATOM 255 O "O3'" . DA A 1 13 ? 1.88508   1.19660   12.07813  1.000 270.74662 ? 118 DA E "O3'" 1 
ATOM 256 C "C2'" . DA A 1 13 ? 2.07020   3.61067   11.85698  1.000 270.81875 ? 118 DA E "C2'" 1 
ATOM 257 C "C1'" . DA A 1 13 ? 2.57510   3.60437   10.42083  1.000 268.10527 ? 118 DA E "C1'" 1 
ATOM 258 N N9    . DA A 1 13 ? 2.84078   4.93950   9.90457   1.000 267.29181 ? 118 DA E N9    1 
ATOM 259 C C8    . DA A 1 13 ? 2.05469   6.04658   10.04921  1.000 268.78102 ? 118 DA E C8    1 
ATOM 260 N N7    . DA A 1 13 ? 2.53977   7.12203   9.47686   1.000 268.91449 ? 118 DA E N7    1 
ATOM 261 C C5    . DA A 1 13 ? 3.73088   6.69085   8.92170   1.000 267.01124 ? 118 DA E C5    1 
ATOM 262 C C6    . DA A 1 13 ? 4.72253   7.35728   8.17897   1.000 267.26793 ? 118 DA E C6    1 
ATOM 263 N N6    . DA A 1 13 ? 4.65732   8.65372   7.85751   1.000 271.24687 ? 118 DA E N6    1 
ATOM 264 N N1    . DA A 1 13 ? 5.78694   6.63330   7.77337   1.000 265.12074 ? 118 DA E N1    1 
ATOM 265 C C2    . DA A 1 13 ? 5.84762   5.33398   8.09873   1.000 265.35623 ? 118 DA E C2    1 
ATOM 266 N N3    . DA A 1 13 ? 4.97655   4.60090   8.79187   1.000 266.14255 ? 118 DA E N3    1 
ATOM 267 C C4    . DA A 1 13 ? 3.93039   5.34802   9.17621   1.000 266.47977 ? 118 DA E C4    1 
ATOM 268 P P     . DC A 1 14 ? 2.78679   1.00436   13.39460  1.000 257.85774 ? 119 DC E P     1 
ATOM 269 O OP1   . DC A 1 14 ? 2.77054   -0.43803  13.71897  1.000 257.87857 ? 119 DC E OP1   1 
ATOM 270 O OP2   . DC A 1 14 ? 2.35275   1.98557   14.41445  1.000 260.34818 ? 119 DC E OP2   1 
ATOM 271 O "O5'" . DC A 1 14 ? 4.26668   1.39271   12.91321  1.000 258.83823 ? 119 DC E "O5'" 1 
ATOM 272 C "C5'" . DC A 1 14 ? 4.96242   0.53768   12.00332  1.000 254.91476 ? 119 DC E "C5'" 1 
ATOM 273 C "C4'" . DC A 1 14 ? 6.35096   1.07091   11.67255  1.000 256.36623 ? 119 DC E "C4'" 1 
ATOM 274 O "O4'" . DC A 1 14 ? 6.25453   2.40308   11.09958  1.000 254.91963 ? 119 DC E "O4'" 1 
ATOM 275 C "C3'" . DC A 1 14 ? 7.32891   1.19856   12.85449  1.000 260.56081 ? 119 DC E "C3'" 1 
ATOM 276 O "O3'" . DC A 1 14 ? 8.62285   0.76161   12.43268  1.000 261.59760 ? 119 DC E "O3'" 1 
ATOM 277 C "C2'" . DC A 1 14 ? 7.32082   2.70092   13.11839  1.000 261.34656 ? 119 DC E "C2'" 1 
ATOM 278 C "C1'" . DC A 1 14 ? 7.25318   3.19537   11.69338  1.000 259.00265 ? 119 DC E "C1'" 1 
ATOM 279 N N1    . DC A 1 14 ? 6.90788   4.63354   11.54634  1.000 263.27237 ? 119 DC E N1    1 
ATOM 280 C C2    . DC A 1 14 ? 7.78894   5.47077   10.85590  1.000 265.83367 ? 119 DC E C2    1 
ATOM 281 O O2    . DC A 1 14 ? 8.83010   4.98564   10.39012  1.000 264.40356 ? 119 DC E O2    1 
ATOM 282 N N3    . DC A 1 14 ? 7.47577   6.78444   10.71585  1.000 269.69061 ? 119 DC E N3    1 
ATOM 283 C C4    . DC A 1 14 ? 6.33871   7.25596   11.23671  1.000 271.06003 ? 119 DC E C4    1 
ATOM 284 N N4    . DC A 1 14 ? 6.06486   8.55441   11.07693  1.000 274.95788 ? 119 DC E N4    1 
ATOM 285 C C5    . DC A 1 14 ? 5.43024   6.41519   11.94753  1.000 268.50330 ? 119 DC E C5    1 
ATOM 286 C C6    . DC A 1 14 ? 5.75041   5.12255   12.07673  1.000 264.60945 ? 119 DC E C6    1 
ATOM 287 P P     . DA A 1 15 ? 9.85131   0.61993   13.46403  1.000 237.73497 ? 120 DA E P     1 
ATOM 288 O OP1   . DA A 1 15 ? 9.67582   -0.65218  14.19976  1.000 233.16485 ? 120 DA E OP1   1 
ATOM 289 O OP2   . DA A 1 15 ? 10.03933  1.88332   14.21398  1.000 242.45482 ? 120 DA E OP2   1 
ATOM 290 O "O5'" . DA A 1 15 ? 11.11299  0.48806   12.49289  1.000 241.27024 ? 120 DA E "O5'" 1 
ATOM 291 C "C5'" . DA A 1 15 ? 11.13027  1.22464   11.26720  1.000 242.95868 ? 120 DA E "C5'" 1 
ATOM 292 C "C4'" . DA A 1 15 ? 12.43434  1.98287   11.09663  1.000 249.15404 ? 120 DA E "C4'" 1 
ATOM 293 O "O4'" . DA A 1 15 ? 12.15458  3.39937   10.92821  1.000 253.41804 ? 120 DA E "O4'" 1 
ATOM 294 C "C3'" . DA A 1 15 ? 13.38937  1.89499   12.27658  1.000 252.75899 ? 120 DA E "C3'" 1 
ATOM 295 O "O3'" . DA A 1 15 ? 14.73273  2.02426   11.81721  1.000 257.04787 ? 120 DA E "O3'" 1 
ATOM 296 C "C2'" . DA A 1 15 ? 12.97072  3.09362   13.11475  1.000 256.95994 ? 120 DA E "C2'" 1 
ATOM 297 C "C1'" . DA A 1 15 ? 12.65179  4.12121   12.03865  1.000 258.97072 ? 120 DA E "C1'" 1 
ATOM 298 N N9    . DA A 1 15 ? 11.64198  5.07874   12.46044  1.000 261.00470 ? 120 DA E N9    1 
ATOM 299 C C8    . DA A 1 15 ? 10.55378  4.82796   13.24653  1.000 257.98263 ? 120 DA E C8    1 
ATOM 300 N N7    . DA A 1 15 ? 9.81427   5.88336   13.47655  1.000 260.67713 ? 120 DA E N7    1 
ATOM 301 C C5    . DA A 1 15 ? 10.46204  6.89551   12.79275  1.000 266.08556 ? 120 DA E C5    1 
ATOM 302 C C6    . DA A 1 15 ? 10.17821  8.26079   12.64022  1.000 271.11671 ? 120 DA E C6    1 
ATOM 303 N N6    . DA A 1 15 ? 9.11942   8.85052   13.19620  1.000 271.44483 ? 120 DA E N6    1 
ATOM 304 N N1    . DA A 1 15 ? 11.02436  8.99784   11.89249  1.000 275.53912 ? 120 DA E N1    1 
ATOM 305 C C2    . DA A 1 15 ? 12.08692  8.39805   11.34168  1.000 274.53990 ? 120 DA E C2    1 
ATOM 306 N N3    . DA A 1 15 ? 12.45467  7.11870   11.41137  1.000 269.96935 ? 120 DA E N3    1 
ATOM 307 C C4    . DA A 1 15 ? 11.59136  6.41700   12.16051  1.000 266.08267 ? 120 DA E C4    1 
ATOM 308 P P     . DT A 1 16 ? 15.97310  1.69243   12.78671  1.000 254.50163 ? 121 DT E P     1 
ATOM 309 O OP1   . DT A 1 16 ? 16.61699  0.46555   12.26890  1.000 251.94077 ? 121 DT E OP1   1 
ATOM 310 O OP2   . DT A 1 16 ? 15.50857  1.73981   14.19238  1.000 253.38012 ? 121 DT E OP2   1 
ATOM 311 O "O5'" . DT A 1 16 ? 16.97140  2.92297   12.56638  1.000 263.08314 ? 121 DT E "O5'" 1 
ATOM 312 C "C5'" . DT A 1 16 ? 17.10502  3.91070   13.57608  1.000 267.64575 ? 121 DT E "C5'" 1 
ATOM 313 C "C4'" . DT A 1 16 ? 16.86030  5.29909   13.01975  1.000 270.64265 ? 121 DT E "C4'" 1 
ATOM 314 O "O4'" . DT A 1 16 ? 15.47636  5.65584   13.22909  1.000 268.42934 ? 121 DT E "O4'" 1 
ATOM 315 C "C3'" . DT A 1 16 ? 17.68480  6.40067   13.69122  1.000 278.85020 ? 121 DT E "C3'" 1 
ATOM 316 O "O3'" . DT A 1 16 ? 18.67679  6.90146   12.79744  1.000 284.59406 ? 121 DT E "O3'" 1 
ATOM 317 C "C2'" . DT A 1 16 ? 16.66649  7.48508   14.06691  1.000 280.93523 ? 121 DT E "C2'" 1 
ATOM 318 C "C1'" . DT A 1 16 ? 15.38692  7.04976   13.36883  1.000 274.54634 ? 121 DT E "C1'" 1 
ATOM 319 N N1    . DT A 1 16 ? 14.15073  7.38780   14.15345  1.000 273.62087 ? 121 DT E N1    1 
ATOM 320 C C2    . DT A 1 16 ? 13.69513  8.69428   14.17721  1.000 278.02540 ? 121 DT E C2    1 
ATOM 321 O O2    . DT A 1 16 ? 14.23602  9.60250   13.57584  1.000 282.65356 ? 121 DT E O2    1 
ATOM 322 N N3    . DT A 1 16 ? 12.56656  8.89578   14.92947  1.000 277.11091 ? 121 DT E N3    1 
ATOM 323 C C4    . DT A 1 16 ? 11.86927  7.94955   15.65081  1.000 272.23555 ? 121 DT E C4    1 
ATOM 324 O O4    . DT A 1 16 ? 10.86466  8.22628   16.29798  1.000 271.31062 ? 121 DT E O4    1 
ATOM 325 C C5    . DT A 1 16 ? 12.40524  6.60792   15.59093  1.000 267.89112 ? 121 DT E C5    1 
ATOM 326 C C7    . DT A 1 16 ? 11.73286  5.49671   16.33468  1.000 262.30453 ? 121 DT E C7    1 
ATOM 327 C C6    . DT A 1 16 ? 13.50833  6.39610   14.85937  1.000 268.86443 ? 121 DT E C6    1 
ATOM 328 P P     . DC A 1 17 ? 19.89066  7.79372   13.35987  1.000 300.92482 ? 122 DC E P     1 
ATOM 329 O OP1   . DC A 1 17 ? 20.92246  7.87994   12.30428  1.000 306.42847 ? 122 DC E OP1   1 
ATOM 330 O OP2   . DC A 1 17 ? 20.24511  7.26024   14.69103  1.000 302.30781 ? 122 DC E OP2   1 
ATOM 331 O "O5'" . DC A 1 17 ? 19.24680  9.24199   13.57451  1.000 305.59412 ? 122 DC E "O5'" 1 
ATOM 332 C "C5'" . DC A 1 17 ? 18.65977  9.92581   12.47734  1.000 311.10698 ? 122 DC E "C5'" 1 
ATOM 333 C "C4'" . DC A 1 17 ? 18.53368  11.40806  12.76886  1.000 317.02171 ? 122 DC E "C4'" 1 
ATOM 334 O "O4'" . DC A 1 17 ? 17.26152  11.68638  13.40222  1.000 309.65457 ? 122 DC E "O4'" 1 
ATOM 335 C "C3'" . DC A 1 17 ? 19.59815  11.97617  13.68676  1.000 328.28346 ? 122 DC E "C3'" 1 
ATOM 336 O "O3'" . DC A 1 17 ? 19.94695  13.25831  13.23686  1.000 339.02215 ? 122 DC E "O3'" 1 
ATOM 337 C "C2'" . DC A 1 17 ? 18.91077  12.01242  15.05765  1.000 323.99396 ? 122 DC E "C2'" 1 
ATOM 338 C "C1'" . DC A 1 17 ? 17.45288  12.25194  14.68564  1.000 315.00539 ? 122 DC E "C1'" 1 
ATOM 339 N N1    . DC A 1 17 ? 16.46373  11.60366  15.61074  1.000 307.62355 ? 122 DC E N1    1 
ATOM 340 C C2    . DC A 1 17 ? 15.43434  12.36543  16.17593  1.000 308.58693 ? 122 DC E C2    1 
ATOM 341 O O2    . DC A 1 17 ? 15.37613  13.57686  15.92074  1.000 314.63740 ? 122 DC E O2    1 
ATOM 342 N N3    . DC A 1 17 ? 14.53443  11.74951  16.99419  1.000 303.48215 ? 122 DC E N3    1 
ATOM 343 C C4    . DC A 1 17 ? 14.64008  10.43851  17.23811  1.000 298.29774 ? 122 DC E C4    1 
ATOM 344 N N4    . DC A 1 17 ? 13.73990  9.86929   18.04653  1.000 293.94915 ? 122 DC E N4    1 
ATOM 345 C C5    . DC A 1 17 ? 15.67754  9.65269   16.66436  1.000 297.65635 ? 122 DC E C5    1 
ATOM 346 C C6    . DC A 1 17 ? 16.55384  10.26867  15.86432  1.000 302.11618 ? 122 DC E C6    1 
ATOM 347 P P     . DA A 1 18 ? 21.20329  14.01608  13.87711  1.000 362.72789 ? 123 DA E P     1 
ATOM 348 O OP1   . DA A 1 18 ? 21.79733  14.86909  12.82383  1.000 371.73374 ? 123 DA E OP1   1 
ATOM 349 O OP2   . DA A 1 18 ? 22.03657  13.00768  14.57153  1.000 364.75564 ? 123 DA E OP2   1 
ATOM 350 O "O5'" . DA A 1 18 ? 20.53398  14.94044  14.98953  1.000 363.77857 ? 123 DA E "O5'" 1 
ATOM 351 C "C5'" . DA A 1 18 ? 19.31293  15.61470  14.71080  1.000 369.25787 ? 123 DA E "C5'" 1 
ATOM 352 C "C4'" . DA A 1 18 ? 18.78301  16.27087  15.96769  1.000 369.13149 ? 123 DA E "C4'" 1 
ATOM 353 O "O4'" . DA A 1 18 ? 17.80071  15.40688  16.59328  1.000 356.80773 ? 123 DA E "O4'" 1 
ATOM 354 C "C3'" . DA A 1 18 ? 19.85308  16.54490  17.02872  1.000 378.25552 ? 123 DA E "C3'" 1 
ATOM 355 O "O3'" . DA A 1 18 ? 19.80487  17.90447  17.43838  1.000 386.12400 ? 123 DA E "O3'" 1 
ATOM 356 C "C2'" . DA A 1 18 ? 19.49542  15.59306  18.17301  1.000 369.67263 ? 123 DA E "C2'" 1 
ATOM 357 C "C1'" . DA A 1 18 ? 17.99850  15.41888  17.98431  1.000 358.22790 ? 123 DA E "C1'" 1 
ATOM 358 N N9    . DA A 1 18 ? 17.48319  14.16883  18.53473  1.000 336.05545 ? 123 DA E N9    1 
ATOM 359 C C8    . DA A 1 18 ? 17.99939  12.91627  18.34791  1.000 330.75359 ? 123 DA E C8    1 
ATOM 360 N N7    . DA A 1 18 ? 17.32831  11.97105  18.95899  1.000 326.33821 ? 123 DA E N7    1 
ATOM 361 C C5    . DA A 1 18 ? 16.29401  12.64767  19.58534  1.000 328.84683 ? 123 DA E C5    1 
ATOM 362 C C6    . DA A 1 18 ? 15.23164  12.20603  20.39420  1.000 326.74278 ? 123 DA E C6    1 
ATOM 363 N N6    . DA A 1 18 ? 15.04601  10.92501  20.71141  1.000 321.41999 ? 123 DA E N6    1 
ATOM 364 N N1    . DA A 1 18 ? 14.36849  13.13300  20.86590  1.000 330.52128 ? 123 DA E N1    1 
ATOM 365 C C2    . DA A 1 18 ? 14.56395  14.41851  20.54066  1.000 336.14524 ? 123 DA E C2    1 
ATOM 366 N N3    . DA A 1 18 ? 15.53073  14.95449  19.78675  1.000 338.75770 ? 123 DA E N3    1 
ATOM 367 C C4    . DA A 1 18 ? 16.37053  14.00290  19.33527  1.000 334.76234 ? 123 DA E C4    1 
ATOM 368 P P     . DC B 2 1  ? 10.37008  3.31145   -2.11624  1.000 225.30388 ? 119 DC F P     1 
ATOM 369 O OP1   . DC B 2 1  ? 9.11642   3.55237   -2.86145  1.000 225.98031 ? 119 DC F OP1   1 
ATOM 370 O OP2   . DC B 2 1  ? 11.50694  4.24815   -2.25682  1.000 223.33905 ? 119 DC F OP2   1 
ATOM 371 O "O5'" . DC B 2 1  ? 10.03693  3.18984   -0.55816  1.000 228.75232 ? 119 DC F "O5'" 1 
ATOM 372 C "C5'" . DC B 2 1  ? 11.08751  2.95969   0.36373   1.000 228.79928 ? 119 DC F "C5'" 1 
ATOM 373 C "C4'" . DC B 2 1  ? 10.62389  3.19119   1.78867   1.000 232.96059 ? 119 DC F "C4'" 1 
ATOM 374 O "O4'" . DC B 2 1  ? 10.05462  4.51416   1.91431   1.000 236.69506 ? 119 DC F "O4'" 1 
ATOM 375 C "C3'" . DC B 2 1  ? 9.55660   2.22201   2.29643   1.000 236.48960 ? 119 DC F "C3'" 1 
ATOM 376 O "O3'" . DC B 2 1  ? 10.01237  1.61059   3.49142   1.000 241.70843 ? 119 DC F "O3'" 1 
ATOM 377 C "C2'" . DC B 2 1  ? 8.33002   3.11556   2.54359   1.000 241.18039 ? 119 DC F "C2'" 1 
ATOM 378 C "C1'" . DC B 2 1  ? 8.98234   4.45312   2.81761   1.000 243.20888 ? 119 DC F "C1'" 1 
ATOM 379 N N1    . DC B 2 1  ? 8.10522   5.65868   2.59756   1.000 245.75731 ? 119 DC F N1    1 
ATOM 380 C C2    . DC B 2 1  ? 6.90165   5.81200   3.30672   1.000 253.03061 ? 119 DC F C2    1 
ATOM 381 O O2    . DC B 2 1  ? 6.53922   4.93301   4.09867   1.000 257.30330 ? 119 DC F O2    1 
ATOM 382 N N3    . DC B 2 1  ? 6.15735   6.92324   3.08843   1.000 255.63239 ? 119 DC F N3    1 
ATOM 383 C C4    . DC B 2 1  ? 6.57679   7.85330   2.23012   1.000 251.51434 ? 119 DC F C4    1 
ATOM 384 N N4    . DC B 2 1  ? 5.81099   8.92820   2.04734   1.000 254.88041 ? 119 DC F N4    1 
ATOM 385 C C5    . DC B 2 1  ? 7.79654   7.72243   1.51889   1.000 244.33596 ? 119 DC F C5    1 
ATOM 386 C C6    . DC B 2 1  ? 8.52236   6.62724   1.73737   1.000 241.63926 ? 119 DC F C6    1 
ATOM 387 P P     . DC B 2 2  ? 10.15850  0.01429   3.56892   1.000 252.64011 ? 120 DC F P     1 
ATOM 388 O OP1   . DC B 2 2  ? 11.28601  -0.30092  4.47454   1.000 257.80639 ? 120 DC F OP1   1 
ATOM 389 O OP2   . DC B 2 2  ? 10.17229  -0.50222  2.18191   1.000 240.36680 ? 120 DC F OP2   1 
ATOM 390 O "O5'" . DC B 2 2  ? 8.79187   -0.44784  4.25272   1.000 264.37151 ? 120 DC F "O5'" 1 
ATOM 391 C "C5'" . DC B 2 2  ? 8.22725   -1.69626  3.92239   1.000 262.45133 ? 120 DC F "C5'" 1 
ATOM 392 C "C4'" . DC B 2 2  ? 6.74989   -1.55218  3.61339   1.000 261.18054 ? 120 DC F "C4'" 1 
ATOM 393 O "O4'" . DC B 2 2  ? 6.45041   -0.18533  3.20503   1.000 257.32120 ? 120 DC F "O4'" 1 
ATOM 394 C "C3'" . DC B 2 2  ? 6.24697   -2.44774  2.48331   1.000 251.94621 ? 120 DC F "C3'" 1 
ATOM 395 O "O3'" . DC B 2 2  ? 4.99857   -3.01485  2.85058   1.000 260.10351 ? 120 DC F "O3'" 1 
ATOM 396 C "C2'" . DC B 2 2  ? 6.10357   -1.46544  1.31688   1.000 244.43055 ? 120 DC F "C2'" 1 
ATOM 397 C "C1'" . DC B 2 2  ? 5.63412   -0.22836  2.05996   1.000 249.83314 ? 120 DC F "C1'" 1 
ATOM 398 N N1    . DC B 2 2  ? 5.79185   1.05468   1.29531   1.000 245.30838 ? 120 DC F N1    1 
ATOM 399 C C2    . DC B 2 2  ? 4.96711   2.15267   1.59557   1.000 249.69542 ? 120 DC F C2    1 
ATOM 400 O O2    . DC B 2 2  ? 4.12444   2.04434   2.49223   1.000 259.00985 ? 120 DC F O2    1 
ATOM 401 N N3    . DC B 2 2  ? 5.12352   3.30694   0.89666   1.000 246.20569 ? 120 DC F N3    1 
ATOM 402 C C4    . DC B 2 2  ? 6.04545   3.38242   -0.05928  1.000 238.76088 ? 120 DC F C4    1 
ATOM 403 N N4    . DC B 2 2  ? 6.16348   4.53864   -0.72153  1.000 236.40663 ? 120 DC F N4    1 
ATOM 404 C C5    . DC B 2 2  ? 6.88860   2.27437   -0.38323  1.000 235.66278 ? 120 DC F C5    1 
ATOM 405 C C6    . DC B 2 2  ? 6.72766   1.14187   0.31251   1.000 237.75618 ? 120 DC F C6    1 
ATOM 406 P P     . DG B 2 3  ? 4.92969   -4.44747  3.57719   1.000 259.23363 ? 121 DG F P     1 
ATOM 407 O OP1   . DG B 2 3  ? 5.78757   -4.38357  4.78032   1.000 269.83471 ? 121 DG F OP1   1 
ATOM 408 O OP2   . DG B 2 3  ? 5.16428   -5.49942  2.56025   1.000 247.48800 ? 121 DG F OP2   1 
ATOM 409 O "O5'" . DG B 2 3  ? 3.40842   -4.54249  4.06643   1.000 272.21964 ? 121 DG F "O5'" 1 
ATOM 410 C "C5'" . DG B 2 3  ? 3.00691   -3.88569  5.27241   1.000 286.68113 ? 121 DG F "C5'" 1 
ATOM 411 C "C4'" . DG B 2 3  ? 1.73556   -3.06155  5.07710   1.000 291.33534 ? 121 DG F "C4'" 1 
ATOM 412 O "O4'" . DG B 2 3  ? 1.98680   -1.94551  4.18143   1.000 279.02763 ? 121 DG F "O4'" 1 
ATOM 413 C "C3'" . DG B 2 3  ? 0.53785   -3.80116  4.48809   1.000 294.52783 ? 121 DG F "C3'" 1 
ATOM 414 O "O3'" . DG B 2 3  ? -0.65040  -3.28852  5.06954   1.000 309.37806 ? 121 DG F "O3'" 1 
ATOM 415 C "C2'" . DG B 2 3  ? 0.62169   -3.43527  3.00974   1.000 278.27440 ? 121 DG F "C2'" 1 
ATOM 416 C "C1'" . DG B 2 3  ? 1.07577   -1.98765  3.09866   1.000 272.85026 ? 121 DG F "C1'" 1 
ATOM 417 N N9    . DG B 2 3  ? 1.78474   -1.51606  1.91853   1.000 256.62158 ? 121 DG F N9    1 
ATOM 418 C C8    . DG B 2 3  ? 2.77277   -2.18014  1.24185   1.000 244.66545 ? 121 DG F C8    1 
ATOM 419 N N7    . DG B 2 3  ? 3.24806   -1.51520  0.23188   1.000 232.43081 ? 121 DG F N7    1 
ATOM 420 C C5    . DG B 2 3  ? 2.54540   -0.32392  0.24404   1.000 237.05341 ? 121 DG F C5    1 
ATOM 421 C C6    . DG B 2 3  ? 2.63830   0.78703   -0.61907  1.000 230.48020 ? 121 DG F C6    1 
ATOM 422 O O6    . DG B 2 3  ? 3.39108   0.93472   -1.59065  1.000 219.95238 ? 121 DG F O6    1 
ATOM 423 N N1    . DG B 2 3  ? 1.74196   1.79092   -0.26683  1.000 240.59145 ? 121 DG F N1    1 
ATOM 424 C C2    . DG B 2 3  ? 0.86186   1.72731   0.79179   1.000 256.66776 ? 121 DG F C2    1 
ATOM 425 N N2    . DG B 2 3  ? 0.07236   2.80049   0.97554   1.000 267.00763 ? 121 DG F N2    1 
ATOM 426 N N3    . DG B 2 3  ? 0.76585   0.68130   1.61325   1.000 262.77440 ? 121 DG F N3    1 
ATOM 427 C C4    . DG B 2 3  ? 1.63724   -0.30465  1.27844   1.000 251.72858 ? 121 DG F C4    1 
ATOM 428 P P     . DT B 2 4  ? -1.96889  -4.19850  5.18600   1.000 313.46166 ? 122 DT F P     1 
ATOM 429 O OP1   . DT B 2 4  ? -2.47445  -4.02455  6.56756   1.000 332.05151 ? 122 DT F OP1   1 
ATOM 430 O OP2   . DT B 2 4  ? -1.64210  -5.54853  4.67122   1.000 306.62267 ? 122 DT F OP2   1 
ATOM 431 O "O5'" . DT B 2 4  ? -3.00781  -3.50313  4.18229   1.000 314.76488 ? 122 DT F "O5'" 1 
ATOM 432 C "C5'" . DT B 2 4  ? -3.58571  -2.24992  4.52934   1.000 314.82499 ? 122 DT F "C5'" 1 
ATOM 433 C "C4'" . DT B 2 4  ? -4.06011  -1.49243  3.29936   1.000 310.17990 ? 122 DT F "C4'" 1 
ATOM 434 O "O4'" . DT B 2 4  ? -2.96529  -1.32808  2.36229   1.000 290.85563 ? 122 DT F "O4'" 1 
ATOM 435 C "C3'" . DT B 2 4  ? -5.19608  -2.15461  2.50554   1.000 319.40238 ? 122 DT F "C3'" 1 
ATOM 436 O "O3'" . DT B 2 4  ? -6.17838  -1.17980  2.18812   1.000 328.66294 ? 122 DT F "O3'" 1 
ATOM 437 C "C2'" . DT B 2 4  ? -4.49044  -2.64987  1.24366   1.000 302.60060 ? 122 DT F "C2'" 1 
ATOM 438 C "C1'" . DT B 2 4  ? -3.46381  -1.55218  1.06830   1.000 287.66537 ? 122 DT F "C1'" 1 
ATOM 439 N N1    . DT B 2 4  ? -2.33592  -1.89847  0.16694   1.000 269.56883 ? 122 DT F N1    1 
ATOM 440 C C2    . DT B 2 4  ? -1.94337  -0.98537  -0.77799  1.000 260.73136 ? 122 DT F C2    1 
ATOM 441 O O2    . DT B 2 4  ? -2.47935  0.09563   -0.91465  1.000 267.28832 ? 122 DT F O2    1 
ATOM 442 N N3    . DT B 2 4  ? -0.89591  -1.38250  -1.56162  1.000 245.33308 ? 122 DT F N3    1 
ATOM 443 C C4    . DT B 2 4  ? -0.21682  -2.58307  -1.49109  1.000 238.64980 ? 122 DT F C4    1 
ATOM 444 O O4    . DT B 2 4  ? 0.71333   -2.85533  -2.23675  1.000 232.32767 ? 122 DT F O4    1 
ATOM 445 C C5    . DT B 2 4  ? -0.68039  -3.49527  -0.47596  1.000 248.74486 ? 122 DT F C5    1 
ATOM 446 C C7    . DT B 2 4  ? -0.01888  -4.82733  -0.30735  1.000 244.02407 ? 122 DT F C7    1 
ATOM 447 C C6    . DT B 2 4  ? -1.70538  -3.11382  0.29650   1.000 263.70905 ? 122 DT F C6    1 
ATOM 448 P P     . DA B 2 5  ? -7.71149  -1.60543  1.96676   1.000 335.18647 ? 123 DA F P     1 
ATOM 449 O OP1   . DA B 2 5  ? -8.33448  -1.75941  3.30086   1.000 353.28330 ? 123 DA F OP1   1 
ATOM 450 O OP2   . DA B 2 5  ? -7.74378  -2.72413  0.99689   1.000 332.81132 ? 123 DA F OP2   1 
ATOM 451 O "O5'" . DA B 2 5  ? -8.35302  -0.33521  1.24013   1.000 336.71431 ? 123 DA F "O5'" 1 
ATOM 452 C "C5'" . DA B 2 5  ? -7.70242  0.92949   1.30728   1.000 328.96333 ? 123 DA F "C5'" 1 
ATOM 453 C "C4'" . DA B 2 5  ? -7.76132  1.63128   -0.03810  1.000 324.73698 ? 123 DA F "C4'" 1 
ATOM 454 O "O4'" . DA B 2 5  ? -6.56941  1.31620   -0.80571  1.000 305.75545 ? 123 DA F "O4'" 1 
ATOM 455 C "C3'" . DA B 2 5  ? -8.95238  1.24311   -0.90892  1.000 337.50085 ? 123 DA F "C3'" 1 
ATOM 456 O "O3'" . DA B 2 5  ? -9.48663  2.39566   -1.54827  1.000 341.00350 ? 123 DA F "O3'" 1 
ATOM 457 C "C2'" . DA B 2 5  ? -8.35752  0.25271   -1.91126  1.000 324.99809 ? 123 DA F "C2'" 1 
ATOM 458 C "C1'" . DA B 2 5  ? -6.92083  0.74108   -2.04697  1.000 304.20347 ? 123 DA F "C1'" 1 
ATOM 459 N N9    . DA B 2 5  ? -5.96954  -0.33202  -2.34153  1.000 290.78685 ? 123 DA F N9    1 
ATOM 460 C C8    . DA B 2 5  ? -5.87303  -1.54133  -1.70995  1.000 295.34244 ? 123 DA F C8    1 
ATOM 461 N N7    . DA B 2 5  ? -4.92173  -2.31242  -2.18241  1.000 281.44599 ? 123 DA F N7    1 
ATOM 462 C C5    . DA B 2 5  ? -4.35086  -1.55641  -3.19316  1.000 268.31470 ? 123 DA F C5    1 
ATOM 463 C C6    . DA B 2 5  ? -3.28844  -1.81157  -4.08460  1.000 257.16874 ? 123 DA F C6    1 
ATOM 464 N N6    . DA B 2 5  ? -2.59294  -2.95125  -4.08604  1.000 254.27725 ? 123 DA F N6    1 
ATOM 465 N N1    . DA B 2 5  ? -2.96818  -0.84458  -4.97528  1.000 249.33218 ? 123 DA F N1    1 
ATOM 466 C C2    . DA B 2 5  ? -3.67035  0.29524   -4.96381  1.000 252.60948 ? 123 DA F C2    1 
ATOM 467 N N3    . DA B 2 5  ? -4.69041  0.64687   -4.17745  1.000 263.25776 ? 123 DA F N3    1 
ATOM 468 C C4    . DA B 2 5  ? -4.98082  -0.33110  -3.30394  1.000 271.84563 ? 123 DA F C4    1 
ATOM 469 P P     . DC B 2 6  ? -10.77790 2.27720   -2.49852  1.000 323.80425 ? 124 DC F P     1 
ATOM 470 O OP1   . DC B 2 6  ? -11.59936 3.49101   -2.28114  1.000 332.27211 ? 124 DC F OP1   1 
ATOM 471 O OP2   . DC B 2 6  ? -11.38767 0.94141   -2.30199  1.000 335.01760 ? 124 DC F OP2   1 
ATOM 472 O "O5'" . DC B 2 6  ? -10.15460 2.33717   -3.96981  1.000 308.44311 ? 124 DC F "O5'" 1 
ATOM 473 C "C5'" . DC B 2 6  ? -9.33747  3.44071   -4.33088  1.000 293.03924 ? 124 DC F "C5'" 1 
ATOM 474 C "C4'" . DC B 2 6  ? -8.39159  3.09267   -5.46848  1.000 280.15494 ? 124 DC F "C4'" 1 
ATOM 475 O "O4'" . DC B 2 6  ? -7.66831  1.86550   -5.18775  1.000 276.29787 ? 124 DC F "O4'" 1 
ATOM 476 C "C3'" . DC B 2 6  ? -9.04612  2.88411   -6.83926  1.000 281.95516 ? 124 DC F "C3'" 1 
ATOM 477 O "O3'" . DC B 2 6  ? -8.34086  3.65794   -7.78825  1.000 270.87278 ? 124 DC F "O3'" 1 
ATOM 478 C "C2'" . DC B 2 6  ? -8.85130  1.37820   -7.09448  1.000 278.61092 ? 124 DC F "C2'" 1 
ATOM 479 C "C1'" . DC B 2 6  ? -7.51986  1.18250   -6.40727  1.000 269.63907 ? 124 DC F "C1'" 1 
ATOM 480 N N1    . DC B 2 6  ? -7.08235  -0.24180  -6.13754  1.000 269.68065 ? 124 DC F N1    1 
ATOM 481 C C2    . DC B 2 6  ? -6.06181  -0.79923  -6.92076  1.000 258.67855 ? 124 DC F C2    1 
ATOM 482 O O2    . DC B 2 6  ? -5.58555  -0.12988  -7.84741  1.000 249.32417 ? 124 DC F O2    1 
ATOM 483 N N3    . DC B 2 6  ? -5.63335  -2.06142  -6.65121  1.000 259.02231 ? 124 DC F N3    1 
ATOM 484 C C4    . DC B 2 6  ? -6.17677  -2.74454  -5.64220  1.000 269.82963 ? 124 DC F C4    1 
ATOM 485 N N4    . DC B 2 6  ? -5.72574  -3.98221  -5.41572  1.000 270.30452 ? 124 DC F N4    1 
ATOM 486 C C5    . DC B 2 6  ? -7.20662  -2.18858  -4.82132  1.000 281.04426 ? 124 DC F C5    1 
ATOM 487 C C6    . DC B 2 6  ? -7.61941  -0.94206  -5.09671  1.000 280.42029 ? 124 DC F C6    1 
ATOM 488 P P     . DA B 2 7  ? -9.08914  4.79081   -8.64044  1.000 247.72439 ? 125 DA F P     1 
ATOM 489 O OP1   . DA B 2 7  ? -8.30534  6.03939   -8.52889  1.000 246.54807 ? 125 DA F OP1   1 
ATOM 490 O OP2   . DA B 2 7  ? -10.51141 4.77769   -8.24284  1.000 257.45270 ? 125 DA F OP2   1 
ATOM 491 O "O5'" . DA B 2 7  ? -8.96803  4.24855   -10.13392 1.000 239.64772 ? 125 DA F "O5'" 1 
ATOM 492 C "C5'" . DA B 2 7  ? -7.89692  3.37148   -10.47100 1.000 234.75060 ? 125 DA F "C5'" 1 
ATOM 493 C "C4'" . DA B 2 7  ? -8.40554  2.20887   -11.29549 1.000 234.14013 ? 125 DA F "C4'" 1 
ATOM 494 O "O4'" . DA B 2 7  ? -7.96265  0.95987   -10.71349 1.000 233.84229 ? 125 DA F "O4'" 1 
ATOM 495 C "C3'" . DA B 2 7  ? -9.93567  2.10754   -11.39249 1.000 239.22352 ? 125 DA F "C3'" 1 
ATOM 496 O "O3'" . DA B 2 7  ? -10.33696 2.10670   -12.75766 1.000 237.29868 ? 125 DA F "O3'" 1 
ATOM 497 C "C2'" . DA B 2 7  ? -10.25687 0.77084   -10.72169 1.000 241.83924 ? 125 DA F "C2'" 1 
ATOM 498 C "C1'" . DA B 2 7  ? -8.96380  0.01462   -10.94770 1.000 236.66023 ? 125 DA F "C1'" 1 
ATOM 499 N N9    . DA B 2 7  ? -8.78614  -1.11848  -10.05305 1.000 238.43318 ? 125 DA F N9    1 
ATOM 500 C C8    . DA B 2 7  ? -9.49501  -1.39899  -8.92026  1.000 244.75505 ? 125 DA F C8    1 
ATOM 501 N N7    . DA B 2 7  ? -9.12530  -2.50689  -8.32287  1.000 248.28763 ? 125 DA F N7    1 
ATOM 502 C C5    . DA B 2 7  ? -8.11555  -2.98919  -9.13114  1.000 239.12692 ? 125 DA F C5    1 
ATOM 503 C C6    . DA B 2 7  ? -7.30401  -4.14183  -9.04792  1.000 237.24879 ? 125 DA F C6    1 
ATOM 504 N N6    . DA B 2 7  ? -7.40851  -5.03164  -8.06123  1.000 242.28587 ? 125 DA F N6    1 
ATOM 505 N N1    . DA B 2 7  ? -6.38719  -4.33450  -10.01846 1.000 231.90801 ? 125 DA F N1    1 
ATOM 506 C C2    . DA B 2 7  ? -6.29101  -3.43382  -11.00490 1.000 228.61866 ? 125 DA F C2    1 
ATOM 507 N N3    . DA B 2 7  ? -6.99775  -2.31462  -11.19004 1.000 229.92719 ? 125 DA F N3    1 
ATOM 508 C C4    . DA B 2 7  ? -7.89471  -2.15812  -10.20850 1.000 235.27553 ? 125 DA F C4    1 
ATOM 509 P P     . DG C 3 1  ? -15.15787 -3.83535  -15.17517 1.000 245.02361 ? 209 DG G P     1 
ATOM 510 O OP1   . DG C 3 1  ? -15.94155 -4.51017  -14.11766 1.000 237.82255 ? 209 DG G OP1   1 
ATOM 511 O OP2   . DG C 3 1  ? -15.66664 -2.58937  -15.79182 1.000 246.30525 ? 209 DG G OP2   1 
ATOM 512 O "O5'" . DG C 3 1  ? -13.68332 -3.54457  -14.62583 1.000 250.60122 ? 209 DG G "O5'" 1 
ATOM 513 C "C5'" . DG C 3 1  ? -13.03659 -2.32794  -14.95907 1.000 256.52721 ? 209 DG G "C5'" 1 
ATOM 514 C "C4'" . DG C 3 1  ? -11.54466 -2.40266  -14.67939 1.000 268.82407 ? 209 DG G "C4'" 1 
ATOM 515 O "O4'" . DG C 3 1  ? -11.29907 -2.32169  -13.25817 1.000 268.02381 ? 209 DG G "O4'" 1 
ATOM 516 C "C3'" . DG C 3 1  ? -10.87812 -3.69578  -15.09432 1.000 270.81572 ? 209 DG G "C3'" 1 
ATOM 517 O "O3'" . DG C 3 1  ? -10.57359 -3.66212  -16.47710 1.000 279.05222 ? 209 DG G "O3'" 1 
ATOM 518 C "C2'" . DG C 3 1  ? -9.61078  -3.68132  -14.24542 1.000 280.87979 ? 209 DG G "C2'" 1 
ATOM 519 C "C1'" . DG C 3 1  ? -10.07030 -2.97283  -12.95962 1.000 275.61704 ? 209 DG G "C1'" 1 
ATOM 520 N N9    . DG C 3 1  ? -10.27894 -3.86784  -11.81271 1.000 266.16193 ? 209 DG G N9    1 
ATOM 521 C C8    . DG C 3 1  ? -11.22693 -3.72542  -10.82434 1.000 254.09263 ? 209 DG G C8    1 
ATOM 522 N N7    . DG C 3 1  ? -11.19215 -4.66861  -9.92599  1.000 250.59463 ? 209 DG G N7    1 
ATOM 523 C C5    . DG C 3 1  ? -10.15107 -5.49260  -10.33579 1.000 257.22986 ? 209 DG G C5    1 
ATOM 524 C C6    . DG C 3 1  ? -9.64756  -6.67481  -9.74877  1.000 256.98493 ? 209 DG G C6    1 
ATOM 525 O O6    . DG C 3 1  ? -10.04088 -7.23911  -8.72005  1.000 251.58438 ? 209 DG G O6    1 
ATOM 526 N N1    . DG C 3 1  ? -8.57963  -7.20665  -10.47941 1.000 268.70827 ? 209 DG G N1    1 
ATOM 527 C C2    . DG C 3 1  ? -8.06711  -6.65986  -11.63284 1.000 279.44970 ? 209 DG G C2    1 
ATOM 528 N N2    . DG C 3 1  ? -7.03931  -7.31569  -12.20417 1.000 290.76431 ? 209 DG G N2    1 
ATOM 529 N N3    . DG C 3 1  ? -8.52994  -5.54964  -12.19145 1.000 279.86312 ? 209 DG G N3    1 
ATOM 530 C C4    . DG C 3 1  ? -9.57255  -5.01893  -11.49343 1.000 268.29387 ? 209 DG G C4    1 
ATOM 531 P P     . DG C 3 2  ? -11.27300 -4.70309  -17.48113 1.000 294.83841 ? 210 DG G P     1 
ATOM 532 O OP1   . DG C 3 2  ? -11.10639 -4.18217  -18.85673 1.000 304.01401 ? 210 DG G OP1   1 
ATOM 533 O OP2   . DG C 3 2  ? -12.63048 -4.97410  -16.95604 1.000 278.86548 ? 210 DG G OP2   1 
ATOM 534 O "O5'" . DG C 3 2  ? -10.42073 -6.04786  -17.31268 1.000 300.38693 ? 210 DG G "O5'" 1 
ATOM 535 C "C5'" . DG C 3 2  ? -9.25368  -6.26686  -18.09372 1.000 316.41984 ? 210 DG G "C5'" 1 
ATOM 536 C "C4'" . DG C 3 2  ? -8.40517  -7.34939  -17.45909 1.000 320.17713 ? 210 DG G "C4'" 1 
ATOM 537 O "O4'" . DG C 3 2  ? -8.37381  -7.10990  -16.04193 1.000 314.66201 ? 210 DG G "O4'" 1 
ATOM 538 C "C3'" . DG C 3 2  ? -8.94323  -8.76947  -17.63613 1.000 312.93930 ? 210 DG G "C3'" 1 
ATOM 539 O "O3'" . DG C 3 2  ? -8.25673  -9.42938  -18.70606 1.000 325.01528 ? 210 DG G "O3'" 1 
ATOM 540 C "C2'" . DG C 3 2  ? -8.65900  -9.45699  -16.30173 1.000 303.98095 ? 210 DG G "C2'" 1 
ATOM 541 C "C1'" . DG C 3 2  ? -8.35796  -8.32536  -15.33844 1.000 306.30139 ? 210 DG G "C1'" 1 
ATOM 542 N N9    . DG C 3 2  ? -9.29963  -8.24027  -14.23570 1.000 292.54347 ? 210 DG G N9    1 
ATOM 543 C C8    . DG C 3 2  ? -10.22165 -7.24988  -13.99583 1.000 284.06121 ? 210 DG G C8    1 
ATOM 544 N N7    . DG C 3 2  ? -10.91767 -7.44461  -12.90856 1.000 273.18425 ? 210 DG G N7    1 
ATOM 545 C C5    . DG C 3 2  ? -10.42523 -8.64294  -12.40384 1.000 274.38399 ? 210 DG G C5    1 
ATOM 546 C C6    . DG C 3 2  ? -10.78784 -9.36414  -11.24179 1.000 266.34098 ? 210 DG G C6    1 
ATOM 547 O O6    . DG C 3 2  ? -11.65440 -9.07955  -10.39755 1.000 256.27272 ? 210 DG G O6    1 
ATOM 548 N N1    . DG C 3 2  ? -10.02704 -10.52888 -11.10552 1.000 271.87931 ? 210 DG G N1    1 
ATOM 549 C C2    . DG C 3 2  ? -9.04509  -10.93723 -11.98554 1.000 283.84907 ? 210 DG G C2    1 
ATOM 550 N N2    . DG C 3 2  ? -8.41614  -12.08364 -11.69765 1.000 288.28670 ? 210 DG G N2    1 
ATOM 551 N N3    . DG C 3 2  ? -8.69877  -10.26644 -13.06783 1.000 291.66945 ? 210 DG G N3    1 
ATOM 552 C C4    . DG C 3 2  ? -9.42640  -9.13710  -13.21290 1.000 286.26286 ? 210 DG G C4    1 
ATOM 553 P P     . DT C 3 3  ? -8.69151  -10.90815 -19.16922 1.000 408.24813 ? 211 DT G P     1 
ATOM 554 O OP1   . DT C 3 3  ? -7.74065  -11.36282 -20.20536 1.000 427.88143 ? 211 DT G OP1   1 
ATOM 555 O OP2   . DT C 3 3  ? -10.14364 -10.88192 -19.44150 1.000 392.07487 ? 211 DT G OP2   1 
ATOM 556 O "O5'" . DT C 3 3  ? -8.48583  -11.80472 -17.86971 1.000 397.46487 ? 211 DT G "O5'" 1 
ATOM 557 C "C5'" . DT C 3 3  ? -7.27011  -12.47430 -17.63482 1.000 408.58097 ? 211 DT G "C5'" 1 
ATOM 558 C "C4'" . DT C 3 3  ? -7.59547  -13.87651 -17.21470 1.000 396.62311 ? 211 DT G "C4'" 1 
ATOM 559 O "O4'" . DT C 3 3  ? -8.08309  -13.83693 -15.85073 1.000 382.38656 ? 211 DT G "O4'" 1 
ATOM 560 C "C3'" . DT C 3 3  ? -8.70511  -14.47436 -18.06347 1.000 384.21072 ? 211 DT G "C3'" 1 
ATOM 561 O "O3'" . DT C 3 3  ? -8.25562  -15.59892 -18.78728 1.000 388.31185 ? 211 DT G "O3'" 1 
ATOM 562 C "C2'" . DT C 3 3  ? -9.82376  -14.83018 -17.09657 1.000 363.89263 ? 211 DT G "C2'" 1 
ATOM 563 C "C1'" . DT C 3 3  ? -9.25674  -14.60117 -15.70755 1.000 363.17046 ? 211 DT G "C1'" 1 
ATOM 564 N N1    . DT C 3 3  ? -10.21870 -13.84599 -14.84203 1.000 252.85840 ? 211 DT G N1    1 
ATOM 565 C C2    . DT C 3 3  ? -10.51032 -14.29593 -13.56457 1.000 247.65803 ? 211 DT G C2    1 
ATOM 566 O O2    . DT C 3 3  ? -9.99697  -15.28290 -13.07182 1.000 248.93015 ? 211 DT G O2    1 
ATOM 567 N N3    . DT C 3 3  ? -11.42291 -13.51943 -12.88156 1.000 241.36121 ? 211 DT G N3    1 
ATOM 568 C C4    . DT C 3 3  ? -12.06130 -12.37962 -13.35256 1.000 239.76445 ? 211 DT G C4    1 
ATOM 569 O O4    . DT C 3 3  ? -12.86163 -11.74290 -12.68122 1.000 234.42312 ? 211 DT G O4    1 
ATOM 570 C C5    . DT C 3 3  ? -11.71554 -11.98312 -14.69711 1.000 245.34285 ? 211 DT G C5    1 
ATOM 571 C C7    . DT C 3 3  ? -12.34510 -10.76526 -15.31130 1.000 244.61662 ? 211 DT G C7    1 
ATOM 572 C C6    . DT C 3 3  ? -10.83164 -12.72911 -15.36664 1.000 251.52739 ? 211 DT G C6    1 
ATOM 573 P P     . DC C 3 4  ? -8.93917  -15.93683 -20.20226 1.000 417.94276 ? 212 DC G P     1 
ATOM 574 O OP1   . DC C 3 4  ? -8.13975  -16.97964 -20.87641 1.000 427.67662 ? 212 DC G OP1   1 
ATOM 575 O OP2   . DC C 3 4  ? -9.19837  -14.65696 -20.89934 1.000 427.11552 ? 212 DC G OP2   1 
ATOM 576 O "O5'" . DC C 3 4  ? -10.35290 -16.56350 -19.80375 1.000 396.89315 ? 212 DC G "O5'" 1 
ATOM 577 C "C5'" . DC C 3 4  ? -10.51727 -17.97411 -19.75743 1.000 390.15778 ? 212 DC G "C5'" 1 
ATOM 578 C "C4'" . DC C 3 4  ? -10.00653 -18.54794 -18.44409 1.000 382.32288 ? 212 DC G "C4'" 1 
ATOM 579 O "O4'" . DC C 3 4  ? -10.32903 -17.64565 -17.35754 1.000 374.48919 ? 212 DC G "O4'" 1 
ATOM 580 C "C3'" . DC C 3 4  ? -10.64041 -19.86127 -18.03289 1.000 367.57643 ? 212 DC G "C3'" 1 
ATOM 581 O "O3'" . DC C 3 4  ? -9.80606  -20.50770 -17.07599 1.000 369.50417 ? 212 DC G "O3'" 1 
ATOM 582 C "C2'" . DC C 3 4  ? -11.92939 -19.36686 -17.39173 1.000 350.27431 ? 212 DC G "C2'" 1 
ATOM 583 C "C1'" . DC C 3 4  ? -11.40746 -18.16964 -16.60169 1.000 355.63027 ? 212 DC G "C1'" 1 
ATOM 584 N N1    . DC C 3 4  ? -12.41866 -17.06885 -16.37609 1.000 255.49954 ? 212 DC G N1    1 
ATOM 585 C C2    . DC C 3 4  ? -13.07316 -16.96367 -15.13959 1.000 248.68844 ? 212 DC G C2    1 
ATOM 586 O O2    . DC C 3 4  ? -12.82247 -17.78924 -14.25111 1.000 247.45697 ? 212 DC G O2    1 
ATOM 587 N N3    . DC C 3 4  ? -13.97089 -15.95593 -14.95606 1.000 244.04635 ? 212 DC G N3    1 
ATOM 588 C C4    . DC C 3 4  ? -14.21106 -15.08612 -15.94079 1.000 245.93326 ? 212 DC G C4    1 
ATOM 589 N N4    . DC C 3 4  ? -15.10048 -14.11239 -15.72230 1.000 241.57327 ? 212 DC G N4    1 
ATOM 590 C C5    . DC C 3 4  ? -13.54981 -15.17511 -17.19745 1.000 252.85000 ? 212 DC G C5    1 
ATOM 591 C C6    . DC C 3 4  ? -12.67988 -16.17349 -17.37265 1.000 257.42159 ? 212 DC G C6    1 
ATOM 592 P P     . DG C 3 5  ? -9.83613  -22.10519 -16.91047 1.000 370.66541 ? 213 DG G P     1 
ATOM 593 O OP1   . DG C 3 5  ? -8.47569  -22.54445 -16.53520 1.000 377.69928 ? 213 DG G OP1   1 
ATOM 594 O OP2   . DG C 3 5  ? -10.48336 -22.67190 -18.11368 1.000 375.28926 ? 213 DG G OP2   1 
ATOM 595 O "O5'" . DG C 3 5  ? -10.80190 -22.34656 -15.66045 1.000 351.10910 ? 213 DG G "O5'" 1 
ATOM 596 C "C5'" . DG C 3 5  ? -11.73753 -23.41242 -15.69352 1.000 340.06404 ? 213 DG G "C5'" 1 
ATOM 597 C "C4'" . DG C 3 5  ? -12.16925 -23.80683 -14.29038 1.000 326.79643 ? 213 DG G "C4'" 1 
ATOM 598 O "O4'" . DG C 3 5  ? -12.31779 -22.62350 -13.47301 1.000 323.63398 ? 213 DG G "O4'" 1 
ATOM 599 C "C3'" . DG C 3 5  ? -13.48548 -24.57777 -14.21910 1.000 310.16039 ? 213 DG G "C3'" 1 
ATOM 600 O "O3'" . DG C 3 5  ? -13.25452 -25.87132 -13.67227 1.000 306.48928 ? 213 DG G "O3'" 1 
ATOM 601 C "C2'" . DG C 3 5  ? -14.41367 -23.74267 -13.31912 1.000 299.42680 ? 213 DG G "C2'" 1 
ATOM 602 C "C1'" . DG C 3 5  ? -13.66601 -22.42932 -13.09672 1.000 306.67003 ? 213 DG G "C1'" 1 
ATOM 603 N N9    . DG C 3 5  ? -14.20265 -21.29141 -13.84752 1.000 308.58251 ? 213 DG G N9    1 
ATOM 604 C C8    . DG C 3 5  ? -13.81503 -20.88120 -15.09367 1.000 321.86243 ? 213 DG G C8    1 
ATOM 605 N N7    . DG C 3 5  ? -14.44757 -19.82865 -15.52081 1.000 321.14367 ? 213 DG G N7    1 
ATOM 606 C C5    . DG C 3 5  ? -15.30697 -19.50359 -14.48997 1.000 306.28905 ? 213 DG G C5    1 
ATOM 607 C C6    . DG C 3 5  ? -16.23993 -18.44658 -14.39220 1.000 299.72434 ? 213 DG G C6    1 
ATOM 608 O O6    . DG C 3 5  ? -16.49158 -17.56814 -15.23437 1.000 306.05751 ? 213 DG G O6    1 
ATOM 609 N N1    . DG C 3 5  ? -16.91821 -18.47129 -13.17862 1.000 285.13832 ? 213 DG G N1    1 
ATOM 610 C C2    . DG C 3 5  ? -16.71680 -19.40027 -12.17880 1.000 279.18686 ? 213 DG G C2    1 
ATOM 611 N N2    . DG C 3 5  ? -17.47114 -19.25274 -11.07541 1.000 268.23199 ? 213 DG G N2    1 
ATOM 612 N N3    . DG C 3 5  ? -15.83709 -20.40184 -12.25716 1.000 285.02004 ? 213 DG G N3    1 
ATOM 613 C C4    . DG C 3 5  ? -15.17042 -20.39016 -13.43937 1.000 298.27754 ? 213 DG G C4    1 
ATOM 614 O "O5'" . DT D 4 1  ? 4.56014   12.39471  23.61651  1.000 446.25511 ? 104 DT H "O5'" 1 
ATOM 615 C "C5'" . DT D 4 1  ? 5.89574   12.06711  23.98923  1.000 430.95760 ? 104 DT H "C5'" 1 
ATOM 616 C "C4'" . DT D 4 1  ? 6.71353   13.32429  24.24234  1.000 430.77762 ? 104 DT H "C4'" 1 
ATOM 617 O "O4'" . DT D 4 1  ? 8.00456   12.95726  24.78559  1.000 414.59229 ? 104 DT H "O4'" 1 
ATOM 618 C "C3'" . DT D 4 1  ? 6.99768   14.15558  23.00169  1.000 423.58500 ? 104 DT H "C3'" 1 
ATOM 619 O "O3'" . DT D 4 1  ? 6.01038   15.17203  22.87427  1.000 445.14073 ? 104 DT H "O3'" 1 
ATOM 620 C "C2'" . DT D 4 1  ? 8.37499   14.75909  23.27689  1.000 412.25497 ? 104 DT H "C2'" 1 
ATOM 621 C "C1'" . DT D 4 1  ? 9.03245   13.74247  24.20953  1.000 404.27951 ? 104 DT H "C1'" 1 
ATOM 622 N N1    . DT D 4 1  ? 10.04118  12.80627  23.57093  1.000 354.69841 ? 104 DT H N1    1 
ATOM 623 C C2    . DT D 4 1  ? 11.10226  13.30168  22.82405  1.000 347.58907 ? 104 DT H C2    1 
ATOM 624 O O2    . DT D 4 1  ? 11.27872  14.48708  22.59751  1.000 351.52533 ? 104 DT H O2    1 
ATOM 625 N N3    . DT D 4 1  ? 11.94983  12.33203  22.33506  1.000 340.23197 ? 104 DT H N3    1 
ATOM 626 C C4    . DT D 4 1  ? 11.85410  10.96064  22.52539  1.000 335.67549 ? 104 DT H C4    1 
ATOM 627 O O4    . DT D 4 1  ? 12.65794  10.16872  22.05046  1.000 329.78785 ? 104 DT H O4    1 
ATOM 628 C C5    . DT D 4 1  ? 10.73878  10.52227  23.32234  1.000 338.97271 ? 104 DT H C5    1 
ATOM 629 C C7    . DT D 4 1  ? 10.53444  9.05829   23.59448  1.000 334.95784 ? 104 DT H C7    1 
ATOM 630 C C6    . DT D 4 1  ? 9.90493   11.45194  23.80173  1.000 346.23325 ? 104 DT H C6    1 
ATOM 631 P P     . DG D 4 2  ? 5.19788   15.35228  21.49982  1.000 449.00653 ? 105 DG H P     1 
ATOM 632 O OP1   . DG D 4 2  ? 3.75973   15.40455  21.84429  1.000 474.12906 ? 105 DG H OP1   1 
ATOM 633 O OP2   . DG D 4 2  ? 5.69114   14.33839  20.54110  1.000 426.80159 ? 105 DG H OP2   1 
ATOM 634 O "O5'" . DG D 4 2  ? 5.64942   16.79188  20.96669  1.000 448.06769 ? 105 DG H "O5'" 1 
ATOM 635 C "C5'" . DG D 4 2  ? 6.58643   17.56569  21.70281  1.000 450.51295 ? 105 DG H "C5'" 1 
ATOM 636 C "C4'" . DG D 4 2  ? 7.61998   18.18342  20.77798  1.000 434.43288 ? 105 DG H "C4'" 1 
ATOM 637 O "O4'" . DG D 4 2  ? 8.79956   17.34188  20.73838  1.000 411.72514 ? 105 DG H "O4'" 1 
ATOM 638 C "C3'" . DG D 4 2  ? 7.17195   18.35336  19.33180  1.000 430.36539 ? 105 DG H "C3'" 1 
ATOM 639 O "O3'" . DG D 4 2  ? 7.69996   19.55393  18.79722  1.000 432.92521 ? 105 DG H "O3'" 1 
ATOM 640 C "C2'" . DG D 4 2  ? 7.75412   17.12443  18.63929  1.000 405.23456 ? 105 DG H "C2'" 1 
ATOM 641 C "C1'" . DG D 4 2  ? 9.04210   16.89774  19.41946  1.000 393.75720 ? 105 DG H "C1'" 1 
ATOM 642 N N9    . DG D 4 2  ? 9.43642   15.49570  19.48351  1.000 375.03745 ? 105 DG H N9    1 
ATOM 643 C C8    . DG D 4 2  ? 8.76743   14.48242  20.11860  1.000 377.52050 ? 105 DG H C8    1 
ATOM 644 N N7    . DG D 4 2  ? 9.35130   13.32456  20.01749  1.000 358.59617 ? 105 DG H N7    1 
ATOM 645 C C5    . DG D 4 2  ? 10.48163  13.58451  19.26053  1.000 342.84179 ? 105 DG H C5    1 
ATOM 646 C C6    . DG D 4 2  ? 11.49625  12.70904  18.82642  1.000 330.61762 ? 105 DG H C6    1 
ATOM 647 O O6    . DG D 4 2  ? 11.59584  11.49269  19.03268  1.000 326.38781 ? 105 DG H O6    1 
ATOM 648 N N1    . DG D 4 2  ? 12.46379  13.37834  18.07921  1.000 329.63346 ? 105 DG H N1    1 
ATOM 649 C C2    . DG D 4 2  ? 12.44549  14.72565  17.79582  1.000 334.37180 ? 105 DG H C2    1 
ATOM 650 N N2    . DG D 4 2  ? 13.46255  15.19747  17.06019  1.000 333.04470 ? 105 DG H N2    1 
ATOM 651 N N3    . DG D 4 2  ? 11.49462  15.55545  18.19905  1.000 344.44743 ? 105 DG H N3    1 
ATOM 652 C C4    . DG D 4 2  ? 10.55025  14.91755  18.92680  1.000 352.76415 ? 105 DG H C4    1 
ATOM 653 P P     . DA D 4 3  ? 7.18832   20.08304  17.37151  1.000 421.91676 ? 106 DA H P     1 
ATOM 654 O OP1   . DA D 4 3  ? 7.31258   21.55553  17.36611  1.000 441.48707 ? 106 DA H OP1   1 
ATOM 655 O OP2   . DA D 4 3  ? 5.87629   19.44929  17.10855  1.000 424.58094 ? 106 DA H OP2   1 
ATOM 656 O "O5'" . DA D 4 3  ? 8.24983   19.47962  16.34289  1.000 394.84971 ? 106 DA H "O5'" 1 
ATOM 657 C "C5'" . DA D 4 3  ? 9.63067   19.74602  16.51867  1.000 386.20805 ? 106 DA H "C5'" 1 
ATOM 658 C "C4'" . DA D 4 3  ? 10.46204  18.96136  15.51803  1.000 361.55211 ? 106 DA H "C4'" 1 
ATOM 659 O "O4'" . DA D 4 3  ? 10.62651  17.59369  15.97155  1.000 345.43146 ? 106 DA H "O4'" 1 
ATOM 660 C "C3'" . DA D 4 3  ? 9.87230   18.87860  14.10757  1.000 356.77733 ? 106 DA H "C3'" 1 
ATOM 661 O "O3'" . DA D 4 3  ? 10.84684  19.30294  13.15262  1.000 345.50916 ? 106 DA H "O3'" 1 
ATOM 662 C "C2'" . DA D 4 3  ? 9.50664   17.39469  13.94196  1.000 343.20108 ? 106 DA H "C2'" 1 
ATOM 663 C "C1'" . DA D 4 3  ? 10.49943  16.72153  14.87203  1.000 337.82501 ? 106 DA H "C1'" 1 
ATOM 664 N N9    . DA D 4 3  ? 10.07250  15.41571  15.37657  1.000 334.26271 ? 106 DA H N9    1 
ATOM 665 C C8    . DA D 4 3  ? 8.97960   15.15303  16.15706  1.000 337.67641 ? 106 DA H C8    1 
ATOM 666 N N7    . DA D 4 3  ? 8.85414   13.88914  16.48643  1.000 333.41398 ? 106 DA H N7    1 
ATOM 667 C C5    . DA D 4 3  ? 9.94613   13.27748  15.88649  1.000 327.09516 ? 106 DA H C5    1 
ATOM 668 C C6    . DA D 4 3  ? 10.38362  11.93662  15.85945  1.000 321.11161 ? 106 DA H C6    1 
ATOM 669 N N6    . DA D 4 3  ? 9.74016   10.94565  16.47665  1.000 320.26432 ? 106 DA H N6    1 
ATOM 670 N N1    . DA D 4 3  ? 11.51372  11.65550  15.17153  1.000 316.62846 ? 106 DA H N1    1 
ATOM 671 C C2    . DA D 4 3  ? 12.15559  12.65631  14.55451  1.000 318.03567 ? 106 DA H C2    1 
ATOM 672 N N3    . DA D 4 3  ? 11.83871  13.95575  14.50894  1.000 323.31918 ? 106 DA H N3    1 
ATOM 673 C C4    . DA D 4 3  ? 10.70890  14.20055  15.20231  1.000 327.66001 ? 106 DA H C4    1 
ATOM 674 P P     . DT D 4 4  ? 10.48481  19.37252  11.58782  1.000 362.59772 ? 107 DT H P     1 
ATOM 675 O OP1   . DT D 4 4  ? 11.30932  20.44173  10.97856  1.000 365.38914 ? 107 DT H OP1   1 
ATOM 676 O OP2   . DT D 4 4  ? 9.00996   19.40801  11.44504  1.000 374.71573 ? 107 DT H OP2   1 
ATOM 677 O "O5'" . DT D 4 4  ? 10.99574  17.96799  11.02820  1.000 338.54821 ? 107 DT H "O5'" 1 
ATOM 678 C "C5'" . DT D 4 4  ? 11.07828  17.74918  9.63450   1.000 332.01350 ? 107 DT H "C5'" 1 
ATOM 679 C "C4'" . DT D 4 4  ? 12.31568  16.94213  9.30016   1.000 326.45562 ? 107 DT H "C4'" 1 
ATOM 680 O "O4'" . DT D 4 4  ? 12.47381  15.87560  10.27501  1.000 323.11358 ? 107 DT H "O4'" 1 
ATOM 681 C "C3'" . DT D 4 4  ? 12.28250  16.25969  7.94476   1.000 322.52564 ? 107 DT H "C3'" 1 
ATOM 682 O "O3'" . DT D 4 4  ? 13.60091  16.13898  7.42597   1.000 320.31104 ? 107 DT H "O3'" 1 
ATOM 683 C "C2'" . DT D 4 4  ? 11.67732  14.90147  8.27948   1.000 318.44420 ? 107 DT H "C2'" 1 
ATOM 684 C "C1'" . DT D 4 4  ? 12.26407  14.61765  9.65993   1.000 317.86378 ? 107 DT H "C1'" 1 
ATOM 685 N N1    . DT D 4 4  ? 11.36044  13.80149  10.53725  1.000 317.11460 ? 107 DT H N1    1 
ATOM 686 C C2    . DT D 4 4  ? 11.63521  12.46787  10.74857  1.000 312.23516 ? 107 DT H C2    1 
ATOM 687 O O2    . DT D 4 4  ? 12.59069  11.89682  10.25806  1.000 308.53433 ? 107 DT H O2    1 
ATOM 688 N N3    . DT D 4 4  ? 10.74170  11.82324  11.56559  1.000 312.46530 ? 107 DT H N3    1 
ATOM 689 C C4    . DT D 4 4  ? 9.62966   12.36685  12.17467  1.000 317.29289 ? 107 DT H C4    1 
ATOM 690 O O4    . DT D 4 4  ? 8.88274   11.71318  12.89236  1.000 317.74525 ? 107 DT H O4    1 
ATOM 691 C C5    . DT D 4 4  ? 9.40455   13.76021  11.91016  1.000 322.41872 ? 107 DT H C5    1 
ATOM 692 C C7    . DT D 4 4  ? 8.22961   14.45249  12.51717  1.000 340.44454 ? 107 DT H C7    1 
ATOM 693 C C6    . DT D 4 4  ? 10.26786  14.40299  11.11633  1.000 321.95824 ? 107 DT H C6    1 
ATOM 694 P P     . DG D 4 5  ? 13.82812  15.76486  5.88031   1.000 321.00860 ? 108 DG H P     1 
ATOM 695 O OP1   . DG D 4 5  ? 15.26586  15.95653  5.57164   1.000 317.65704 ? 108 DG H OP1   1 
ATOM 696 O OP2   . DG D 4 5  ? 12.79553  16.47636  5.09078   1.000 333.86467 ? 108 DG H OP2   1 
ATOM 697 O "O5'" . DG D 4 5  ? 13.48054  14.20665  5.82036   1.000 308.86072 ? 108 DG H "O5'" 1 
ATOM 698 C "C5'" . DG D 4 5  ? 14.03969  13.39246  4.81235   1.000 305.71129 ? 108 DG H "C5'" 1 
ATOM 699 C "C4'" . DG D 4 5  ? 14.55455  12.09641  5.40637   1.000 301.32468 ? 108 DG H "C4'" 1 
ATOM 700 O "O4'" . DG D 4 5  ? 13.83237  11.80414  6.63549   1.000 300.95488 ? 108 DG H "O4'" 1 
ATOM 701 C "C3'" . DG D 4 5  ? 14.36802  10.87218  4.52405   1.000 298.00288 ? 108 DG H "C3'" 1 
ATOM 702 O "O3'" . DG D 4 5  ? 15.40248  9.93102   4.78502   1.000 295.00819 ? 108 DG H "O3'" 1 
ATOM 703 C "C2'" . DG D 4 5  ? 13.00773  10.35643  4.98209   1.000 297.37835 ? 108 DG H "C2'" 1 
ATOM 704 C "C1'" . DG D 4 5  ? 13.09211  10.60554  6.48302   1.000 297.95724 ? 108 DG H "C1'" 1 
ATOM 705 N N9    . DG D 4 5  ? 11.79254  10.77467  7.13642   1.000 300.00156 ? 108 DG H N9    1 
ATOM 706 C C8    . DG D 4 5  ? 11.05558  11.92891  7.20967   1.000 308.27156 ? 108 DG H C8    1 
ATOM 707 N N7    . DG D 4 5  ? 9.93715   11.79780  7.86458   1.000 318.72001 ? 108 DG H N7    1 
ATOM 708 C C5    . DG D 4 5  ? 9.92745   10.46684  8.25778   1.000 309.50130 ? 108 DG H C5    1 
ATOM 709 C C6    . DG D 4 5  ? 8.96098   9.74680   8.99801   1.000 315.78547 ? 108 DG H C6    1 
ATOM 710 O O6    . DG D 4 5  ? 7.88913   10.16100  9.46449   1.000 332.01851 ? 108 DG H O6    1 
ATOM 711 N N1    . DG D 4 5  ? 9.33840   8.41559   9.17992   1.000 303.51238 ? 108 DG H N1    1 
ATOM 712 C C2    . DG D 4 5  ? 10.50072  7.85389   8.69772   1.000 294.39920 ? 108 DG H C2    1 
ATOM 713 N N2    . DG D 4 5  ? 10.69728  6.55362   8.97626   1.000 290.97705 ? 108 DG H N2    1 
ATOM 714 N N3    . DG D 4 5  ? 11.41818  8.52388   8.00530   1.000 294.47554 ? 108 DG H N3    1 
ATOM 715 C C4    . DG D 4 5  ? 11.06429  9.82196   7.82186   1.000 298.48207 ? 108 DG H C4    1 
ATOM 716 P P     . DT D 4 6  ? 15.95140  8.98431   3.61022   1.000 293.13280 ? 109 DT H P     1 
ATOM 717 O OP1   . DT D 4 6  ? 17.36700  8.66461   3.89776   1.000 292.46428 ? 109 DT H OP1   1 
ATOM 718 O OP2   . DT D 4 6  ? 15.57985  9.61535   2.32303   1.000 295.65370 ? 109 DT H OP2   1 
ATOM 719 O "O5'" . DT D 4 6  ? 15.08819  7.65251   3.77385   1.000 290.02821 ? 109 DT H "O5'" 1 
ATOM 720 C "C5'" . DT D 4 6  ? 14.63046  7.25131   5.06453   1.000 288.58946 ? 109 DT H "C5'" 1 
ATOM 721 C "C4'" . DT D 4 6  ? 13.44748  6.31539   4.92679   1.000 287.24237 ? 109 DT H "C4'" 1 
ATOM 722 O "O4'" . DT D 4 6  ? 12.28356  6.85886   5.60897   1.000 289.18660 ? 109 DT H "O4'" 1 
ATOM 723 C "C3'" . DT D 4 6  ? 13.00225  6.06023   3.47983   1.000 287.89994 ? 109 DT H "C3'" 1 
ATOM 724 O "O3'" . DT D 4 6  ? 12.89579  4.66758   3.25742   1.000 285.55922 ? 109 DT H "O3'" 1 
ATOM 725 C "C2'" . DT D 4 6  ? 11.63536  6.74311   3.40496   1.000 290.65074 ? 109 DT H "C2'" 1 
ATOM 726 C "C1'" . DT D 4 6  ? 11.15925  6.54848   4.82788   1.000 290.05997 ? 109 DT H "C1'" 1 
ATOM 727 N N1    . DT D 4 6  ? 10.00671  7.41705   5.21740   1.000 293.61093 ? 109 DT H N1    1 
ATOM 728 C C2    . DT D 4 6  ? 8.98039   6.86931   5.95260   1.000 294.07842 ? 109 DT H C2    1 
ATOM 729 O O2    . DT D 4 6  ? 8.97284   5.71039   6.32084   1.000 291.48606 ? 109 DT H O2    1 
ATOM 730 N N3    . DT D 4 6  ? 7.96147   7.73364   6.25496   1.000 298.29391 ? 109 DT H N3    1 
ATOM 731 C C4    . DT D 4 6  ? 7.86272   9.06432   5.89533   1.000 301.92970 ? 109 DT H C4    1 
ATOM 732 O O4    . DT D 4 6  ? 6.90322   9.76203   6.21615   1.000 307.75133 ? 109 DT H O4    1 
ATOM 733 C C5    . DT D 4 6  ? 8.96950   9.57599   5.11526   1.000 300.95747 ? 109 DT H C5    1 
ATOM 734 C C7    . DT D 4 6  ? 8.97392   11.00626  4.66338   1.000 305.00903 ? 109 DT H C7    1 
ATOM 735 C C6    . DT D 4 6  ? 9.97364   8.73440   4.81217   1.000 296.97290 ? 109 DT H C6    1 
# 
loop_
_atom_site_anisotrop.id 
_atom_site_anisotrop.type_symbol 
_atom_site_anisotrop.pdbx_label_atom_id 
_atom_site_anisotrop.pdbx_label_alt_id 
_atom_site_anisotrop.pdbx_label_comp_id 
_atom_site_anisotrop.pdbx_label_asym_id 
_atom_site_anisotrop.pdbx_label_seq_id 
_atom_site_anisotrop.pdbx_PDB_ins_code 
_atom_site_anisotrop.U[1][1] 
_atom_site_anisotrop.U[2][2] 
_atom_site_anisotrop.U[3][3] 
_atom_site_anisotrop.U[1][2] 
_atom_site_anisotrop.U[1][3] 
_atom_site_anisotrop.U[2][3] 
_atom_site_anisotrop.pdbx_auth_seq_id 
_atom_site_anisotrop.pdbx_auth_comp_id 
_atom_site_anisotrop.pdbx_auth_asym_id 
_atom_site_anisotrop.pdbx_auth_atom_id 
1   P P     . DC A 1  ? 4.74662 4.97545 6.75673 -1.46639 0.11580  -0.14544 106 DC E P     
2   O OP1   . DC A 1  ? 4.77680 4.97769 6.73418 -1.48688 0.12767  -0.13985 106 DC E OP1   
3   O OP2   . DC A 1  ? 4.64881 4.88708 6.69740 -1.42772 0.12057  -0.16038 106 DC E OP2   
4   O "O5'" . DC A 1  ? 4.93441 5.12515 6.90503 -1.47229 0.07543  -0.13236 106 DC E "O5'" 
5   C "C5'" . DC A 1  ? 5.03444 5.23114 6.99674 -1.50553 0.06370  -0.11855 106 DC E "C5'" 
6   C "C4'" . DC A 1  ? 5.18965 5.32134 7.07355 -1.52493 0.03957  -0.10506 106 DC E "C4'" 
7   O "O4'" . DC A 1  ? 5.15125 5.24974 7.01226 -1.50900 0.00749  -0.11009 106 DC E "O4'" 
8   C "C3'" . DC A 1  ? 5.25185 5.34110 7.08511 -1.52085 0.04761  -0.10393 106 DC E "C3'" 
9   O "O3'" . DC A 1  ? 5.42390 5.52099 7.24437 -1.55389 0.06334  -0.08928 106 DC E "O3'" 
10  C "C2'" . DC A 1  ? 5.19380 5.21540 6.96147 -1.51506 0.01343  -0.10167 106 DC E "C2'" 
11  C "C1'" . DC A 1  ? 5.20963 5.24258 6.99768 -1.51492 -0.01002 -0.10523 106 DC E "C1'" 
12  N N1    . DC A 1  ? 3.32253 3.32657 5.09195 -1.48548 -0.03518 -0.11859 106 DC E N1    
13  C C2    . DC A 1  ? 3.34786 3.29155 5.05331 -1.48956 -0.06058 -0.11993 106 DC E C2    
14  O O2    . DC A 1  ? 3.39289 3.30313 5.05572 -1.51793 -0.06229 -0.10841 106 DC E O2    
15  N N3    . DC A 1  ? 3.32282 3.24983 5.01781 -1.46248 -0.08258 -0.13449 106 DC E N3    
16  C C4    . DC A 1  ? 3.27604 3.24410 5.01949 -1.43529 -0.08128 -0.14308 106 DC E C4    
17  N N4    . DC A 1  ? 3.25266 3.21004 4.98600 -1.41189 -0.10450 -0.15545 106 DC E N4    
18  C C5    . DC A 1  ? 3.25204 3.27738 5.05965 -1.43138 -0.05629 -0.13971 106 DC E C5    
19  C C6    . DC A 1  ? 3.27595 3.31689 5.09472 -1.45564 -0.03336 -0.12965 106 DC E C6    
20  P P     . DG A 2  ? 4.87816 4.95210 6.66245 -1.55355 0.08128  -0.08855 107 DG E P     
21  O OP1   . DG A 2  ? 5.02750 5.16561 6.86065 -1.56423 0.12102  -0.09573 107 DG E OP1   
22  O OP2   . DG A 2  ? 4.73938 4.77506 6.49914 -1.51730 0.07448  -0.10358 107 DG E OP2   
23  O "O5'" . DG A 2  ? 5.04201 5.06560 6.76441 -1.58670 0.05654  -0.06103 107 DG E "O5'" 
24  C "C5'" . DG A 2  ? 5.05514 5.03029 6.73711 -1.59334 0.01870  -0.05365 107 DG E "C5'" 
25  C "C4'" . DG A 2  ? 5.17040 5.07488 6.78428 -1.57973 -0.00146 -0.05534 107 DG E "C4'" 
26  O "O4'" . DG A 2  ? 5.10984 4.98927 6.71145 -1.55465 -0.02313 -0.07408 107 DG E "O4'" 
27  C "C3'" . DG A 2  ? 5.18613 5.08699 6.79521 -1.55478 0.01939  -0.06543 107 DG E "C3'" 
28  O "O3'" . DG A 2  ? 5.35475 5.25539 6.95118 -1.57755 0.03215  -0.04750 107 DG E "O3'" 
29  C "C2'" . DG A 2  ? 5.07256 4.91122 6.62682 -1.53044 -0.00622 -0.07560 107 DG E "C2'" 
30  C "C1'" . DG A 2  ? 5.03855 4.87379 6.59848 -1.52789 -0.02996 -0.08418 107 DG E "C1'" 
31  N N9    . DG A 2  ? 2.91893 2.77286 4.51115 -1.49057 -0.03172 -0.10483 107 DG E N9    
32  C C8    . DG A 2  ? 2.87923 2.78842 4.53528 -1.47231 -0.00938 -0.11364 107 DG E C8    
33  N N7    . DG A 2  ? 2.84183 2.75879 4.51774 -1.44250 -0.01997 -0.12729 107 DG E N7    
34  C C5    . DG A 2  ? 2.85524 2.72207 4.47791 -1.43951 -0.05007 -0.13057 107 DG E C5    
35  C C6    . DG A 2  ? 2.82791 2.68631 4.44727 -1.41329 -0.07297 -0.14437 107 DG E C6    
36  O O6    . DG A 2  ? 2.78605 2.68027 4.44923 -1.38873 -0.07260 -0.15229 107 DG E O6    
37  N N1    . DG A 2  ? 2.85490 2.66101 4.41662 -1.41834 -0.09845 -0.14886 107 DG E N1    
38  C C2    . DG A 2  ? 2.90445 2.66751 4.41694 -1.44577 -0.10111 -0.13971 107 DG E C2    
39  N N2    . DG A 2  ? 2.92577 2.64120 4.39176 -1.44424 -0.12498 -0.15001 107 DG E N2    
40  N N3    . DG A 2  ? 2.93181 2.70232 4.44510 -1.47331 -0.08141 -0.12220 107 DG E N3    
41  C C4    . DG A 2  ? 2.90365 2.72880 4.47405 -1.46806 -0.05680 -0.11890 107 DG E C4    
42  P P     . DA A 3  ? 4.40762 4.31170 5.99760 -1.55907 0.06225  -0.06093 108 DA E P     
43  O OP1   . DA A 3  ? 4.60024 4.55268 6.21648 -1.58628 0.09366  -0.05223 108 DA E OP1   
44  O OP2   . DA A 3  ? 4.32724 4.24751 5.94297 -1.52162 0.07581  -0.08975 108 DA E OP2   
45  O "O5'" . DA A 3  ? 4.38334 4.21089 5.90324 -1.55427 0.03308  -0.04993 108 DA E "O5'" 
46  C "C5'" . DA A 3  ? 4.46475 4.25207 5.95435 -1.58160 -0.00028 -0.02090 108 DA E "C5'" 
47  C "C4'" . DA A 3  ? 4.43926 4.15309 5.85840 -1.56448 -0.03335 -0.02595 108 DA E "C4'" 
48  O "O4'" . DA A 3  ? 4.26036 3.97216 5.67726 -1.54320 -0.03968 -0.05311 108 DA E "O4'" 
49  C "C3'" . DA A 3  ? 4.44964 4.13133 5.84152 -1.54438 -0.02897 -0.03033 108 DA E "C3'" 
50  O "O3'" . DA A 3  ? 4.50545 4.12241 5.83375 -1.53638 -0.06021 -0.02108 108 DA E "O3'" 
51  C "C2'" . DA A 3  ? 4.26512 3.95428 5.65852 -1.50784 -0.01768 -0.06254 108 DA E "C2'" 
52  C "C1'" . DA A 3  ? 4.16478 3.84878 5.55608 -1.50868 -0.04006 -0.07066 108 DA E "C1'" 
53  N N9    . DA A 3  ? 2.79821 2.51855 4.23348 -1.47806 -0.02830 -0.09331 108 DA E N9    
54  C C8    . DA A 3  ? 2.76824 2.54761 4.26540 -1.46957 0.00312  -0.10113 108 DA E C8    
55  N N7    . DA A 3  ? 2.72797 2.52838 4.25810 -1.44122 0.00390  -0.11830 108 DA E N7    
56  C C5    . DA A 3  ? 2.72867 2.48499 4.21667 -1.42945 -0.02789 -0.12308 108 DA E C5    
57  C C6    . DA A 3  ? 2.69421 2.45349 4.19387 -1.40096 -0.04329 -0.13816 108 DA E C6    
58  N N6    . DA A 3  ? 2.65296 2.45942 4.21184 -1.37984 -0.03033 -0.14686 108 DA E N6    
59  N N1    . DA A 3  ? 2.70448 2.42052 4.15699 -1.39559 -0.07256 -0.14436 108 DA E N1    
60  C C2    . DA A 3  ? 2.74907 2.41633 4.14414 -1.41698 -0.08451 -0.13692 108 DA E C2    
61  N N3    . DA A 3  ? 2.78681 2.44289 4.16333 -1.44644 -0.07394 -0.11872 108 DA E N3    
62  C C4    . DA A 3  ? 2.77254 2.47796 4.20005 -1.45125 -0.04629 -0.11130 108 DA E C4    
63  P P     . DC A 4  ? 3.95407 3.52749 5.25024 -1.51129 -0.06412 -0.02470 109 DC E P     
64  O OP1   . DC A 4  ? 3.95007 3.46629 5.20156 -1.50667 -0.10063 -0.00941 109 DC E OP1   
65  O OP2   . DC A 4  ? 4.06146 3.67286 5.40004 -1.52065 -0.02526 -0.02368 109 DC E OP2   
66  O "O5'" . DC A 4  ? 3.84197 3.40332 5.10958 -1.48568 -0.06362 -0.05714 109 DC E "O5'" 
67  C "C5'" . DC A 4  ? 3.72064 3.23558 4.93955 -1.45974 -0.07457 -0.06848 109 DC E "C5'" 
68  C "C4'" . DC A 4  ? 3.51609 3.01290 4.70717 -1.44063 -0.08829 -0.09555 109 DC E "C4'" 
69  O "O4'" . DC A 4  ? 3.43493 2.98021 4.68102 -1.44478 -0.07984 -0.10288 109 DC E "O4'" 
70  C "C3'" . DC A 4  ? 3.30847 2.79986 4.49534 -1.40554 -0.08325 -0.11428 109 DC E "C3'" 
71  O "O3'" . DC A 4  ? 3.33819 2.77377 4.46176 -1.39491 -0.09998 -0.11529 109 DC E "O3'" 
72  C "C2'" . DC A 4  ? 3.10887 2.61791 4.31525 -1.38824 -0.09218 -0.13470 109 DC E "C2'" 
73  C "C1'" . DC A 4  ? 3.18508 2.74031 4.44490 -1.41041 -0.08258 -0.12587 109 DC E "C1'" 
74  N N1    . DC A 4  ? 3.08988 2.70483 4.41751 -1.39632 -0.05507 -0.13053 109 DC E N1    
75  C C2    . DC A 4  ? 2.84608 2.48244 4.20213 -1.36597 -0.05668 -0.14746 109 DC E C2    
76  O O2    . DC A 4  ? 2.76414 2.37424 4.09092 -1.35136 -0.08116 -0.15799 109 DC E O2    
77  N N3    . DC A 4  ? 2.77338 2.46148 4.19130 -1.35396 -0.03136 -0.15250 109 DC E N3    
78  C C4    . DC A 4  ? 2.93155 2.65159 4.38190 -1.36999 -0.00261 -0.14647 109 DC E C4    
79  N N4    . DC A 4  ? 2.83980 2.61072 4.35328 -1.35656 0.02278  -0.15598 109 DC E N4    
80  C C5    . DC A 4  ? 3.16820 2.87300 4.59165 -1.40103 0.00108  -0.13059 109 DC E C5    
81  C C6    . DC A 4  ? 3.24131 2.89258 4.60495 -1.41346 -0.02736 -0.12015 109 DC E C6    
82  P P     . DC A 5  ? 3.26019 2.65263 4.32585 -1.37787 -0.12134 -0.14022 110 DC E P     
83  O OP1   . DC A 5  ? 3.39418 2.78807 4.46535 -1.39460 -0.12540 -0.15147 110 DC E OP1   
84  O OP2   . DC A 5  ? 3.28222 2.62692 4.28733 -1.36799 -0.12799 -0.13748 110 DC E OP2   
85  O "O5'" . DC A 5  ? 3.11623 2.53289 4.21098 -1.34633 -0.12144 -0.15954 110 DC E "O5'" 
86  C "C5'" . DC A 5  ? 3.13059 2.52722 4.19846 -1.32502 -0.14106 -0.18317 110 DC E "C5'" 
87  C "C4'" . DC A 5  ? 3.00091 2.43959 4.11327 -1.29538 -0.14004 -0.19490 110 DC E "C4'" 
88  O "O4'" . DC A 5  ? 2.95681 2.44872 4.13585 -1.30166 -0.12268 -0.18615 110 DC E "O4'" 
89  C "C3'" . DC A 5  ? 2.87302 2.30647 3.97370 -1.27094 -0.12991 -0.19772 110 DC E "C3'" 
90  O "O3'" . DC A 5  ? 2.86810 2.27227 3.92447 -1.25248 -0.15069 -0.21446 110 DC E "O3'" 
91  C "C2'" . DC A 5  ? 2.80229 2.29367 3.97212 -1.25562 -0.11377 -0.19995 110 DC E "C2'" 
92  C "C1'" . DC A 5  ? 2.85109 2.37754 4.06853 -1.27651 -0.10956 -0.19189 110 DC E "C1'" 
93  N N1    . DC A 5  ? 2.85817 2.42041 4.12379 -1.28459 -0.07788 -0.18172 110 DC E N1    
94  C C2    . DC A 5  ? 2.83436 2.44502 4.16137 -1.26685 -0.06009 -0.18657 110 DC E C2    
95  O O2    . DC A 5  ? 2.80639 2.43047 4.14734 -1.24560 -0.07290 -0.19479 110 DC E O2    
96  N N3    . DC A 5  ? 2.84454 2.48966 4.21786 -1.27453 -0.02916 -0.18244 110 DC E N3    
97  C C4    . DC A 5  ? 2.87376 2.51130 4.23413 -1.29967 -0.01615 -0.17322 110 DC E C4    
98  N N4    . DC A 5  ? 2.88152 2.56056 4.29097 -1.30696 0.01630  -0.17380 110 DC E N4    
99  C C5    . DC A 5  ? 2.89814 2.48818 4.19802 -1.31928 -0.03622 -0.16317 110 DC E C5    
100 C C6    . DC A 5  ? 2.89067 2.44232 4.14488 -1.31058 -0.06660 -0.16823 110 DC E C6    
101 P P     . DT A 6  ? 2.55730 3.83897 3.64032 0.06968  -0.48192 -0.38007 111 DT E P     
102 O OP1   . DT A 6  ? 2.56609 3.86978 3.73344 0.07720  -0.45566 -0.36881 111 DT E OP1   
103 O OP2   . DT A 6  ? 2.50942 3.77791 3.52620 0.06560  -0.50115 -0.33743 111 DT E OP2   
104 O "O5'" . DT A 6  ? 2.57673 3.86307 3.57764 0.06046  -0.47248 -0.42048 111 DT E "O5'" 
105 C "C5'" . DT A 6  ? 2.64244 3.91550 3.56736 0.05597  -0.49243 -0.44547 111 DT E "C5'" 
106 C "C4'" . DT A 6  ? 2.61779 3.88263 3.43092 0.04575  -0.49931 -0.41804 111 DT E "C4'" 
107 O "O4'" . DT A 6  ? 2.60732 3.85095 3.38469 0.05029  -0.52741 -0.39813 111 DT E "O4'" 
108 C "C3'" . DT A 6  ? 2.52111 3.78997 3.32570 0.03746  -0.48642 -0.37311 111 DT E "C3'" 
109 O "O3'" . DT A 6  ? 2.51804 3.80765 3.28051 0.02567  -0.46432 -0.38269 111 DT E "O3'" 
110 C "C2'" . DT A 6  ? 2.48322 3.72037 3.20954 0.03425  -0.50850 -0.33503 111 DT E "C2'" 
111 C "C1'" . DT A 6  ? 2.53697 3.76122 3.23894 0.04487  -0.53169 -0.35570 111 DT E "C1'" 
112 N N1    . DT A 6  ? 2.48878 3.69533 3.20302 0.05721  -0.55358 -0.32226 111 DT E N1    
113 C C2    . DT A 6  ? 2.48310 3.66390 3.10544 0.06253  -0.57214 -0.30351 111 DT E C2    
114 O O2    . DT A 6  ? 2.52464 3.69374 3.05475 0.05629  -0.57188 -0.31189 111 DT E O2    
115 N N3    . DT A 6  ? 2.45200 3.62258 3.09402 0.07841  -0.58977 -0.27206 111 DT E N3    
116 C C4    . DT A 6  ? 2.39684 3.58275 3.14053 0.08721  -0.59087 -0.25667 111 DT E C4    
117 O O4    . DT A 6  ? 2.35857 3.53942 3.11197 0.10318  -0.60637 -0.22631 111 DT E O4    
118 C C5    . DT A 6  ? 2.39815 3.60812 3.23520 0.07940  -0.57095 -0.27647 111 DT E C5    
119 C C7    . DT A 6  ? 2.34864 3.57562 3.30018 0.08930  -0.56874 -0.25860 111 DT E C7    
120 C C6    . DT A 6  ? 2.44682 3.66465 3.26382 0.06606  -0.55325 -0.30830 111 DT E C6    
121 P P     . DG A 7  ? 2.77963 4.08427 3.52988 0.00973  -0.44939 -0.34008 112 DG E P     
122 O OP1   . DG A 7  ? 2.79058 4.13530 3.54293 0.00409  -0.42145 -0.35931 112 DG E OP1   
123 O OP2   . DG A 7  ? 2.71404 4.02002 3.54289 0.01706  -0.45309 -0.30795 112 DG E OP2   
124 O "O5'" . DG A 7  ? 2.73579 4.00390 3.36697 -0.00646 -0.46625 -0.31249 112 DG E "O5'" 
125 C "C5'" . DG A 7  ? 2.77282 4.03409 3.31127 -0.01420 -0.46594 -0.33118 112 DG E "C5'" 
126 C "C4'" . DG A 7  ? 2.69533 3.90771 3.13014 -0.02240 -0.48520 -0.30086 112 DG E "C4'" 
127 O "O4'" . DG A 7  ? 2.71226 3.89542 3.16568 -0.00424 -0.50857 -0.28944 112 DG E "O4'" 
128 C "C3'" . DG A 7  ? 2.62694 3.82280 3.01837 -0.04691 -0.48078 -0.25784 112 DG E "C3'" 
129 O "O3'" . DG A 7  ? 2.62369 3.77794 2.89619 -0.05959 -0.48795 -0.24368 112 DG E "O3'" 
130 C "C2'" . DG A 7  ? 2.60884 3.78101 3.04158 -0.03660 -0.49669 -0.23041 112 DG E "C2'" 
131 C "C1'" . DG A 7  ? 2.64604 3.79405 3.06376 -0.01182 -0.51703 -0.24563 112 DG E "C1'" 
132 N N9    . DG A 7  ? 2.67346 3.81576 3.15689 0.00766  -0.53134 -0.23134 112 DG E N9    
133 C C8    . DG A 7  ? 2.70155 3.87835 3.30017 0.01683  -0.52470 -0.23585 112 DG E C8    
134 N N7    . DG A 7  ? 2.70417 3.86998 3.33940 0.03427  -0.54041 -0.21635 112 DG E N7    
135 C C5    . DG A 7  ? 2.69315 3.81454 3.22949 0.03914  -0.55835 -0.19899 112 DG E C5    
136 C C6    . DG A 7  ? 2.68543 3.78103 3.20605 0.06018  -0.57860 -0.17296 112 DG E C6    
137 O O6    . DG A 7  ? 2.69234 3.80348 3.28809 0.07680  -0.58548 -0.15872 112 DG E O6    
138 N N1    . DG A 7  ? 2.65727 3.70586 3.06038 0.06344  -0.58986 -0.16111 112 DG E N1    
139 C C2    . DG A 7  ? 2.67322 3.70116 2.98705 0.04605  -0.58267 -0.17142 112 DG E C2    
140 N N2    . DG A 7  ? 2.70115 3.67815 2.90567 0.05467  -0.59406 -0.15454 112 DG E N2    
141 N N3    . DG A 7  ? 2.66205 3.71847 2.99175 0.02413  -0.56416 -0.19442 112 DG E N3    
142 C C4    . DG A 7  ? 2.66059 3.76375 3.10257 0.02297  -0.55282 -0.20791 112 DG E C4    
143 P P     . DT A 8  ? 2.64272 3.80463 2.85009 -0.09315 -0.47060 -0.22731 113 DT E P     
144 O OP1   . DT A 8  ? 2.67670 3.79800 2.77073 -0.09520 -0.47781 -0.22524 113 DT E OP1   
145 O OP2   . DT A 8  ? 2.68509 3.91771 2.96371 -0.09682 -0.44564 -0.24915 113 DT E OP2   
146 O "O5'" . DT A 8  ? 2.57903 3.71169 2.77612 -0.11654 -0.47602 -0.18343 113 DT E "O5'" 
147 C "C5'" . DT A 8  ? 2.56994 3.65315 2.76246 -0.10289 -0.49730 -0.16385 113 DT E "C5'" 
148 C "C4'" . DT A 8  ? 2.61088 3.62500 2.69646 -0.09220 -0.51446 -0.15657 113 DT E "C4'" 
149 O "O4'" . DT A 8  ? 2.63752 3.63806 2.75508 -0.05708 -0.53223 -0.16199 113 DT E "O4'" 
150 C "C3'" . DT A 8  ? 2.61406 3.55723 2.60587 -0.11363 -0.52328 -0.11938 113 DT E "C3'" 
151 O "O3'" . DT A 8  ? 2.62693 3.51311 2.50730 -0.10829 -0.52981 -0.11485 113 DT E "O3'" 
152 C "C2'" . DT A 8  ? 2.60602 3.52559 2.63457 -0.09282 -0.53991 -0.10407 113 DT E "C2'" 
153 C "C1'" . DT A 8  ? 2.64297 3.58926 2.72677 -0.05375 -0.54714 -0.12914 113 DT E "C1'" 
154 N N1    . DT A 8  ? 2.63152 3.61020 2.82279 -0.03444 -0.55242 -0.12753 113 DT E N1    
155 C C2    . DT A 8  ? 2.65327 3.59773 2.83521 -0.00751 -0.57094 -0.10994 113 DT E C2    
156 O O2    . DT A 8  ? 2.68594 3.57190 2.77383 0.00396  -0.58317 -0.09598 113 DT E O2    
157 N N3    . DT A 8  ? 2.68928 3.67239 2.97696 0.00819  -0.57304 -0.10695 113 DT E N3    
158 C C4    . DT A 8  ? 2.71476 3.75984 3.11192 0.00111  -0.55839 -0.11937 113 DT E C4    
159 O O4    . DT A 8  ? 2.75259 3.82644 3.23985 0.01733  -0.56042 -0.11235 113 DT E O4    
160 C C5    . DT A 8  ? 2.68747 3.76293 3.08579 -0.02413 -0.53888 -0.13866 113 DT E C5    
161 C C7    . DT A 8  ? 2.70551 3.84699 3.21502 -0.02794 -0.51966 -0.15179 113 DT E C7    
162 C C6    . DT A 8  ? 2.64145 3.68563 2.93898 -0.04101 -0.53706 -0.14175 113 DT E C6    
163 P P     . DA A 9  ? 2.64853 3.43676 2.41025 -0.12267 -0.54072 -0.07873 114 DA E P     
164 O OP1   . DA A 9  ? 2.72739 3.47975 2.38637 -0.12608 -0.53659 -0.07656 114 DA E OP1   
165 O OP2   . DA A 9  ? 2.64508 3.43104 2.42222 -0.16078 -0.53694 -0.05819 114 DA E OP2   
166 O "O5'" . DA A 9  ? 2.63127 3.37735 2.39002 -0.08162 -0.56138 -0.07093 114 DA E "O5'" 
167 C "C5'" . DA A 9  ? 2.70112 3.35279 2.35208 -0.07395 -0.57369 -0.04447 114 DA E "C5'" 
168 C "C4'" . DA A 9  ? 2.68427 3.30401 2.35023 -0.07643 -0.58396 -0.02427 114 DA E "C4'" 
169 O "O4'" . DA A 9  ? 2.58590 3.28362 2.38205 -0.06377 -0.58390 -0.03652 114 DA E "O4'" 
170 C "C3'" . DA A 9  ? 2.72642 3.31316 2.35414 -0.12654 -0.57952 -0.00598 114 DA E "C3'" 
171 O "O3'" . DA A 9  ? 2.78503 3.27808 2.32930 -0.12209 -0.59374 0.01723  114 DA E "O3'" 
172 C "C2'" . DA A 9  ? 2.63703 3.31130 2.39097 -0.14003 -0.57342 -0.01334 114 DA E "C2'" 
173 C "C1'" . DA A 9  ? 2.57171 3.26999 2.39323 -0.09111 -0.58362 -0.02068 114 DA E "C1'" 
174 N N9    . DA A 9  ? 2.47781 3.26648 2.43491 -0.08795 -0.57652 -0.03222 114 DA E N9    
175 C C8    . DA A 9  ? 2.44245 3.30349 2.47137 -0.11342 -0.55903 -0.04489 114 DA E C8    
176 N N7    . DA A 9  ? 2.36829 3.29606 2.51365 -0.10001 -0.55451 -0.05123 114 DA E N7    
177 C C5    . DA A 9  ? 2.41627 3.31667 2.56908 -0.06660 -0.57087 -0.04052 114 DA E C5    
178 C C6    . DA A 9  ? 2.47361 3.41629 2.72699 -0.03996 -0.57443 -0.03707 114 DA E C6    
179 N N6    . DA A 9  ? 2.48797 3.50542 2.85561 -0.04244 -0.56077 -0.04532 114 DA E N6    
180 N N1    . DA A 9  ? 2.51543 3.42113 2.74690 -0.00838 -0.59118 -0.02232 114 DA E N1    
181 C C2    . DA A 9  ? 2.49873 3.32678 2.61242 -0.00113 -0.60289 -0.01299 114 DA E C2    
182 N N3    . DA A 9  ? 2.46604 3.24127 2.47565 -0.02315 -0.60055 -0.01518 114 DA E N3    
183 C C4    . DA A 9  ? 2.42603 3.24310 2.46332 -0.05750 -0.58448 -0.02894 114 DA E C4    
184 P P     . DC A 10 ? 2.91498 3.30190 2.32409 -0.09543 -0.60155 0.03064  115 DC E P     
185 O OP1   . DC A 10 ? 2.87562 3.27849 2.31062 -0.03676 -0.61081 0.02535  115 DC E OP1   
186 O OP2   . DC A 10 ? 2.98095 3.34912 2.32271 -0.12207 -0.58942 0.03077  115 DC E OP2   
187 O "O5'" . DC A 10 ? 2.98637 3.27295 2.31266 -0.11074 -0.61287 0.05393  115 DC E "O5'" 
188 C "C5'" . DC A 10 ? 2.93378 3.24937 2.32641 -0.12071 -0.61987 0.05694  115 DC E "C5'" 
189 C "C4'" . DC A 10 ? 2.89961 3.20764 2.31126 -0.06485 -0.63266 0.06130  115 DC E "C4'" 
190 O "O4'" . DC A 10 ? 2.78046 3.20019 2.33493 -0.05056 -0.63031 0.04929  115 DC E "O4'" 
191 C "C3'" . DC A 10 ? 2.95120 3.18736 2.30764 -0.06623 -0.64562 0.07777  115 DC E "C3'" 
192 O "O3'" . DC A 10 ? 2.96215 3.17178 2.29979 -0.00536 -0.65541 0.08533  115 DC E "O3'" 
193 C "C2'" . DC A 10 ? 2.86431 3.19243 2.33781 -0.09389 -0.64414 0.07401  115 DC E "C2'" 
194 C "C1'" . DC A 10 ? 2.74948 3.18518 2.34739 -0.06392 -0.63625 0.05884  115 DC E "C1'" 
195 N N1    . DC A 10 ? 2.66904 3.20920 2.38493 -0.09592 -0.62393 0.04784  115 DC E N1    
196 C C2    . DC A 10 ? 2.58354 3.20714 2.42224 -0.07583 -0.62356 0.04651  115 DC E C2    
197 O O2    . DC A 10 ? 2.58832 3.20082 2.43678 -0.03546 -0.63442 0.05596  115 DC E O2    
198 N N3    . DC A 10 ? 2.52653 3.24122 2.46903 -0.09962 -0.61001 0.03747  115 DC E N3    
199 C C4    . DC A 10 ? 2.53103 3.26120 2.45874 -0.14035 -0.59740 0.02966  115 DC E C4    
200 N N4    . DC A 10 ? 2.46798 3.29097 2.49814 -0.15765 -0.58253 0.02222  115 DC E N4    
201 C C5    . DC A 10 ? 2.62606 3.27814 2.43281 -0.16301 -0.59803 0.03171  115 DC E C5    
202 C C6    . DC A 10 ? 2.69289 3.24952 2.39762 -0.13976 -0.61126 0.04068  115 DC E C6    
203 P P     . DG A 11 ? 3.00115 3.14069 2.28229 0.01391  -0.66946 0.10116  116 DG E P     
204 O OP1   . DG A 11 ? 3.06579 3.12878 2.25387 0.07127  -0.67466 0.11224  116 DG E OP1   
205 O OP2   . DG A 11 ? 3.07009 3.15164 2.29247 -0.04415 -0.67230 0.10431  116 DG E OP2   
206 O "O5'" . DG A 11 ? 2.87692 3.12756 2.29969 0.03453  -0.67220 0.10003  116 DG E "O5'" 
207 C "C5'" . DG A 11 ? 2.85695 3.10703 2.28696 0.09199  -0.68133 0.11228  116 DG E "C5'" 
208 C "C4'" . DG A 11 ? 2.81499 3.10013 2.30026 0.08555  -0.68794 0.12021  116 DG E "C4'" 
209 O "O4'" . DG A 11 ? 2.75198 3.11638 2.33127 0.03386  -0.68020 0.11061  116 DG E "O4'" 
210 C "C3'" . DG A 11 ? 2.91906 3.09865 2.28519 0.07402  -0.69870 0.12911  116 DG E "C3'" 
211 O "O3'" . DG A 11 ? 2.87745 3.09377 2.28961 0.09642  -0.70695 0.13993  116 DG E "O3'" 
212 C "C2'" . DG A 11 ? 2.94778 3.12050 2.30323 0.00016  -0.69488 0.11994  116 DG E "C2'" 
213 C "C1'" . DG A 11 ? 2.81754 3.13042 2.33311 -0.01358 -0.68554 0.11372  116 DG E "C1'" 
214 N N9    . DG A 11 ? 2.81108 3.15879 2.35409 -0.07173 -0.67484 0.10331  116 DG E N9    
215 C C8    . DG A 11 ? 2.90190 3.17738 2.34925 -0.11348 -0.67192 0.09997  116 DG E C8    
216 N N7    . DG A 11 ? 2.86862 3.20994 2.37400 -0.15996 -0.66056 0.09320  116 DG E N7    
217 C C5    . DG A 11 ? 2.75152 3.21034 2.39711 -0.14586 -0.65524 0.09057  116 DG E C5    
218 C C6    . DG A 11 ? 2.67464 3.24188 2.43164 -0.17412 -0.64130 0.08424  116 DG E C6    
219 O O6    . DG A 11 ? 2.69178 3.28035 2.44688 -0.21868 -0.63076 0.07988  116 DG E O6    
220 N N1    . DG A 11 ? 2.57243 3.22993 2.45252 -0.14304 -0.63874 0.08559  116 DG E N1    
221 C C2    . DG A 11 ? 2.54546 3.19464 2.44093 -0.09359 -0.64895 0.09392  116 DG E C2    
222 N N2    . DG A 11 ? 2.44740 3.19047 2.47004 -0.07072 -0.64378 0.09746  116 DG E N2    
223 N N3    . DG A 11 ? 2.61363 3.16946 2.40658 -0.06624 -0.66202 0.10045  116 DG E N3    
224 C C4    . DG A 11 ? 2.71582 3.17792 2.38634 -0.09361 -0.66419 0.09742  116 DG E C4    
225 P P     . DG A 12 ? 3.32305 3.43303 2.61134 0.11694  -0.72051 0.15009  117 DG E P     
226 O OP1   . DG A 12 ? 3.35162 3.40863 2.57353 0.18450  -0.72149 0.16007  117 DG E OP1   
227 O OP2   . DG A 12 ? 3.43718 3.45552 2.62430 0.05628  -0.72495 0.14184  117 DG E OP2   
228 O "O5'" . DG A 12 ? 3.23956 3.43881 2.62520 0.12886  -0.72624 0.16008  117 DG E "O5'" 
229 C "C5'" . DG A 12 ? 3.12058 3.42036 2.62181 0.17921  -0.72247 0.17181  117 DG E "C5'" 
230 C "C4'" . DG A 12 ? 3.00202 3.42969 2.65708 0.15200  -0.71621 0.17206  117 DG E "C4'" 
231 O "O4'" . DG A 12 ? 3.00280 3.44841 2.68375 0.09409  -0.70722 0.15525  117 DG E "O4'" 
232 C "C3'" . DG A 12 ? 3.00531 3.46142 2.67928 0.13674  -0.72404 0.18147  117 DG E "C3'" 
233 O "O3'" . DG A 12 ? 2.91673 3.50167 2.74570 0.14570  -0.71687 0.19213  117 DG E "O3'" 
234 C "C2'" . DG A 12 ? 3.06621 3.48428 2.68946 0.06503  -0.72528 0.16715  117 DG E "C2'" 
235 C "C1'" . DG A 12 ? 3.01653 3.48076 2.70707 0.04365  -0.71038 0.15492  117 DG E "C1'" 
236 N N9    . DG A 12 ? 3.10362 3.50526 2.71592 -0.01257 -0.70857 0.14152  117 DG E N9    
237 C C8    . DG A 12 ? 3.22992 3.50304 2.69532 -0.02047 -0.71475 0.13690  117 DG E C8    
238 N N7    . DG A 12 ? 3.28380 3.52908 2.71136 -0.07784 -0.71057 0.12808  117 DG E N7    
239 C C5    . DG A 12 ? 3.18661 3.55369 2.74377 -0.10736 -0.70064 0.12601  117 DG E C5    
240 C C6    . DG A 12 ? 3.18789 3.59365 2.77232 -0.16736 -0.69134 0.11978  117 DG E C6    
241 O O6    . DG A 12 ? 3.27536 3.61400 2.77383 -0.21089 -0.69075 0.11575  117 DG E O6    
242 N N1    . DG A 12 ? 3.07493 3.61223 2.80256 -0.17295 -0.68078 0.12106  117 DG E N1    
243 C C2    . DG A 12 ? 2.97289 3.58895 2.80500 -0.12842 -0.67949 0.12824  117 DG E C2    
244 N N2    . DG A 12 ? 2.87702 3.60990 2.83877 -0.13941 -0.66683 0.12983  117 DG E N2    
245 N N3    . DG A 12 ? 2.96710 3.55001 2.77734 -0.07524 -0.68879 0.13572  117 DG E N3    
246 C C4    . DG A 12 ? 3.07706 3.53709 2.74761 -0.06690 -0.69901 0.13373  117 DG E C4    
247 P P     . DA A 13 ? 3.23433 3.87445 3.10899 0.17634  -0.72380 0.21465  118 DA E P     
248 O OP1   . DA A 13 ? 3.22973 3.88822 3.13041 0.24408  -0.72349 0.23158  118 DA E OP1   
249 O OP2   . DA A 13 ? 3.33579 3.90194 3.09628 0.15078  -0.73765 0.21143  118 DA E OP2   
250 O "O5'" . DA A 13 ? 3.11439 3.88333 3.14571 0.14992  -0.71293 0.22038  118 DA E "O5'" 
251 C "C5'" . DA A 13 ? 3.05946 3.88430 3.18585 0.13451  -0.69792 0.20958  118 DA E "C5'" 
252 C "C4'" . DA A 13 ? 3.00354 3.91657 3.22716 0.09289  -0.68869 0.21074  118 DA E "C4'" 
253 O "O4'" . DA A 13 ? 3.02097 3.89645 3.18737 0.03550  -0.68654 0.19132  118 DA E "O4'" 
254 C "C3'" . DA A 13 ? 3.02054 3.97614 3.25891 0.08911  -0.69659 0.23018  118 DA E "C3'" 
255 O "O3'" . DA A 13 ? 2.94601 4.01704 3.32409 0.08041  -0.68315 0.24149  118 DA E "O3'" 
256 C "C2'" . DA A 13 ? 3.09613 3.97900 3.21475 0.03519  -0.70797 0.21690  118 DA E "C2'" 
257 C "C1'" . DA A 13 ? 3.06421 3.93600 3.18657 -0.00357 -0.69615 0.19661  118 DA E "C1'" 
258 N N9    . DA A 13 ? 3.13794 3.89902 3.11890 -0.04136 -0.70550 0.18099  118 DA E N9    
259 C C8    . DA A 13 ? 3.24036 3.88401 3.08808 -0.02220 -0.71848 0.17708  118 DA E C8    
260 N N7    . DA A 13 ? 3.30908 3.86240 3.04605 -0.06650 -0.72346 0.16393  118 DA E N7    
261 C C5    . DA A 13 ? 3.23894 3.86282 3.04346 -0.11953 -0.71354 0.15984  118 DA E C5    
262 C C6    . DA A 13 ? 3.27155 3.86202 3.02139 -0.18349 -0.71229 0.15031  118 DA E C6    
263 N N6    . DA A 13 ? 3.41139 3.87545 3.01931 -0.20742 -0.72182 0.14232  118 DA E N6    
264 N N1    . DA A 13 ? 3.17790 3.87043 3.02505 -0.22069 -0.69956 0.15155  118 DA E N1    
265 C C2    . DA A 13 ? 3.09500 3.90595 3.08138 -0.19387 -0.68843 0.16043  118 DA E C2    
266 N N3    . DA A 13 ? 3.07172 3.91874 3.12175 -0.13657 -0.68850 0.17000  118 DA E N3    
267 C C4    . DA A 13 ? 3.14000 3.89163 3.09338 -0.10247 -0.70190 0.16961  118 DA E C4    
268 P P     . DC A 14 ? 2.74542 3.88945 3.16255 0.06812  -0.68792 0.26308  119 DC E P     
269 O OP1   . DC A 14 ? 2.65608 3.91286 3.22928 0.09657  -0.67205 0.28408  119 DC E OP1   
270 O OP2   . DC A 14 ? 2.83488 3.91514 3.14203 0.08416  -0.70783 0.26946  119 DC E OP2   
271 O "O5'" . DC A 14 ? 2.76166 3.91583 3.15719 -0.00092 -0.68623 0.24991  119 DC E "O5'" 
272 C "C5'" . DC A 14 ? 2.65708 3.87901 3.14950 -0.02181 -0.66623 0.24387  119 DC E "C5'" 
273 C "C4'" . DC A 14 ? 2.68330 3.91634 3.14111 -0.08719 -0.66678 0.23619  119 DC E "C4'" 
274 O "O4'" . DC A 14 ? 2.75195 3.86776 3.06607 -0.11892 -0.67985 0.21624  119 DC E "O4'" 
275 C "C3'" . DC A 14 ? 2.71186 4.00882 3.17944 -0.11301 -0.67666 0.25557  119 DC E "C3'" 
276 O "O3'" . DC A 14 ? 2.67382 4.05677 3.20893 -0.15471 -0.66317 0.25882  119 DC E "O3'" 
277 C "C2'" . DC A 14 ? 2.81144 3.99767 3.12085 -0.14544 -0.70068 0.24328  119 DC E "C2'" 
278 C "C1'" . DC A 14 ? 2.82615 3.93704 3.07772 -0.16994 -0.69401 0.21991  119 DC E "C1'" 
279 N N1    . DC A 14 ? 2.97978 3.95224 3.07113 -0.19047 -0.71208 0.20436  119 DC E N1    
280 C C2    . DC A 14 ? 3.05106 3.97980 3.06962 -0.25512 -0.71516 0.19287  119 DC E C2    
281 O O2    . DC A 14 ? 2.98003 3.99477 3.07133 -0.29214 -0.70276 0.19657  119 DC E O2    
282 N N3    . DC A 14 ? 3.19434 3.98780 3.06487 -0.27390 -0.73046 0.18004  119 DC E N3    
283 C C4    . DC A 14 ? 3.26598 3.97213 3.06094 -0.22673 -0.74151 0.17767  119 DC E C4    
284 N N4    . DC A 14 ? 3.41143 3.97841 3.05731 -0.24321 -0.75458 0.16540  119 DC E N4    
285 C C5    . DC A 14 ? 3.19171 3.94968 3.06051 -0.15917 -0.73850 0.19005  119 DC E C5    
286 C C6    . DC A 14 ? 3.04918 3.93889 3.06589 -0.14537 -0.72415 0.20350  119 DC E C6    
287 P P     . DA A 15 ? 2.32234 3.80949 2.90101 -0.18515 -0.66807 0.28221  120 DA E P     
288 O OP1   . DA A 15 ? 2.18637 3.77633 2.89649 -0.13513 -0.65475 0.30801  120 DA E OP1   
289 O OP2   . DA A 15 ? 2.44569 3.86773 2.89875 -0.22027 -0.69588 0.27865  120 DA E OP2   
290 O "O5'" . DA A 15 ? 2.33657 3.88074 2.94986 -0.23693 -0.65286 0.27759  120 DA E "O5'" 
291 C "C5'" . DA A 15 ? 2.41279 3.87346 2.94507 -0.27062 -0.65186 0.25303  120 DA E "C5'" 
292 C "C4'" . DA A 15 ? 2.50053 3.98184 2.98435 -0.34429 -0.65885 0.25471  120 DA E "C4'" 
293 O "O4'" . DA A 15 ? 2.64907 3.99794 2.98172 -0.37995 -0.68047 0.23760  120 DA E "O4'" 
294 C "C3'" . DA A 15 ? 2.50111 4.08109 3.02149 -0.36881 -0.66900 0.27913  120 DA E "C3'" 
295 O "O3'" . DA A 15 ? 2.52514 4.17818 3.06333 -0.42828 -0.66287 0.28624  120 DA E "O3'" 
296 C "C2'" . DA A 15 ? 2.63186 4.10972 3.02173 -0.38598 -0.70033 0.27171  120 DA E "C2'" 
297 C "C1'" . DA A 15 ? 2.74024 4.08600 3.01347 -0.41535 -0.70473 0.24648  120 DA E "C1'" 
298 N N9    . DA A 15 ? 2.85334 4.06153 3.00211 -0.39910 -0.72571 0.23244  120 DA E N9    
299 C C8    . DA A 15 ? 2.82336 4.00535 2.97345 -0.33674 -0.73127 0.23533  120 DA E C8    
300 N N7    . DA A 15 ? 2.94524 3.99510 2.96420 -0.33165 -0.74954 0.22128  120 DA E N7    
301 C C5    . DA A 15 ? 3.06889 4.04724 2.99392 -0.39715 -0.75674 0.20799  120 DA E C5    
302 C C6    . DA A 15 ? 3.23510 4.06205 3.00405 -0.42419 -0.77399 0.19083  120 DA E C6    
303 N N6    . DA A 15 ? 3.30630 4.02543 2.98193 -0.38238 -0.78693 0.18262  120 DA E N6    
304 N N1    . DA A 15 ? 3.32258 4.11250 3.03415 -0.49419 -0.77615 0.18435  120 DA E N1    
305 C C2    . DA A 15 ? 3.23978 4.14573 3.04576 -0.53256 -0.76179 0.19487  120 DA E C2    
306 N N3    . DA A 15 ? 3.08385 4.13730 3.03645 -0.50875 -0.74398 0.21019  120 DA E N3    
307 C C4    . DA A 15 ? 3.00886 4.08715 3.01391 -0.44080 -0.74258 0.21565  120 DA E C4    
308 P P     . DT A 16 ? 2.42210 4.21867 3.02912 -0.45694 -0.66654 0.31591  121 DT E P     
309 O OP1   . DT A 16 ? 2.30193 4.22575 3.04492 -0.43626 -0.63472 0.33163  121 DT E OP1   
310 O OP2   . DT A 16 ? 2.41187 4.20873 3.00668 -0.43063 -0.68626 0.32651  121 DT E OP2   
311 O "O5'" . DT A 16 ? 2.57141 4.34401 3.08056 -0.54607 -0.68537 0.31200  121 DT E "O5'" 
312 C "C5'" . DT A 16 ? 2.67581 4.40362 3.08989 -0.58544 -0.71818 0.31132  121 DT E "C5'" 
313 C "C4'" . DT A 16 ? 2.81554 4.38858 3.07907 -0.63416 -0.73643 0.28650  121 DT E "C4'" 
314 O "O4'" . DT A 16 ? 2.85796 4.29605 3.04508 -0.58448 -0.74550 0.26730  121 DT E "O4'" 
315 C "C3'" . DT A 16 ? 2.95579 4.51149 3.12776 -0.71308 -0.76724 0.28771  121 DT E "C3'" 
316 O "O3'" . DT A 16 ? 3.02990 4.60187 3.18150 -0.78551 -0.76390 0.29044  121 DT E "O3'" 
317 C "C2'" . DT A 16 ? 3.09043 4.46804 3.11579 -0.70629 -0.79146 0.26271  121 DT E "C2'" 
318 C "C1'" . DT A 16 ? 3.03006 4.33472 3.06673 -0.63196 -0.77176 0.25026  121 DT E "C1'" 
319 N N1    . DT A 16 ? 3.07799 4.27697 3.04138 -0.57906 -0.78672 0.23805  121 DT E N1    
320 C C2    . DT A 16 ? 3.23974 4.27661 3.04735 -0.60218 -0.80759 0.21719  121 DT E C2    
321 O O2    . DT A 16 ? 3.34823 4.31721 3.07410 -0.66656 -0.81498 0.20836  121 DT E O2    
322 N N3    . DT A 16 ? 3.27434 4.23001 3.02460 -0.54482 -0.81819 0.20886  121 DT E N3    
323 C C4    . DT A 16 ? 3.16209 4.18570 2.99591 -0.47179 -0.81095 0.22109  121 DT E C4    
324 O O4    . DT A 16 ? 3.19569 4.14398 2.96888 -0.42270 -0.82067 0.21496  121 DT E O4    
325 C C5    . DT A 16 ? 2.99732 4.18679 2.99453 -0.45536 -0.78976 0.24367  121 DT E C5    
326 C C7    . DT A 16 ? 2.86497 4.13599 2.96541 -0.38010 -0.77950 0.26152  121 DT E C7    
327 C C6    . DT A 16 ? 2.96601 4.23201 3.01761 -0.50759 -0.77857 0.25008  121 DT E C6    
328 P P     . DC A 17 ? 3.24396 4.85009 3.33973 -0.88109 -0.79147 0.29973  122 DC E P     
329 O OP1   . DC A 17 ? 3.28305 4.95284 3.40700 -0.93915 -0.77704 0.31194  122 DC E OP1   
330 O OP2   . DC A 17 ? 3.20152 4.92429 3.36050 -0.86824 -0.80331 0.31740  122 DC E OP2   
331 O "O5'" . DC A 17 ? 3.42792 4.83511 3.34815 -0.91266 -0.82138 0.27189  122 DC E "O5'" 
332 C "C5'" . DC A 17 ? 3.57491 4.83785 3.40789 -0.91651 -0.81445 0.25342  122 DC E "C5'" 
333 C "C4'" . DC A 17 ? 3.75988 4.85830 3.42720 -0.97239 -0.84521 0.23426  122 DC E "C4'" 
334 O "O4'" . DC A 17 ? 3.73436 4.70653 3.32458 -0.91084 -0.85613 0.21417  122 DC E "O4'" 
335 C "C3'" . DC A 17 ? 3.89764 5.04285 3.53279 -1.05310 -0.87491 0.24103  122 DC E "C3'" 
336 O "O3'" . DC A 17 ? 4.11651 5.13811 3.62668 -1.13258 -0.89151 0.23052  122 DC E "O3'" 
337 C "C2'" . DC A 17 ? 3.86925 4.97608 3.46496 -1.00969 -0.89638 0.22898  122 DC E "C2'" 
338 C "C1'" . DC A 17 ? 3.83269 4.78034 3.35574 -0.93827 -0.88773 0.20773  122 DC E "C1'" 
339 N N1    . DC A 17 ? 3.72426 4.68430 3.27974 -0.84990 -0.88715 0.20546  122 DC E N1    
340 C C2    . DC A 17 ? 3.83024 4.63412 3.26053 -0.81634 -0.90394 0.18328  122 DC E C2    
341 O O2    . DC A 17 ? 4.00439 4.65487 3.29552 -0.86084 -0.91935 0.16441  122 DC E O2    
342 N N3    . DC A 17 ? 3.74670 4.57252 3.21173 -0.73456 -0.90172 0.18511  122 DC E N3    
343 C C4    . DC A 17 ? 3.57629 4.56435 3.19330 -0.69021 -0.88396 0.20802  122 DC E C4    
344 N N4    . DC A 17 ? 3.50459 4.51081 3.15333 -0.61230 -0.88189 0.21258  122 DC E N4    
345 C C5    . DC A 17 ? 3.47617 4.61480 3.21862 -0.72219 -0.86623 0.22920  122 DC E C5    
346 C C6    . DC A 17 ? 3.55031 4.67191 3.25682 -0.79993 -0.86829 0.22694  122 DC E C6    
347 P P     . DA A 18 ? 4.41869 5.47838 3.88494 -1.24034 -0.92303 0.23720  123 DA E P     
348 O OP1   . DA A 18 ? 4.57410 5.57093 3.97915 -1.31962 -0.92176 0.24095  123 DA E OP1   
349 O OP2   . DA A 18 ? 4.32800 5.60082 3.93022 -1.23900 -0.92107 0.26221  123 DA E OP2   
350 O "O5'" . DA A 18 ? 4.53134 5.43433 3.85626 -1.23953 -0.95705 0.20831  123 DA E "O5'" 
351 C "C5'" . DA A 18 ? 4.70721 5.40953 3.91336 -1.19480 -0.95628 0.18296  123 DA E "C5'" 
352 C "C4'" . DA A 18 ? 4.77971 5.37218 3.87342 -1.18426 -0.98705 0.15850  123 DA E "C4'" 
353 O "O4'" . DA A 18 ? 4.59194 5.22249 3.74264 -1.08043 -0.97653 0.15732  123 DA E "O4'" 
354 C "C3'" . DA A 18 ? 4.87162 5.54335 3.95702 -1.26144 -1.01962 0.16029  123 DA E "C3'" 
355 O "O3'" . DA A 18 ? 5.08788 5.57982 4.00325 -1.31845 -1.05123 0.13258  123 DA E "O3'" 
356 C "C2'" . DA A 18 ? 4.69743 5.48448 3.86396 -1.18845 -1.02089 0.16538  123 DA E "C2'" 
357 C "C1'" . DA A 18 ? 4.60050 5.27413 3.73640 -1.08496 -1.00281 0.15207  123 DA E "C1'" 
358 N N9    . DA A 18 ? 4.23643 5.03777 3.49438 -0.99534 -0.98649 0.16720  123 DA E N9    
359 C C8    . DA A 18 ? 4.04893 5.04401 3.47419 -0.97538 -0.96414 0.19674  123 DA E C8    
360 N N7    . DA A 18 ? 3.94242 5.00928 3.44767 -0.89060 -0.95271 0.20640  123 DA E N7    
361 C C5    . DA A 18 ? 4.06453 4.98190 3.44824 -0.85101 -0.96850 0.18231  123 DA E C5    
362 C C6    . DA A 18 ? 4.03812 4.94719 3.42942 -0.76178 -0.96620 0.18147  123 DA E C6    
363 N N6    . DA A 18 ? 3.87416 4.93015 3.40818 -0.69854 -0.94693 0.20680  123 DA E N6    
364 N N1    . DA A 18 ? 4.18978 4.93298 3.43554 -0.73900 -0.98339 0.15540  123 DA E N1    
365 C C2    . DA A 18 ? 4.36168 4.94835 3.46195 -0.80242 -1.00159 0.13054  123 DA E C2    
366 N N3    . DA A 18 ? 4.40662 4.97933 3.48530 -0.89235 -1.00624 0.12934  123 DA E N3    
367 C C4    . DA A 18 ? 4.24712 4.99685 3.47549 -0.91230 -0.98894 0.15686  123 DA E C4    
368 P P     . DC B 1  ? 3.36328 2.55667 2.64057 -0.65980 -1.35133 0.81133  119 DC F P     
369 O OP1   . DC B 1  ? 3.28970 2.59328 2.70324 -0.68810 -1.31019 0.85375  119 DC F OP1   
370 O OP2   . DC B 1  ? 3.32385 2.54397 2.61804 -0.64371 -1.36224 0.76602  119 DC F OP2   
371 O "O5'" . DC B 1  ? 3.51278 2.52418 2.65457 -0.61978 -1.29884 0.80856  119 DC F "O5'" 
372 C "C5'" . DC B 1  ? 3.60489 2.48622 2.60222 -0.58639 -1.32740 0.77010  119 DC F "C5'" 
373 C "C4'" . DC B 1  ? 3.74586 2.46944 2.63616 -0.55011 -1.27165 0.77648  119 DC F "C4'" 
374 O "O4'" . DC B 1  ? 3.76798 2.51076 2.71459 -0.53879 -1.24227 0.80552  119 DC F "O4'" 
375 C "C3'" . DC B 1  ? 3.82146 2.48564 2.67843 -0.55869 -1.20947 0.79209  119 DC F "C3'" 
376 O "O3'" . DC B 1  ? 3.99751 2.49380 2.69251 -0.52967 -1.20530 0.76555  119 DC F "O3'" 
377 C "C2'" . DC B 1  ? 3.85070 2.53861 2.77444 -0.55474 -1.14373 0.83128  119 DC F "C2'" 
378 C "C1'" . DC B 1  ? 3.88900 2.55228 2.79956 -0.52303 -1.16985 0.82555  119 DC F "C1'" 
379 N N1    . DC B 1  ? 3.86691 2.59568 2.87508 -0.51780 -1.13781 0.85938  119 DC F N1    
380 C C2    . DC B 1  ? 3.97242 2.66429 2.97731 -0.50255 -1.06499 0.88155  119 DC F C2    
381 O O2    . DC B 1  ? 4.08211 2.68972 3.00452 -0.50074 -1.02452 0.87627  119 DC F O2    
382 N N3    . DC B 1  ? 3.95676 2.70924 3.04688 -0.49074 -1.04290 0.90704  119 DC F N3    
383 C C4    . DC B 1  ? 3.85240 2.68407 3.01993 -0.49657 -1.09109 0.91348  119 DC F C4    
384 N N4    . DC B 1  ? 3.85507 2.73304 3.09618 -0.48141 -1.07183 0.93771  119 DC F N4    
385 C C5    . DC B 1  ? 3.74869 2.61726 2.91770 -0.51864 -1.16307 0.89388  119 DC F C5    
386 C C6    . DC B 1  ? 3.75649 2.57705 2.84765 -0.52651 -1.18317 0.86585  119 DC F C6    
387 P P     . DC B 2  ? 4.18520 2.61808 2.79589 -0.54389 -1.21798 0.74451  120 DC F P     
388 O OP1   . DC B 2  ? 4.35148 2.63904 2.80495 -0.50534 -1.25582 0.70216  120 DC F OP1   
389 O OP2   . DC B 2  ? 3.94207 2.52415 2.66661 -0.58211 -1.25364 0.74645  120 DC F OP2   
390 O "O5'" . DC B 2  ? 4.36393 2.73409 2.94689 -0.55921 -1.13645 0.77560  120 DC F "O5'" 
391 C "C5'" . DC B 2  ? 4.33914 2.71555 2.91727 -0.59680 -1.12395 0.78254  120 DC F "C5'" 
392 C "C4'" . DC B 2  ? 4.25615 2.72576 2.94176 -0.63194 -1.05493 0.82660  120 DC F "C4'" 
393 O "O4'" . DC B 2  ? 4.12864 2.70959 2.93880 -0.62075 -1.04216 0.84722  120 DC F "O4'" 
394 C "C3'" . DC B 2  ? 4.07176 2.65381 2.84723 -0.68228 -1.06181 0.83994  120 DC F "C3'" 
395 O "O3'" . DC B 2  ? 4.18513 2.74884 2.94877 -0.71511 -0.99356 0.86752  120 DC F "O3'" 
396 C "C2'" . DC B 2  ? 3.85674 2.62116 2.80935 -0.69111 -1.07528 0.85806  120 DC F "C2'" 
397 C "C1'" . DC B 2  ? 3.92988 2.67181 2.89084 -0.66058 -1.02865 0.87488  120 DC F "C1'" 
398 N N1    . DC B 2  ? 3.79038 2.65345 2.87677 -0.65049 -1.05148 0.88555  120 DC F N1    
399 C C2    . DC B 2  ? 3.81844 2.70920 2.95966 -0.63277 -1.00372 0.91061  120 DC F C2    
400 O O2    . DC B 2  ? 3.97460 2.80117 3.06542 -0.62516 -0.94094 0.92179  120 DC F O2    
401 N N3    . DC B 2  ? 3.70861 2.69463 2.95146 -0.62443 -1.03019 0.92050  120 DC F N3    
402 C C4    . DC B 2  ? 3.57375 2.63288 2.86520 -0.63866 -1.09754 0.90773  120 DC F C4    
403 N N4    . DC B 2  ? 3.48474 2.63013 2.86750 -0.63571 -1.12314 0.91993  120 DC F N4    
404 C C5    . DC B 2  ? 3.55429 2.60142 2.79842 -0.65651 -1.14413 0.88039  120 DC F C5    
405 C C6    . DC B 2  ? 3.64903 2.59411 2.79050 -0.65902 -1.12052 0.86963  120 DC F C6    
406 P P     . DG B 3  ? 4.27862 2.68861 2.88246 -0.73526 -0.98596 0.85651  121 DG F P     
407 O OP1   . DG B 3  ? 4.52520 2.75980 2.96748 -0.68981 -1.00265 0.82707  121 DG F OP1   
408 O OP2   . DG B 3  ? 4.10351 2.56498 2.73491 -0.76890 -1.03314 0.84823  121 DG F OP2   
409 O "O5'" . DG B 3  ? 4.43489 2.85645 3.05177 -0.77064 -0.89578 0.89377  121 DG F "O5'" 
410 C "C5'" . DG B 3  ? 4.66639 3.00791 3.21827 -0.74450 -0.84060 0.90006  121 DG F "C5'" 
411 C "C4'" . DG B 3  ? 4.63521 3.11443 3.31977 -0.75649 -0.77280 0.93401  121 DG F "C4'" 
412 O "O4'" . DG B 3  ? 4.38529 3.00004 3.21644 -0.73260 -0.80098 0.93777  121 DG F "O4'" 
413 C "C3'" . DG B 3  ? 4.61788 3.19862 3.37421 -0.81915 -0.72948 0.96223  121 DG F "C3'" 
414 O "O3'" . DG B 3  ? 4.78159 3.40606 3.56731 -0.82377 -0.65043 0.98437  121 DG F "O3'" 
415 C "C2'" . DG B 3  ? 4.29636 3.05151 3.22529 -0.82834 -0.76686 0.97048  121 DG F "C2'" 
416 C "C1'" . DG B 3  ? 4.19984 2.98424 3.18298 -0.77242 -0.78073 0.96448  121 DG F "C1'" 
417 N N9    . DG B 3  ? 3.92148 2.81302 3.01595 -0.76526 -0.84341 0.95879  121 DG F N9    
418 C C8    . DG B 3  ? 3.77627 2.66371 2.85619 -0.77513 -0.91242 0.93760  121 DG F C8    
419 N N7    . DG B 3  ? 3.54430 2.54855 2.73846 -0.76913 -0.95755 0.93643  121 DG F N7    
420 C C5    . DG B 3  ? 3.54781 2.62647 2.83267 -0.75288 -0.91889 0.95916  121 DG F C5    
421 C C6    . DG B 3  ? 3.38015 2.58228 2.79477 -0.74277 -0.94364 0.96944  121 DG F C6    
422 O O6    . DG B 3  ? 3.19994 2.47863 2.67862 -0.75093 -1.00397 0.96096  121 DG F O6    
423 N N1    . DG B 3  ? 3.48064 2.71489 2.94584 -0.72162 -0.89271 0.99046  121 DG F N1    
424 C C2    . DG B 3  ? 3.72652 2.89542 3.13026 -0.71140 -0.82370 0.99859  121 DG F C2    
425 N N2    . DG B 3  ? 3.81882 3.03978 3.28647 -0.68492 -0.78477 1.01471  121 DG F N2    
426 N N3    . DG B 3  ? 3.88067 2.93993 3.16363 -0.72634 -0.79702 0.99020  121 DG F N3    
427 C C4    . DG B 3  ? 3.77451 2.78836 3.00167 -0.74690 -0.84866 0.97146  121 DG F C4    
428 P P     . DT B 4  ? 4.82383 3.48460 3.60168 -0.89005 -0.58407 1.00905  122 DT F P     
429 O OP1   . DT B 4  ? 5.12730 3.69288 3.79627 -0.87949 -0.52283 1.00952  122 DT F OP1   
430 O OP2   . DT B 4  ? 4.77114 3.38516 3.49397 -0.93781 -0.62372 1.00531  122 DT F OP2   
431 O "O5'" . DT B 4  ? 4.69946 3.58151 3.67866 -0.90373 -0.55059 1.03492  122 DT F "O5'" 
432 C "C5'" . DT B 4  ? 4.65287 3.60613 3.70292 -0.86264 -0.50805 1.04135  122 DT F "C5'" 
433 C "C4'" . DT B 4  ? 4.46462 3.61255 3.70825 -0.85971 -0.51360 1.05735  122 DT F "C4'" 
434 O "O4'" . DT B 4  ? 4.19859 3.36119 3.49141 -0.84554 -0.59235 1.04712  122 DT F "O4'" 
435 C "C3'" . DT B 4  ? 4.49971 3.79310 3.84303 -0.92261 -0.47621 1.08135  122 DT F "C3'" 
436 O "O3'" . DT B 4  ? 4.51919 3.96867 3.99984 -0.90479 -0.43481 1.09551  122 DT F "O3'" 
437 C "C2'" . DT B 4  ? 4.25014 3.58956 3.65774 -0.94560 -0.54443 1.08062  122 DT F "C2'" 
438 C "C1'" . DT B 4  ? 4.05713 3.37971 3.49313 -0.88429 -0.59964 1.06510  122 DT F "C1'" 
439 N N1    . DT B 4  ? 3.82358 3.14320 3.27560 -0.88934 -0.67923 1.05215  122 DT F N1    
440 C C2    . DT B 4  ? 3.63576 3.06054 3.21030 -0.86731 -0.72160 1.05374  122 DT F C2    
441 O O2    . DT B 4  ? 3.65982 3.16959 3.32633 -0.84205 -0.69954 1.06607  122 DT F O2    
442 N N3    . DT B 4  ? 3.43797 2.86453 3.01903 -0.87576 -0.79337 1.03890  122 DT F N3    
443 C C4    . DT B 4  ? 3.41861 2.75179 2.89721 -0.89722 -0.82845 1.02045  122 DT F C4    
444 O O4    . DT B 4  ? 3.32695 2.67913 2.82131 -0.89930 -0.89450 1.00386  122 DT F O4    
445 C C5    . DT B 4  ? 3.63094 2.84261 2.97763 -0.91711 -0.78408 1.02054  122 DT F C5    
446 C C7    . DT B 4  ? 3.65530 2.74435 2.87216 -0.93861 -0.82224 1.00056  122 DT F C7    
447 C C6    . DT B 4  ? 3.82271 3.03463 3.16241 -0.91547 -0.71126 1.03731  122 DT F C6    
448 P P     . DA B 5  ? 4.52785 4.12220 4.08551 -0.95754 -0.36249 1.11733  123 DA F P     
449 O OP1   . DA B 5  ? 4.81800 4.34166 4.26350 -0.96091 -0.29633 1.11369  123 DA F OP1   
450 O OP2   . DA B 5  ? 4.47006 4.11261 4.06263 -1.02331 -0.38479 1.12933  123 DA F OP2   
451 O "O5'" . DA B 5  ? 4.43011 4.20055 4.16295 -0.91874 -0.35272 1.12598  123 DA F "O5'" 
452 C "C5'" . DA B 5  ? 4.33393 4.07625 4.08893 -0.84747 -0.38934 1.11459  123 DA F "C5'" 
453 C "C4'" . DA B 5  ? 4.17591 4.06554 4.09707 -0.83721 -0.42627 1.12562  123 DA F "C4'" 
454 O "O4'" . DA B 5  ? 3.95018 3.79742 3.86972 -0.84932 -0.50204 1.12136  123 DA F "O4'" 
455 C "C3'" . DA B 5  ? 4.23393 4.30428 4.28528 -0.88420 -0.38867 1.14572  123 DA F "C3'" 
456 O "O3'" . DA B 5  ? 4.18747 4.39190 4.37721 -0.84531 -0.38969 1.15203  123 DA F "O3'" 
457 C "C2'" . DA B 5  ? 4.06524 4.14520 4.13802 -0.93823 -0.43757 1.15257  123 DA F "C2'" 
458 C "C1'" . DA B 5  ? 3.84861 3.82790 3.88183 -0.89946 -0.51388 1.13743  123 DA F "C1'" 
459 N N9    . DA B 5  ? 3.72867 3.62726 3.69263 -0.93548 -0.56310 1.12942  123 DA F N9    
460 C C8    . DA B 5  ? 3.86533 3.65446 3.70189 -0.97260 -0.54886 1.12367  123 DA F C8    
461 N N7    . DA B 5  ? 3.72205 3.45454 3.51707 -0.99264 -0.60802 1.11323  123 DA F N7    
462 C C5    . DA B 5  ? 3.48950 3.30922 3.39601 -0.97052 -0.66209 1.11231  123 DA F C5    
463 C C6    . DA B 5  ? 3.33788 3.16629 3.26708 -0.97652 -0.73706 1.10076  123 DA F C6    
464 N N6    . DA B 5  ? 3.36121 3.10250 3.19767 -1.00088 -0.77316 1.08512  123 DA F N6    
465 N N1    . DA B 5  ? 3.16543 3.09597 3.21210 -0.95610 -0.77577 1.10429  123 DA F N1    
466 C C2    . DA B 5  ? 3.15394 3.16004 3.28403 -0.92816 -0.74425 1.11860  123 DA F C2    
467 N N3    . DA B 5  ? 3.29164 3.29875 3.41221 -0.91333 -0.67639 1.12779  123 DA F N3    
468 C C4    . DA B 5  ? 3.46830 3.38441 3.47620 -0.93728 -0.63618 1.12379  123 DA F C4    
469 P P     . DC B 6  ? 3.84860 4.26089 4.19360 -0.87929 -0.35236 1.17056  124 DC F P     
470 O OP1   . DC B 6  ? 3.90402 4.40204 4.31877 -0.82054 -0.32144 1.16663  124 DC F OP1   
471 O OP2   . DC B 6  ? 3.99958 4.42744 4.30212 -0.95094 -0.30528 1.17854  124 DC F OP2   
472 O "O5'" . DC B 6  ? 3.59494 4.07581 4.04867 -0.89522 -0.42214 1.18135  124 DC F "O5'" 
473 C "C5'" . DC B 6  ? 3.39957 3.85224 3.88236 -0.84409 -0.48241 1.17614  124 DC F "C5'" 
474 C "C4'" . DC B 6  ? 3.21706 3.68342 3.74412 -0.87516 -0.55316 1.18122  124 DC F "C4'" 
475 O "O4'" . DC B 6  ? 3.23919 3.60011 3.65876 -0.91613 -0.56800 1.17324  124 DC F "O4'" 
476 C "C3'" . DC B 6  ? 3.12861 3.77257 3.81183 -0.91446 -0.55692 1.20082  124 DC F "C3'" 
477 O "O3'" . DC B 6  ? 2.95233 3.63051 3.70909 -0.89741 -0.62395 1.20382  124 DC F "O3'" 
478 C "C2'" . DC B 6  ? 3.10433 3.73252 3.74910 -0.98223 -0.55803 1.20370  124 DC F "C2'" 
479 C "C1'" . DC B 6  ? 3.09757 3.54781 3.59967 -0.96530 -0.60165 1.18362  124 DC F "C1'" 
480 N N1    . DC B 6  ? 3.16448 3.52195 3.56020 -1.01235 -0.60687 1.17645  124 DC F N1    
481 C C2    . DC B 6  ? 3.03072 3.37211 3.42578 -1.03407 -0.67416 1.16916  124 DC F C2    
482 O O2    . DC B 6  ? 2.85625 3.27222 3.34470 -1.02113 -0.72362 1.17092  124 DC F O2    
483 N N3    . DC B 6  ? 3.10250 3.34795 3.39123 -1.06899 -0.68524 1.15923  124 DC F N3    
484 C C4    . DC B 6  ? 3.30337 3.46380 3.48512 -1.08716 -0.63226 1.15937  124 DC F C4    
485 N N4    . DC B 6  ? 3.38209 3.43687 3.45137 -1.12146 -0.65027 1.14971  124 DC F N4    
486 C C5    . DC B 6  ? 3.43907 3.61930 3.62003 -1.07087 -0.56066 1.16792  124 DC F C5    
487 C C6    . DC B 6  ? 3.36091 3.64232 3.65145 -1.03057 -0.55077 1.17458  124 DC F C6    
488 P P     . DA B 7  ? 2.56212 3.38403 3.46625 -0.87026 -0.62777 1.21765  125 DA F P     
489 O OP1   . DA B 7  ? 2.58082 3.32790 3.45899 -0.81686 -0.67901 1.21031  125 DA F OP1   
490 O OP2   . DA B 7  ? 2.64211 3.55264 3.58728 -0.86409 -0.55231 1.22198  125 DA F OP2   
491 O "O5'" . DA B 7  ? 2.38042 3.32460 3.40050 -0.92439 -0.66594 1.23308  125 DA F "O5'" 
492 C "C5'" . DA B 7  ? 2.35344 3.24105 3.32495 -0.96364 -0.71248 1.22712  125 DA F "C5'" 
493 C "C4'" . DA B 7  ? 2.28673 3.28067 3.32887 -1.02719 -0.69800 1.23969  125 DA F "C4'" 
494 O "O4'" . DA B 7  ? 2.35691 3.24634 3.28169 -1.06008 -0.69172 1.22858  125 DA F "O4'" 
495 C "C3'" . DA B 7  ? 2.27877 3.40231 3.40832 -1.04080 -0.62871 1.25501  125 DA F "C3'" 
496 O "O3'" . DA B 7  ? 2.15274 3.43374 3.42979 -1.06986 -0.64673 1.27217  125 DA F "O3'" 
497 C "C2'" . DA B 7  ? 2.35917 3.43046 3.39916 -1.08622 -0.58233 1.25250  125 DA F "C2'" 
498 C "C1'" . DA B 7  ? 2.35131 3.32396 3.31674 -1.10987 -0.64332 1.24185  125 DA F "C1'" 
499 N N9    . DA B 7  ? 2.46211 3.31004 3.28723 -1.13702 -0.62152 1.23192  125 DA F N9    
500 C C8    . DA B 7  ? 2.58960 3.38038 3.32960 -1.13884 -0.55634 1.23059  125 DA F C8    
501 N N7    . DA B 7  ? 2.71820 3.38728 3.32832 -1.17059 -0.55474 1.22227  125 DA F N7    
502 C C5    . DA B 7  ? 2.60723 3.25703 3.22149 -1.18606 -0.62427 1.21554  125 DA F C5    
503 C C6    . DA B 7  ? 2.65731 3.19445 3.16259 -1.21443 -0.66203 1.20224  125 DA F C6    
504 N N6    . DA B 7  ? 2.81200 3.22024 3.17351 -1.23600 -0.63331 1.19637  125 DA F N6    
505 N N1    . DA B 7  ? 2.56760 3.13005 3.11380 -1.21898 -0.73245 1.19379  125 DA F N1    
506 C C2    . DA B 7  ? 2.43710 3.12717 3.12220 -1.20252 -0.76145 1.20109  125 DA F C2    
507 N N3    . DA B 7  ? 2.38401 3.17689 3.17528 -1.17795 -0.73295 1.21600  125 DA F N3    
508 C C4    . DA B 7  ? 2.47521 3.24057 3.22363 -1.16815 -0.66457 1.22137  125 DA F C4    
509 P P     . DG C 1  ? 3.79341 3.25659 2.25977 -1.38004 0.25392  -0.48682 209 DG G P     
510 O OP1   . DG C 1  ? 3.65155 3.18394 2.20068 -1.35852 0.13709  -0.46571 209 DG G OP1   
511 O OP2   . DG C 1  ? 3.95610 3.24807 2.15431 -1.37225 0.31925  -0.47388 209 DG G OP2   
512 O "O5'" . DG C 1  ? 3.77382 3.32554 2.42235 -1.46809 0.29366  -0.49054 209 DG G "O5'" 
513 C "C5'" . DG C 1  ? 3.91006 3.37524 2.46157 -1.52535 0.39067  -0.48685 209 DG G "C5'" 
514 C "C4'" . DG C 1  ? 3.94847 3.53472 2.73090 -1.59989 0.42905  -0.50135 209 DG G "C4'" 
515 O "O4'" . DG C 1  ? 3.86848 3.53314 2.78206 -1.65348 0.34288  -0.48176 209 DG G "O4'" 
516 C "C3'" . DG C 1  ? 3.85551 3.58255 2.85172 -1.57145 0.43217  -0.53313 209 DG G "C3'" 
517 O "O3'" . DG C 1  ? 4.00775 3.67245 2.92252 -1.54289 0.54404  -0.55647 209 DG G "O3'" 
518 C "C2'" . DG C 1  ? 3.85373 3.72017 3.09825 -1.65153 0.42255  -0.53480 209 DG G "C2'" 
519 C "C1'" . DG C 1  ? 3.81824 3.64698 3.00697 -1.69340 0.33906  -0.50200 209 DG G "C1'" 
520 N N9    . DG C 1  ? 3.61187 3.55024 2.95084 -1.67794 0.21528  -0.49411 209 DG G N9    
521 C C8    . DG C 1  ? 3.50586 3.39479 2.75371 -1.66387 0.12316  -0.46364 209 DG G C8    
522 N N7    . DG C 1  ? 3.37051 3.36920 2.78175 -1.64898 0.02893  -0.46168 209 DG G N7    
523 C C5    . DG C 1  ? 3.33761 3.47141 2.96454 -1.65257 0.05553  -0.49395 209 DG G C5    
524 C C6    . DG C 1  ? 3.20843 3.49108 3.06474 -1.63688 -0.01346 -0.50667 209 DG G C6    
525 O O6    . DG C 1  ? 3.11044 3.42885 3.01978 -1.61782 -0.11336 -0.49134 209 DG G O6    
526 N N1    . DG C 1  ? 3.26472 3.65336 3.29161 -1.64052 0.04937  -0.53896 209 DG G N1    
527 C C2    . DG C 1  ? 3.42877 3.78012 3.40893 -1.65812 0.16946  -0.55521 209 DG G C2    
528 N N2    . DG C 1  ? 3.47110 3.93835 3.63826 -1.65380 0.22308  -0.58300 209 DG G N2    
529 N N3    . DG C 1  ? 3.55687 3.76087 3.31579 -1.67436 0.23683  -0.54344 209 DG G N3    
530 C C4    . DG C 1  ? 3.50009 3.60276 3.09109 -1.67011 0.17169  -0.51351 209 DG G C4    
531 P P     . DG C 2  ? 4.24142 3.87749 3.08361 -1.44300 0.53644  -0.58061 210 DG G P     
532 O OP1   . DG C 2  ? 4.46021 3.96560 3.12534 -1.41926 0.66123  -0.59572 210 DG G OP1   
533 O OP2   . DG C 2  ? 4.08240 3.68455 2.82867 -1.39645 0.42525  -0.56373 210 DG G OP2   
534 O "O5'" . DG C 2  ? 4.15863 3.97306 3.28164 -1.43409 0.50993  -0.60468 210 DG G "O5'" 
535 C "C5'" . DG C 2  ? 4.30852 4.17246 3.54153 -1.44288 0.61418  -0.62828 210 DG G "C5'" 
536 C "C4'" . DG C 2  ? 4.19306 4.24900 3.72322 -1.45228 0.56549  -0.64059 210 DG G "C4'" 
537 O "O4'" . DG C 2  ? 4.05837 4.19432 3.70302 -1.50928 0.47155  -0.61780 210 DG G "O4'" 
538 C "C3'" . DG C 2  ? 4.07452 4.16994 3.64581 -1.37087 0.49386  -0.65955 210 DG G "C3'" 
539 O "O3'" . DG C 2  ? 4.20586 4.31780 3.82543 -1.32851 0.57922  -0.68891 210 DG G "O3'" 
540 C "C2'" . DG C 2  ? 3.83109 4.08379 3.63500 -1.39540 0.38558  -0.65121 210 DG G "C2'" 
541 C "C1'" . DG C 2  ? 3.84883 4.11321 3.67601 -1.48076 0.37309  -0.62435 210 DG G "C1'" 
542 N N9    . DG C 2  ? 3.69899 3.94268 3.47365 -1.48380 0.25846  -0.59802 210 DG G N9    
543 C C8    . DG C 2  ? 3.70394 3.81929 3.26980 -1.49663 0.24312  -0.57147 210 DG G C8    
544 N N7    . DG C 2  ? 3.55942 3.68830 3.13204 -1.49232 0.13714  -0.54845 210 DG G N7    
545 C C5    . DG C 2  ? 3.45356 3.72356 3.24821 -1.47670 0.07734  -0.56165 210 DG G C5    
546 C C6    . DG C 2  ? 3.29737 3.63229 3.19008 -1.46339 -0.03553 -0.54665 210 DG G C6    
547 O O6    . DG C 2  ? 3.21748 3.49867 3.02104 -1.46268 -0.10444 -0.51635 210 DG G O6    
548 N N1    . DG C 2  ? 3.25002 3.71935 3.36081 -1.44506 -0.06080 -0.56873 210 DG G N1    
549 C C2    . DG C 2  ? 3.34107 3.87868 3.56523 -1.43844 0.01542  -0.60017 210 DG G C2    
550 N N2    . DG C 2  ? 3.28713 3.95124 3.71522 -1.41418 -0.02228 -0.61687 210 DG G N2    
551 N N3    . DG C 2  ? 3.48838 3.96771 3.62601 -1.45082 0.12557  -0.61257 210 DG G N3    
552 C C4    . DG C 2  ? 3.53726 3.88096 3.45847 -1.47059 0.14949  -0.59257 210 DG G C4    
553 P P     . DT C 3  ? 5.24955 5.37499 4.88702 -1.23940 0.52786  -0.71529 211 DT G P     
554 O OP1   . DT C 3  ? 5.47502 5.61515 5.16738 -1.20758 0.63663  -0.74133 211 DT G OP1   
555 O OP2   . DT C 3  ? 5.16578 5.15616 4.57512 -1.19079 0.46644  -0.71252 211 DT G OP2   
556 O "O5'" . DT C 3  ? 4.97715 5.26761 4.85709 -1.25411 0.41269  -0.70907 211 DT G "O5'" 
557 C "C5'" . DT C 3  ? 4.98361 5.42699 5.11361 -1.26415 0.43210  -0.72147 211 DT G "C5'" 
558 C "C4'" . DT C 3  ? 4.77600 5.28589 5.00797 -1.21008 0.33270  -0.73276 211 DT G "C4'" 
559 O "O4'" . DT C 3  ? 4.55951 5.11894 4.85051 -1.24299 0.21639  -0.70780 211 DT G "O4'" 
560 C "C3'" . DT C 3  ? 4.72672 5.10655 4.76498 -1.13469 0.31130  -0.74915 211 DT G "C3'" 
561 O "O3'" . DT C 3  ? 4.75087 5.15247 4.85074 -1.07293 0.34038  -0.77936 211 DT G "O3'" 
562 C "C2'" . DT C 3  ? 4.47652 4.85366 4.49608 -1.12996 0.17894  -0.73136 211 DT G "C2'" 
563 C "C1'" . DT C 3  ? 4.36293 4.86758 4.56832 -1.19148 0.12630  -0.70740 211 DT G "C1'" 
564 N N1    . DT C 3  ? 3.01849 3.46921 3.11977 -1.22453 0.05665  -0.67419 211 DT G N1    
565 C C2    . DT C 3  ? 2.89627 3.41315 3.10045 -1.23404 -0.04903 -0.65421 211 DT G C2    
566 O O2    . DT C 3  ? 2.81958 3.43935 3.19927 -1.21849 -0.09286 -0.66309 211 DT G O2    
567 N N3    . DT C 3  ? 2.87951 3.32853 2.96259 -1.25849 -0.09724 -0.62165 211 DT G N3    
568 C C4    . DT C 3  ? 2.96878 3.29651 2.84467 -1.27190 -0.05402 -0.60850 211 DT G C4    
569 O O4    . DT C 3  ? 2.95306 3.22500 2.72895 -1.28814 -0.09887 -0.57754 211 DT G O4    
570 C C5    . DT C 3  ? 3.09499 3.35701 2.86991 -1.26016 0.05228  -0.63231 211 DT G C5    
571 C C7    . DT C 3  ? 3.21282 3.33164 2.74986 -1.26748 0.10690  -0.62078 211 DT G C7    
572 C C6    . DT C 3  ? 3.11482 3.43823 3.00384 -1.23738 0.10289  -0.66312 211 DT G C6    
573 P P     . DC C 4  ? 5.25626 5.49497 5.12869 -0.99711 0.38038  -0.80647 212 DC G P     
574 O OP1   . DC C 4  ? 5.33799 5.61148 5.30030 -0.94230 0.43098  -0.83542 212 DC G OP1   
575 O OP2   . DC C 4  ? 5.48436 5.59467 5.14942 -1.01576 0.46093  -0.79845 212 DC G OP2   
576 O "O5'" . DC C 4  ? 5.03502 5.22160 4.82351 -0.96560 0.24826  -0.80474 212 DC G "O5'" 
577 C "C5'" . DC C 4  ? 4.91279 5.13023 4.78120 -0.91407 0.18133  -0.82497 212 DC G "C5'" 
578 C "C4'" . DC C 4  ? 4.67974 5.05623 4.79055 -0.94395 0.11297  -0.80959 212 DC G "C4'" 
579 O "O4'" . DC C 4  ? 4.56202 4.97468 4.69220 -1.00812 0.06601  -0.77378 212 DC G "O4'" 
580 C "C3'" . DC C 4  ? 4.47209 4.86004 4.63409 -0.90274 0.00803  -0.81818 212 DC G "C3'" 
581 O "O3'" . DC C 4  ? 4.37257 4.90390 4.76300 -0.91477 -0.02487 -0.81192 212 DC G "O3'" 
582 C "C2'" . DC C 4  ? 4.30309 4.64023 4.36551 -0.92807 -0.07544 -0.79116 212 DC G "C2'" 
583 C "C1'" . DC C 4  ? 4.33049 4.73240 4.44944 -0.99817 -0.04849 -0.75995 212 DC G "C1'" 
584 N N1    . DC C 4  ? 3.14381 3.46278 3.10124 -1.02817 -0.06976 -0.73248 212 DC G N1    
585 C C2    . DC C 4  ? 3.03415 3.38491 3.02997 -1.05581 -0.15892 -0.69914 212 DC G C2    
586 O O2    . DC C 4  ? 2.93519 3.37581 3.09124 -1.05552 -0.22091 -0.69355 212 DC G O2    
587 N N3    . DC C 4  ? 3.05097 3.32455 2.89714 -1.07695 -0.17152 -0.67259 212 DC G N3    
588 C C4    . DC C 4  ? 3.16999 3.33934 2.83501 -1.07150 -0.10342 -0.67974 212 DC G C4    
589 N N4    . DC C 4  ? 3.18917 3.28286 2.70665 -1.08712 -0.11831 -0.65232 212 DC G N4    
590 C C5    . DC C 4  ? 3.28687 3.41617 2.90410 -1.04439 -0.01317 -0.71396 212 DC G C5    
591 C C6    . DC C 4  ? 3.26945 3.47541 3.03599 -1.02328 0.00198  -0.73866 212 DC G C6    
592 P P     . DG C 5  ? 4.34611 4.90504 4.83244 -0.85867 -0.09001 -0.83114 213 DG G P     
593 O OP1   . DG C 5  ? 4.31851 5.01476 5.01759 -0.85687 -0.05863 -0.83580 213 DG G OP1   
594 O OP2   . DG C 5  ? 4.50531 4.92953 4.82444 -0.79923 -0.07826 -0.86197 213 DG G OP2   
595 O "O5'" . DG C 5  ? 4.08371 4.65774 4.59910 -0.88069 -0.21123 -0.80314 213 DG G "O5'" 
596 C "C5'" . DG C 5  ? 3.97931 4.49051 4.45107 -0.83985 -0.28729 -0.81326 213 DG G "C5'" 
597 C "C4'" . DG C 5  ? 3.75815 4.32585 4.33278 -0.86050 -0.38472 -0.78342 213 DG G "C4'" 
598 O "O4'" . DG C 5  ? 3.71071 4.30774 4.27817 -0.91840 -0.39268 -0.74700 213 DG G "O4'" 
599 C "C3'" . DG C 5  ? 3.59844 4.08497 4.10128 -0.83726 -0.46676 -0.78245 213 DG G "C3'" 
600 O "O3'" . DG C 5  ? 3.49792 4.02314 4.12414 -0.80833 -0.51817 -0.78862 213 DG G "O3'" 
601 C "C2'" . DG C 5  ? 3.47991 3.95821 3.93873 -0.88185 -0.51541 -0.74011 213 DG G "C2'" 
602 C "C1'" . DG C 5  ? 3.55306 4.08076 4.01823 -0.92776 -0.45597 -0.72327 213 DG G "C1'" 
603 N N9    . DG C 5  ? 3.66183 4.10764 3.95525 -0.94308 -0.40984 -0.72078 213 DG G N9    
604 C C8    . DG C 5  ? 3.87975 4.27362 4.07594 -0.92810 -0.32653 -0.74845 213 DG G C8    
605 N N7    . DG C 5  ? 3.95067 4.26505 3.98628 -0.94299 -0.30101 -0.73834 213 DG G N7    
606 C C5    . DG C 5  ? 3.76185 4.08208 3.79367 -0.96978 -0.37064 -0.70079 213 DG G C5    
607 C C6    . DG C 5  ? 3.74833 4.00203 3.63780 -0.98940 -0.37801 -0.67379 213 DG G C6    
608 O O6    . DG C 5  ? 3.90900 4.08057 3.63923 -0.98689 -0.32585 -0.67966 213 DG G O6    
609 N N1    . DG C 5  ? 3.53848 3.82031 3.47517 -1.00808 -0.45142 -0.63556 213 DG G N1    
610 C C2    . DG C 5  ? 3.38575 3.74243 3.47966 -1.00822 -0.51030 -0.62498 213 DG G C2    
611 N N2    . DG C 5  ? 3.24304 3.60259 3.34597 -1.02375 -0.56952 -0.58390 213 DG G N2    
612 N N3    . DG C 5  ? 3.39587 3.81292 3.62067 -0.98944 -0.50768 -0.65144 213 DG G N3    
613 C C4    . DG C 5  ? 3.58211 3.98057 3.77050 -0.97091 -0.43639 -0.68856 213 DG G C4    
614 O "O5'" . DT D 1  ? 6.35053 5.90095 4.70419 1.42958  -1.63011 -0.58249 104 DT H "O5'" 
615 C "C5'" . DT D 1  ? 6.22333 5.67765 4.47344 1.36185  -1.68627 -0.60619 104 DT H "C5'" 
616 C "C4'" . DT D 1  ? 6.33306 5.57838 4.45615 1.37462  -1.75232 -0.65179 104 DT H "C4'" 
617 O "O4'" . DT D 1  ? 6.19278 5.34733 4.21250 1.31040  -1.80672 -0.67260 104 DT H "O4'" 
618 C "C3'" . DT D 1  ? 6.22152 5.44244 4.43034 1.34710  -1.81721 -0.63525 104 DT H "C3'" 
619 O "O3'" . DT D 1  ? 6.49991 5.68892 4.72449 1.43374  -1.79063 -0.64146 104 DT H "O3'" 
620 C "C2'" . DT D 1  ? 6.17727 5.22007 4.26648 1.30123  -1.90206 -0.66840 104 DT H "C2'" 
621 C "C1'" . DT D 1  ? 6.10206 5.14726 4.11146 1.26264  -1.89620 -0.68005 104 DT H "C1'" 
622 N N1    . DT D 1  ? 5.41764 4.54726 3.51201 1.16133  -1.93944 -0.64816 104 DT H N1    
623 C C2    . DT D 1  ? 5.33665 4.40843 3.46173 1.09765  -2.01888 -0.64023 104 DT H C2    
624 O O2    . DT D 1  ? 5.43856 4.39099 3.52681 1.11223  -2.06379 -0.65564 104 DT H O2    
625 N N3    . DT D 1  ? 5.18776 4.34822 3.39128 1.01606  -2.04108 -0.61085 104 DT H N3    
626 C C4    . DT D 1  ? 5.07518 4.35964 3.31932 0.99276  -1.99880 -0.59162 104 DT H C4    
627 O O4    . DT D 1  ? 4.95700 4.30554 3.26790 0.92466  -2.02073 -0.56718 104 DT H O4    
628 C C5    . DT D 1  ? 5.11501 4.44660 3.31781 1.05571  -1.92399 -0.60048 104 DT H C5    
629 C C7    . DT D 1  ? 5.01087 4.46832 3.24769 1.03216  -1.87741 -0.57819 104 DT H C7    
630 C C6    . DT D 1  ? 5.25439 4.51238 3.38851 1.13563  -1.89575 -0.62703 104 DT H C6    
631 P P     . DG D 2  ? 6.44448 5.76316 4.85256 1.43502  -1.79092 -0.59061 105 DG H P     
632 O OP1   . DG D 2  ? 6.71542 6.12185 5.17748 1.52982  -1.70694 -0.58051 105 DG H OP1   
633 O OP2   . DG D 2  ? 6.08422 5.53022 4.60207 1.33480  -1.81893 -0.54701 105 DG H OP2   
634 O "O5'" . DG D 2  ? 6.50028 5.65579 4.86847 1.44337  -1.86512 -0.60809 105 DG H "O5'" 
635 C "C5'" . DG D 2  ? 6.65603 5.60485 4.85657 1.44411  -1.91464 -0.65866 105 DG H "C5'" 
636 C "C4'" . DG D 2  ? 6.47502 5.34156 4.68989 1.36836  -2.00961 -0.64830 105 DG H "C4'" 
637 O "O4'" . DG D 2  ? 6.17852 5.07394 4.39121 1.27044  -2.04595 -0.63967 105 DG H "O4'" 
638 C "C3'" . DG D 2  ? 6.33796 5.30502 4.70896 1.34586  -2.02689 -0.59819 105 DG H "C3'" 
639 O "O3'" . DG D 2  ? 6.43109 5.25196 4.76614 1.33171  -2.10144 -0.60438 105 DG H "O3'" 
640 C "C2'" . DG D 2  ? 5.93999 5.05129 4.40579 1.24665  -2.03370 -0.55921 105 DG H "C2'" 
641 C "C1'" . DG D 2  ? 5.86424 4.87908 4.21765 1.19640  -2.06926 -0.59039 105 DG H "C1'" 
642 N N9    . DG D 2  ? 5.56977 4.71198 3.96796 1.13732  -2.04493 -0.57177 105 DG H N9    
643 C C8    . DG D 2  ? 5.56167 4.81246 3.96993 1.16512  -1.97520 -0.56977 105 DG H C8    
644 N N7    . DG D 2  ? 5.28025 4.61952 3.72525 1.09860  -1.97264 -0.55130 105 DG H N7    
645 C C5    . DG D 2  ? 5.08850 4.38236 3.55557 1.02531  -2.03972 -0.54019 105 DG H C5    
646 C C6    . DG D 2  ? 4.89919 4.24987 3.41289 0.94168  -2.06192 -0.51874 105 DG H C6    
647 O O6    . DG D 2  ? 4.80530 4.25136 3.34459 0.91545  -2.03063 -0.50691 105 DG H O6    
648 N N1    . DG D 2  ? 4.90331 4.18664 3.43461 0.88763  -2.12545 -0.50924 105 DG H N1    
649 C C2    . DG D 2  ? 5.01215 4.17989 3.51257 0.90729  -2.16825 -0.51890 105 DG H C2    
650 N N2    . DG D 2  ? 5.00320 4.12234 3.52863 0.84209  -2.22656 -0.50249 105 DG H N2    
651 N N3    . DG D 2  ? 5.17808 4.28113 3.62823 0.98688  -2.15274 -0.54110 105 DG H N3    
652 C C4    . DG D 2  ? 5.26330 4.43804 3.70210 1.04470  -2.08520 -0.55108 105 DG H C4    
653 P P     . DA D 3  ? 6.23275 5.10391 4.69425 1.32272  -2.12966 -0.55815 106 DA H P     
654 O OP1   . DA D 3  ? 6.57197 5.25146 4.95107 1.36111  -2.18389 -0.58192 106 DA H OP1   
655 O OP2   . DA D 3  ? 6.16628 5.21415 4.75171 1.36984  -2.06122 -0.52532 106 DA H OP2   
656 O "O5'" . DA D 3  ? 5.84747 4.78110 4.37392 1.19958  -2.17790 -0.52103 106 DA H "O5'" 
657 C "C5'" . DA D 3  ? 5.80360 4.62118 4.24936 1.13236  -2.23852 -0.53844 106 DA H "C5'" 
658 C "C4'" . DA D 3  ? 5.42866 4.34713 3.96155 1.02656  -2.25917 -0.49689 106 DA H "C4'" 
659 O "O4'" . DA D 3  ? 5.17623 4.21657 3.73202 1.00221  -2.21205 -0.49562 106 DA H "O4'" 
660 C "C3'" . DA D 3  ? 5.29516 4.31437 3.94638 1.00312  -2.25804 -0.44582 106 DA H "C3'" 
661 O "O3'" . DA D 3  ? 5.16596 4.13289 3.82892 0.92187  -2.31734 -0.42139 106 DA H "O3'" 
662 C "C2'" . DA D 3  ? 5.03520 4.23686 3.76802 0.97993  -2.19964 -0.42164 106 DA H "C2'" 
663 C "C1'" . DA D 3  ? 4.99296 4.17979 3.66306 0.94814  -2.19406 -0.44926 106 DA H "C1'" 
664 N N9    . DA D 3  ? 4.89495 4.21202 3.59349 0.95700  -2.13182 -0.44736 106 DA H N9    
665 C C8    . DA D 3  ? 4.92373 4.29081 3.61562 1.03231  -2.07478 -0.46053 106 DA H C8    
666 N N7    . DA D 3  ? 4.82287 4.30426 3.54108 1.01581  -2.02898 -0.45211 106 DA H N7    
667 C C5    . DA D 3  ? 4.72752 4.23099 3.46962 0.92854  -2.05772 -0.43502 106 DA H C5    
668 C C6    . DA D 3  ? 4.60981 4.20895 3.38200 0.87599  -2.03479 -0.42037 106 DA H C6    
669 N N6    . DA D 3  ? 4.56615 4.25681 3.34561 0.89867  -1.98099 -0.41932 106 DA H N6    
670 N N1    . DA D 3  ? 4.54687 4.14173 3.34184 0.80020  -2.06731 -0.40495 106 DA H N1    
671 C C2    . DA D 3  ? 4.59573 4.10244 3.38574 0.77358  -2.11900 -0.40153 106 DA H C2    
672 N N3    . DA D 3  ? 4.70604 4.11405 3.46457 0.81137  -2.15034 -0.41277 106 DA H N3    
673 C C4    . DA D 3  ? 4.76882 4.17784 3.50293 0.89195  -2.11735 -0.43103 106 DA H C4    
674 P P     . DT D 4  ? 5.33031 4.36123 4.08553 0.88079  -2.33216 -0.36741 107 DT H P     
675 O OP1   . DT D 4  ? 5.42042 4.32176 4.14094 0.83312  -2.40075 -0.35729 107 DT H OP1   
676 O OP2   . DT D 4  ? 5.44250 4.54158 4.25340 0.95442  -2.29966 -0.35482 107 DT H OP2   
677 O "O5'" . DT D 4  ? 4.95797 4.12946 3.77587 0.80313  -2.30094 -0.33908 107 DT H "O5'" 
678 C "C5'" . DT D 4  ? 4.83827 4.06178 3.71495 0.73946  -2.31216 -0.29227 107 DT H "C5'" 
679 C "C4'" . DT D 4  ? 4.75191 4.01431 3.63761 0.65423  -2.30635 -0.28056 107 DT H "C4'" 
680 O "O4'" . DT D 4  ? 4.68709 4.02072 3.56903 0.66670  -2.26301 -0.30478 107 DT H "O4'" 
681 C "C3'" . DT D 4  ? 4.65686 4.00205 3.59559 0.59240  -2.29241 -0.23485 107 DT H "C3'" 
682 O "O3'" . DT D 4  ? 4.63683 3.96161 3.57191 0.51476  -2.30363 -0.22073 107 DT H "O3'" 
683 C "C2'" . DT D 4  ? 4.55065 4.02478 3.52400 0.60858  -2.23584 -0.23638 107 DT H "C2'" 
684 C "C1'" . DT D 4  ? 4.56036 4.02010 3.49691 0.63224  -2.22118 -0.27814 107 DT H "C1'" 
685 N N1    . DT D 4  ? 4.51984 4.06341 3.46567 0.68714  -2.17321 -0.29444 107 DT H N1    
686 C C2    . DT D 4  ? 4.42241 4.05621 3.38488 0.65930  -2.13405 -0.29235 107 DT H C2    
687 O O2    . DT D 4  ? 4.36677 4.01673 3.33939 0.59697  -2.13356 -0.27972 107 DT H O2    
688 N N3    . DT D 4  ? 4.40025 4.10401 3.36799 0.70943  -2.09242 -0.30395 107 DT H N3    
689 C C4    . DT D 4  ? 4.46351 4.16418 3.42799 0.78595  -2.07947 -0.31638 107 DT H C4    
690 O O4    . DT D 4  ? 4.44183 4.21533 3.41572 0.82535  -2.03528 -0.32223 107 DT H O4    
691 C C5    . DT D 4  ? 4.56532 4.16976 3.51536 0.81804  -2.11885 -0.31997 107 DT H C5    
692 C C7    . DT D 4  ? 4.79818 4.38942 3.74774 0.90927  -2.10283 -0.33332 107 DT H C7    
693 C C6    . DT D 4  ? 4.58903 4.11650 3.52742 0.76612  -2.16654 -0.30919 107 DT H C6    
694 P P     . DG D 5  ? 4.62515 3.98657 3.58515 0.44221  -2.29671 -0.17333 108 DG H P     
695 O OP1   . DG D 5  ? 4.59805 3.91862 3.55286 0.37523  -2.30889 -0.16304 108 DG H OP1   
696 O OP2   . DG D 5  ? 4.79794 4.12862 3.75878 0.46095  -2.32482 -0.14871 108 DG H OP2   
697 O "O5'" . DG D 5  ? 4.41927 3.90699 3.40905 0.43546  -2.23885 -0.16850 108 DG H "O5'" 
698 C "C5'" . DG D 5  ? 4.36318 3.89264 3.35981 0.36919  -2.21259 -0.14028 108 DG H "C5'" 
699 C "C4'" . DG D 5  ? 4.27684 3.88357 3.28855 0.36193  -2.16542 -0.15634 108 DG H "C4'" 
700 O "O4'" . DG D 5  ? 4.25814 3.90212 3.27464 0.42574  -2.15429 -0.18698 108 DG H "O4'" 
701 C "C3'" . DG D 5  ? 4.21135 3.88624 3.22516 0.32463  -2.12466 -0.13262 108 DG H "C3'" 
702 O "O3'" . DG D 5  ? 4.15775 3.86959 3.18161 0.29845  -2.08762 -0.14099 108 DG H "O3'" 
703 C "C2'" . DG D 5  ? 4.17817 3.91582 3.20503 0.37305  -2.11433 -0.13834 108 DG H "C2'" 
704 C "C1'" . DG D 5  ? 4.18466 3.91936 3.21699 0.42834  -2.11566 -0.17742 108 DG H "C1'" 
705 N N9    . DG D 5  ? 4.19605 3.96117 3.24149 0.49320  -2.11552 -0.18699 108 DG H N9    
706 C C8    . DG D 5  ? 4.31590 4.03334 3.36368 0.53865  -2.14736 -0.18801 108 DG H C8    
707 N N7    . DG D 5  ? 4.42315 4.19249 3.49426 0.59838  -2.13036 -0.19505 108 DG H N7    
708 C C5    . DG D 5  ? 4.27467 4.12978 3.35519 0.58645  -2.08768 -0.19795 108 DG H C5    
709 C C6    . DG D 5  ? 4.31655 4.25848 3.42338 0.62821  -2.05189 -0.20102 108 DG H C6    
710 O O6    . DG D 5  ? 4.50373 4.47266 3.63881 0.68927  -2.04540 -0.20138 108 DG H O6    
711 N N1    . DG D 5  ? 4.14320 4.14431 3.24458 0.59387  -2.01878 -0.20115 108 DG H N1    
712 C C2    . DG D 5  ? 4.04247 4.02268 3.12067 0.53378  -2.01709 -0.19979 108 DG H C2    
713 N N2    . DG D 5  ? 3.98130 4.01836 3.05614 0.51337  -1.98356 -0.20060 108 DG H N2    
714 N N3    . DG D 5  ? 4.07283 3.98121 3.13469 0.49771  -2.04402 -0.19600 108 DG H N3    
715 C C4    . DG D 5  ? 4.14338 3.99195 3.20563 0.52377  -2.07999 -0.19456 108 DG H C4    
716 P P     . DT D 6  ? 4.13117 3.86517 3.14138 0.23946  -2.04665 -0.11443 109 DT H P     
717 O OP1   . DT D 6  ? 4.11085 3.85359 3.14786 0.21588  -2.02343 -0.12046 109 DT H OP1   
718 O OP2   . DT D 6  ? 4.19132 3.87446 3.16770 0.20675  -2.06646 -0.08242 109 DT H OP2   
719 O "O5'" . DT D 6  ? 4.07069 3.87530 3.07374 0.25527  -2.01429 -0.11831 109 DT H "O5'" 
720 C "C5'" . DT D 6  ? 4.02943 3.88181 3.05384 0.30467  -2.00967 -0.14542 109 DT H "C5'" 
721 C "C4'" . DT D 6  ? 3.99550 3.90536 3.01302 0.31357  -1.99337 -0.13541 109 DT H "C4'" 
722 O "O4'" . DT D 6  ? 4.00554 3.93710 3.04513 0.36654  -2.01481 -0.14210 109 DT H "O4'" 
723 C "C3'" . DT D 6  ? 4.02047 3.91430 3.00412 0.26816  -1.99500 -0.10080 109 DT H "C3'" 
724 O "O3'" . DT D 6  ? 3.98640 3.91684 2.94671 0.24593  -1.96090 -0.09549 109 DT H "O3'" 
725 C "C2'" . DT D 6  ? 4.04569 3.94950 3.04822 0.29743  -2.03238 -0.08612 109 DT H "C2'" 
726 C "C1'" . DT D 6  ? 4.00599 3.96781 3.04716 0.35564  -2.02137 -0.11247 109 DT H "C1'" 
727 N N1    . DT D 6  ? 4.03398 4.01018 3.11172 0.40828  -2.04846 -0.10932 109 DT H N1    
728 C C2    . DT D 6  ? 4.00176 4.05702 3.11486 0.44672  -2.03168 -0.10970 109 DT H C2    
729 O O2    . DT D 6  ? 3.95238 4.06065 3.06211 0.43586  -2.00037 -0.11278 109 DT H O2    
730 N N3    . DT D 6  ? 4.03639 4.10605 3.19138 0.50020  -2.05091 -0.10436 109 DT H N3    
731 C C4    . DT D 6  ? 4.10286 4.10713 3.26195 0.51979  -2.08935 -0.10036 109 DT H C4    
732 O O4    . DT D 6  ? 4.15696 4.17773 3.35846 0.57561  -2.10178 -0.09568 109 DT H O4    
733 C C5    . DT D 6  ? 4.13573 4.05087 3.24842 0.47145  -2.11138 -0.09962 109 DT H C5    
734 C C7    . DT D 6  ? 4.21731 4.04763 3.32401 0.48271  -2.15740 -0.09253 109 DT H C7    
735 C C6    . DT D 6  ? 4.09833 4.00905 3.17624 0.41810  -2.08752 -0.10295 109 DT H C6    
# 
